data_2J48
#
_entry.id   2J48
#
_cell.length_a   1.000
_cell.length_b   1.000
_cell.length_c   1.000
_cell.angle_alpha   90.00
_cell.angle_beta   90.00
_cell.angle_gamma   90.00
#
_symmetry.space_group_name_H-M   'P 1'
#
_entity_poly.entity_id   1
_entity_poly.type   'polypeptide(L)'
_entity_poly.pdbx_seq_one_letter_code
;AGHILLLEEEDEAATVVCEMLTAAGFKVIWLVDGSTALDQLDLLQPIVILMAWPPPDQSCLLLLQHLREHQADPHPPLVL
FLGEPPVDPLLTAQASAILSKPLDPQLLLTTLQGLCPPN
;
_entity_poly.pdbx_strand_id   A
#
# COMPACT_ATOMS: atom_id res chain seq x y z
N ALA A 1 14.99 -0.29 -8.11
CA ALA A 1 13.72 0.37 -8.55
C ALA A 1 12.54 -0.39 -7.98
N GLY A 2 11.40 0.28 -7.87
CA GLY A 2 10.20 -0.34 -7.33
C GLY A 2 9.03 0.64 -7.30
N HIS A 3 7.86 0.18 -7.73
CA HIS A 3 6.68 1.03 -7.75
C HIS A 3 5.84 0.81 -6.50
N ILE A 4 5.38 1.90 -5.89
CA ILE A 4 4.56 1.80 -4.70
C ILE A 4 3.19 2.43 -4.95
N LEU A 5 2.14 1.73 -4.53
CA LEU A 5 0.79 2.23 -4.73
C LEU A 5 0.19 2.69 -3.39
N LEU A 6 -0.38 3.90 -3.39
CA LEU A 6 -0.95 4.45 -2.16
C LEU A 6 -2.35 5.02 -2.38
N LEU A 7 -3.30 4.57 -1.56
CA LEU A 7 -4.67 5.07 -1.64
C LEU A 7 -4.96 5.94 -0.42
N GLU A 8 -5.27 7.21 -0.64
CA GLU A 8 -5.54 8.11 0.47
C GLU A 8 -6.36 9.32 0.00
N GLU A 9 -7.06 9.94 0.94
CA GLU A 9 -7.87 11.11 0.63
C GLU A 9 -7.33 12.34 1.35
N GLU A 10 -7.30 13.47 0.63
CA GLU A 10 -6.80 14.72 1.18
C GLU A 10 -5.41 15.01 0.64
N ASP A 11 -5.28 16.06 -0.15
CA ASP A 11 -4.00 16.44 -0.74
C ASP A 11 -2.95 16.68 0.33
N GLU A 12 -3.37 17.25 1.46
CA GLU A 12 -2.44 17.54 2.54
C GLU A 12 -1.86 16.27 3.16
N ALA A 13 -2.73 15.28 3.41
CA ALA A 13 -2.28 14.03 4.00
C ALA A 13 -1.45 13.23 3.02
N ALA A 14 -1.90 13.18 1.77
CA ALA A 14 -1.18 12.44 0.73
C ALA A 14 0.18 13.06 0.48
N THR A 15 0.23 14.39 0.53
CA THR A 15 1.48 15.10 0.29
C THR A 15 2.53 14.72 1.35
N VAL A 16 2.10 14.68 2.61
CA VAL A 16 2.99 14.33 3.70
C VAL A 16 3.63 12.96 3.47
N VAL A 17 2.77 11.96 3.25
CA VAL A 17 3.24 10.59 3.03
C VAL A 17 4.16 10.53 1.82
N CYS A 18 3.74 11.15 0.72
CA CYS A 18 4.53 11.14 -0.50
C CYS A 18 5.89 11.79 -0.29
N GLU A 19 5.91 12.83 0.54
CA GLU A 19 7.17 13.54 0.81
C GLU A 19 8.18 12.61 1.47
N MET A 20 7.71 11.78 2.38
CA MET A 20 8.61 10.85 3.08
C MET A 20 9.14 9.79 2.12
N LEU A 21 8.24 9.14 1.39
CA LEU A 21 8.65 8.11 0.45
C LEU A 21 9.41 8.71 -0.72
N THR A 22 8.93 9.85 -1.22
CA THR A 22 9.59 10.52 -2.32
C THR A 22 11.04 10.79 -1.96
N ALA A 23 11.24 11.25 -0.72
CA ALA A 23 12.59 11.53 -0.24
C ALA A 23 13.41 10.26 -0.19
N ALA A 24 12.74 9.13 0.04
CA ALA A 24 13.41 7.85 0.11
C ALA A 24 13.86 7.39 -1.27
N GLY A 25 13.46 8.13 -2.30
CA GLY A 25 13.83 7.79 -3.67
C GLY A 25 12.81 6.86 -4.33
N PHE A 26 11.75 6.54 -3.60
CA PHE A 26 10.71 5.65 -4.14
C PHE A 26 9.55 6.44 -4.71
N LYS A 27 8.96 5.93 -5.78
CA LYS A 27 7.82 6.60 -6.42
C LYS A 27 6.51 6.07 -5.87
N VAL A 28 5.64 6.99 -5.45
CA VAL A 28 4.34 6.62 -4.90
C VAL A 28 3.23 7.32 -5.67
N ILE A 29 2.15 6.58 -5.95
CA ILE A 29 1.03 7.15 -6.67
C ILE A 29 -0.15 7.41 -5.73
N TRP A 30 -0.70 8.61 -5.79
CA TRP A 30 -1.83 8.98 -4.94
C TRP A 30 -3.16 8.80 -5.67
N LEU A 31 -3.94 7.82 -5.23
CA LEU A 31 -5.24 7.56 -5.84
C LEU A 31 -6.37 7.80 -4.85
N VAL A 32 -7.47 8.36 -5.33
CA VAL A 32 -8.61 8.65 -4.47
C VAL A 32 -9.70 7.58 -4.65
N ASP A 33 -9.43 6.59 -5.48
CA ASP A 33 -10.41 5.52 -5.72
C ASP A 33 -9.70 4.20 -6.02
N GLY A 34 -10.21 3.13 -5.42
CA GLY A 34 -9.63 1.81 -5.62
C GLY A 34 -9.71 1.39 -7.09
N SER A 35 -10.82 1.73 -7.74
CA SER A 35 -10.99 1.38 -9.14
C SER A 35 -9.88 1.99 -9.99
N THR A 36 -9.45 3.19 -9.60
CA THR A 36 -8.39 3.88 -10.32
C THR A 36 -7.10 3.08 -10.20
N ALA A 37 -6.86 2.54 -9.01
CA ALA A 37 -5.67 1.75 -8.75
C ALA A 37 -5.65 0.49 -9.60
N LEU A 38 -6.80 -0.19 -9.70
CA LEU A 38 -6.88 -1.41 -10.49
C LEU A 38 -6.53 -1.14 -11.95
N ASP A 39 -6.98 0.01 -12.45
CA ASP A 39 -6.71 0.37 -13.84
C ASP A 39 -5.22 0.52 -14.08
N GLN A 40 -4.52 1.14 -13.14
CA GLN A 40 -3.08 1.34 -13.28
C GLN A 40 -2.31 0.16 -12.69
N LEU A 41 -2.72 -0.27 -11.50
CA LEU A 41 -2.04 -1.38 -10.83
C LEU A 41 -1.76 -2.51 -11.79
N ASP A 42 -2.73 -2.86 -12.60
CA ASP A 42 -2.57 -3.94 -13.56
C ASP A 42 -1.45 -3.62 -14.54
N LEU A 43 -1.33 -2.34 -14.90
CA LEU A 43 -0.30 -1.92 -15.84
C LEU A 43 1.07 -1.80 -15.17
N LEU A 44 1.13 -1.14 -14.01
CA LEU A 44 2.41 -0.97 -13.32
C LEU A 44 2.76 -2.20 -12.49
N GLN A 45 1.74 -2.90 -12.01
CA GLN A 45 1.99 -4.09 -11.20
C GLN A 45 3.06 -3.80 -10.15
N PRO A 46 2.68 -3.18 -9.06
CA PRO A 46 3.61 -2.81 -7.97
C PRO A 46 3.88 -3.98 -7.03
N ILE A 47 5.01 -3.93 -6.33
CA ILE A 47 5.37 -4.98 -5.40
C ILE A 47 4.91 -4.64 -3.98
N VAL A 48 4.47 -3.39 -3.79
CA VAL A 48 3.98 -2.96 -2.48
C VAL A 48 2.75 -2.07 -2.63
N ILE A 49 1.72 -2.34 -1.83
CA ILE A 49 0.50 -1.54 -1.88
C ILE A 49 0.10 -1.04 -0.50
N LEU A 50 0.05 0.28 -0.34
CA LEU A 50 -0.34 0.87 0.93
C LEU A 50 -1.75 1.47 0.82
N MET A 51 -2.57 1.26 1.85
CA MET A 51 -3.92 1.79 1.82
C MET A 51 -4.31 2.36 3.19
N ALA A 52 -4.89 3.56 3.17
CA ALA A 52 -5.31 4.21 4.40
C ALA A 52 -6.47 3.45 5.04
N TRP A 53 -6.50 3.42 6.36
CA TRP A 53 -7.57 2.71 7.06
C TRP A 53 -8.49 3.67 7.84
N PRO A 54 -8.10 4.91 8.05
CA PRO A 54 -8.95 5.88 8.80
C PRO A 54 -10.40 5.88 8.32
N PRO A 55 -11.29 6.41 9.11
CA PRO A 55 -12.74 6.46 8.76
C PRO A 55 -13.04 7.01 7.37
N PRO A 56 -12.50 8.14 6.99
CA PRO A 56 -12.77 8.74 5.65
C PRO A 56 -12.42 7.76 4.54
N ASP A 57 -11.84 6.63 4.93
CA ASP A 57 -11.45 5.59 3.97
C ASP A 57 -12.64 4.69 3.65
N GLN A 58 -12.59 4.07 2.47
CA GLN A 58 -13.66 3.17 2.04
C GLN A 58 -13.34 2.58 0.68
N SER A 59 -12.64 3.36 -0.15
CA SER A 59 -12.28 2.90 -1.49
C SER A 59 -11.29 1.73 -1.41
N CYS A 60 -10.52 1.68 -0.33
CA CYS A 60 -9.55 0.62 -0.15
C CYS A 60 -10.24 -0.73 -0.08
N LEU A 61 -11.52 -0.71 0.27
CA LEU A 61 -12.30 -1.94 0.39
C LEU A 61 -12.43 -2.63 -0.97
N LEU A 62 -12.53 -1.84 -2.03
CA LEU A 62 -12.65 -2.39 -3.37
C LEU A 62 -11.36 -3.10 -3.76
N LEU A 63 -10.23 -2.51 -3.39
CA LEU A 63 -8.94 -3.10 -3.69
C LEU A 63 -8.82 -4.46 -3.01
N LEU A 64 -9.29 -4.53 -1.77
CA LEU A 64 -9.23 -5.78 -1.00
C LEU A 64 -10.01 -6.87 -1.72
N GLN A 65 -11.15 -6.50 -2.30
CA GLN A 65 -11.97 -7.45 -3.03
C GLN A 65 -11.18 -8.05 -4.18
N HIS A 66 -10.44 -7.18 -4.88
CA HIS A 66 -9.64 -7.64 -6.01
C HIS A 66 -8.65 -8.70 -5.55
N LEU A 67 -7.93 -8.40 -4.47
CA LEU A 67 -6.95 -9.33 -3.93
C LEU A 67 -7.60 -10.68 -3.62
N ARG A 68 -8.83 -10.64 -3.12
CA ARG A 68 -9.55 -11.86 -2.79
C ARG A 68 -9.83 -12.67 -4.05
N GLU A 69 -10.16 -11.97 -5.14
CA GLU A 69 -10.46 -12.66 -6.40
C GLU A 69 -9.20 -13.31 -6.97
N HIS A 70 -8.06 -12.64 -6.82
CA HIS A 70 -6.80 -13.17 -7.33
C HIS A 70 -5.74 -13.17 -6.23
N GLN A 71 -6.16 -13.54 -5.02
CA GLN A 71 -5.24 -13.57 -3.88
C GLN A 71 -4.06 -14.48 -4.18
N ALA A 72 -4.32 -15.58 -4.89
CA ALA A 72 -3.26 -16.51 -5.25
C ALA A 72 -2.60 -16.08 -6.55
N ASP A 73 -1.33 -15.68 -6.47
CA ASP A 73 -0.61 -15.25 -7.65
C ASP A 73 0.88 -15.12 -7.36
N PRO A 74 1.72 -15.72 -8.17
CA PRO A 74 3.20 -15.64 -7.97
C PRO A 74 3.65 -14.22 -7.65
N HIS A 75 4.79 -14.11 -6.98
CA HIS A 75 5.31 -12.80 -6.60
C HIS A 75 4.27 -12.05 -5.76
N PRO A 76 3.90 -12.60 -4.64
CA PRO A 76 2.89 -12.00 -3.72
C PRO A 76 3.28 -10.60 -3.27
N PRO A 77 2.53 -9.59 -3.67
CA PRO A 77 2.82 -8.18 -3.29
C PRO A 77 2.98 -8.01 -1.78
N LEU A 78 2.61 -6.83 -1.28
CA LEU A 78 2.71 -6.52 0.14
C LEU A 78 1.69 -5.44 0.49
N VAL A 79 0.81 -5.74 1.46
CA VAL A 79 -0.21 -4.78 1.84
C VAL A 79 0.09 -4.16 3.21
N LEU A 80 0.09 -2.83 3.26
CA LEU A 80 0.34 -2.12 4.50
C LEU A 80 -0.84 -1.21 4.84
N PHE A 81 -1.19 -1.17 6.12
CA PHE A 81 -2.29 -0.32 6.56
C PHE A 81 -1.75 0.89 7.31
N LEU A 82 -2.20 2.07 6.91
CA LEU A 82 -1.75 3.31 7.54
C LEU A 82 -2.71 3.72 8.65
N GLY A 83 -2.18 4.34 9.70
CA GLY A 83 -3.00 4.78 10.81
C GLY A 83 -3.20 3.67 11.84
N GLU A 84 -4.46 3.38 12.16
CA GLU A 84 -4.77 2.34 13.13
C GLU A 84 -4.93 0.99 12.45
N PRO A 85 -4.80 -0.09 13.19
CA PRO A 85 -4.93 -1.47 12.64
C PRO A 85 -6.38 -1.89 12.45
N PRO A 86 -6.65 -2.72 11.49
CA PRO A 86 -8.02 -3.21 11.19
C PRO A 86 -8.58 -4.06 12.33
N VAL A 87 -9.89 -3.97 12.55
CA VAL A 87 -10.54 -4.73 13.61
C VAL A 87 -10.78 -6.17 13.16
N ASP A 88 -11.16 -6.34 11.90
CA ASP A 88 -11.42 -7.67 11.36
C ASP A 88 -10.11 -8.45 11.20
N PRO A 89 -10.12 -9.72 11.52
CA PRO A 89 -8.91 -10.59 11.40
C PRO A 89 -8.58 -10.96 9.96
N LEU A 90 -9.54 -10.78 9.06
CA LEU A 90 -9.33 -11.12 7.66
C LEU A 90 -8.37 -10.15 7.00
N LEU A 91 -8.49 -8.87 7.35
CA LEU A 91 -7.61 -7.86 6.79
C LEU A 91 -6.24 -7.93 7.46
N THR A 92 -6.25 -8.27 8.75
CA THR A 92 -5.02 -8.39 9.50
C THR A 92 -4.20 -9.55 8.95
N ALA A 93 -4.88 -10.65 8.63
CA ALA A 93 -4.21 -11.83 8.11
C ALA A 93 -3.59 -11.52 6.75
N GLN A 94 -4.32 -10.78 5.93
CA GLN A 94 -3.83 -10.42 4.60
C GLN A 94 -2.90 -9.21 4.68
N ALA A 95 -2.84 -8.59 5.85
CA ALA A 95 -1.99 -7.43 6.04
C ALA A 95 -0.53 -7.83 6.10
N SER A 96 0.32 -7.13 5.33
CA SER A 96 1.74 -7.43 5.32
C SER A 96 2.46 -6.69 6.44
N ALA A 97 1.94 -5.54 6.82
CA ALA A 97 2.55 -4.75 7.89
C ALA A 97 1.68 -3.55 8.27
N ILE A 98 1.47 -3.38 9.57
CA ILE A 98 0.67 -2.27 10.07
C ILE A 98 1.57 -1.08 10.40
N LEU A 99 1.24 0.10 9.87
CA LEU A 99 2.03 1.28 10.12
C LEU A 99 1.32 2.25 11.06
N SER A 100 2.08 2.99 11.85
CA SER A 100 1.51 3.94 12.79
C SER A 100 2.60 4.85 13.34
N LYS A 101 3.51 4.28 14.12
CA LYS A 101 4.60 5.06 14.71
C LYS A 101 5.92 4.31 14.55
N PRO A 102 6.30 4.03 13.33
CA PRO A 102 7.57 3.31 13.02
C PRO A 102 8.79 4.22 13.08
N LEU A 103 9.89 3.70 13.61
CA LEU A 103 11.12 4.47 13.72
C LEU A 103 11.69 4.78 12.34
N ASP A 104 11.61 6.04 11.94
CA ASP A 104 12.13 6.46 10.65
C ASP A 104 11.54 5.63 9.50
N PRO A 105 11.38 6.24 8.36
CA PRO A 105 10.82 5.56 7.14
C PRO A 105 11.71 4.42 6.68
N GLN A 106 12.82 4.21 7.39
CA GLN A 106 13.75 3.16 7.03
C GLN A 106 13.14 1.78 7.25
N LEU A 107 12.24 1.69 8.22
CA LEU A 107 11.58 0.41 8.48
C LEU A 107 10.75 0.02 7.26
N LEU A 108 10.06 1.00 6.70
CA LEU A 108 9.25 0.76 5.52
C LEU A 108 10.12 0.23 4.39
N LEU A 109 11.29 0.84 4.21
CA LEU A 109 12.21 0.41 3.17
C LEU A 109 12.63 -1.04 3.39
N THR A 110 12.81 -1.40 4.66
CA THR A 110 13.21 -2.75 5.01
C THR A 110 12.19 -3.76 4.49
N THR A 111 10.91 -3.43 4.64
CA THR A 111 9.85 -4.31 4.17
C THR A 111 9.93 -4.51 2.67
N LEU A 112 10.18 -3.41 1.94
CA LEU A 112 10.27 -3.49 0.49
C LEU A 112 11.47 -4.34 0.07
N GLN A 113 12.61 -4.12 0.73
CA GLN A 113 13.82 -4.88 0.44
C GLN A 113 13.64 -6.35 0.80
N GLY A 114 12.86 -6.60 1.84
CA GLY A 114 12.63 -7.97 2.30
C GLY A 114 12.14 -8.89 1.18
N LEU A 115 11.89 -8.32 0.01
CA LEU A 115 11.43 -9.12 -1.12
C LEU A 115 12.58 -9.89 -1.75
N CYS A 116 13.74 -9.25 -1.85
CA CYS A 116 14.91 -9.89 -2.43
C CYS A 116 14.58 -10.44 -3.81
N PRO A 117 14.24 -9.59 -4.73
CA PRO A 117 13.90 -10.00 -6.12
C PRO A 117 15.15 -10.22 -6.97
N PRO A 118 15.38 -11.42 -7.43
CA PRO A 118 16.56 -11.76 -8.27
C PRO A 118 16.26 -11.59 -9.76
N ASN A 119 17.15 -10.91 -10.47
CA ASN A 119 16.98 -10.70 -11.91
C ASN A 119 18.32 -10.45 -12.58
N ALA A 1 13.27 0.02 -7.99
CA ALA A 1 13.34 -1.43 -7.67
C ALA A 1 11.93 -2.01 -7.60
N GLY A 2 10.94 -1.23 -8.03
CA GLY A 2 9.56 -1.69 -8.01
C GLY A 2 8.58 -0.52 -7.92
N HIS A 3 7.35 -0.75 -8.36
CA HIS A 3 6.34 0.30 -8.33
C HIS A 3 5.51 0.21 -7.05
N ILE A 4 5.27 1.35 -6.42
CA ILE A 4 4.49 1.40 -5.19
C ILE A 4 3.20 2.18 -5.40
N LEU A 5 2.10 1.66 -4.89
CA LEU A 5 0.81 2.34 -5.03
C LEU A 5 0.33 2.87 -3.69
N LEU A 6 -0.06 4.15 -3.67
CA LEU A 6 -0.56 4.77 -2.45
C LEU A 6 -2.01 5.19 -2.61
N LEU A 7 -2.86 4.72 -1.70
CA LEU A 7 -4.28 5.07 -1.74
C LEU A 7 -4.66 5.83 -0.48
N GLU A 8 -4.99 7.10 -0.61
CA GLU A 8 -5.36 7.92 0.53
C GLU A 8 -6.16 9.14 0.09
N GLU A 9 -6.80 9.79 1.05
CA GLU A 9 -7.59 10.99 0.77
C GLU A 9 -6.84 12.21 1.30
N GLU A 10 -7.28 13.40 0.92
CA GLU A 10 -6.63 14.63 1.36
C GLU A 10 -5.24 14.74 0.74
N ASP A 11 -5.08 15.70 -0.16
CA ASP A 11 -3.80 15.91 -0.83
C ASP A 11 -2.69 16.17 0.18
N GLU A 12 -3.01 16.87 1.26
CA GLU A 12 -2.01 17.19 2.27
C GLU A 12 -1.45 15.94 2.92
N ALA A 13 -2.32 14.98 3.22
CA ALA A 13 -1.87 13.74 3.84
C ALA A 13 -1.12 12.88 2.83
N ALA A 14 -1.68 12.75 1.64
CA ALA A 14 -1.06 11.95 0.59
C ALA A 14 0.26 12.58 0.17
N THR A 15 0.31 13.92 0.14
CA THR A 15 1.52 14.62 -0.26
C THR A 15 2.65 14.32 0.72
N VAL A 16 2.36 14.42 2.01
CA VAL A 16 3.38 14.15 3.02
C VAL A 16 4.01 12.78 2.81
N VAL A 17 3.17 11.76 2.66
CA VAL A 17 3.64 10.41 2.45
C VAL A 17 4.51 10.33 1.20
N CYS A 18 4.05 10.97 0.13
CA CYS A 18 4.77 10.97 -1.14
C CYS A 18 6.10 11.72 -1.05
N GLU A 19 6.12 12.82 -0.30
CA GLU A 19 7.34 13.61 -0.17
C GLU A 19 8.45 12.80 0.49
N MET A 20 8.10 11.99 1.49
CA MET A 20 9.13 11.19 2.16
C MET A 20 9.69 10.16 1.18
N LEU A 21 8.78 9.44 0.53
CA LEU A 21 9.20 8.43 -0.44
C LEU A 21 9.78 9.07 -1.69
N THR A 22 9.13 10.13 -2.17
CA THR A 22 9.61 10.84 -3.35
C THR A 22 11.04 11.29 -3.14
N ALA A 23 11.32 11.79 -1.95
CA ALA A 23 12.65 12.27 -1.62
C ALA A 23 13.64 11.10 -1.62
N ALA A 24 13.16 9.93 -1.21
CA ALA A 24 14.02 8.75 -1.16
C ALA A 24 14.27 8.16 -2.56
N GLY A 25 13.60 8.73 -3.56
CA GLY A 25 13.77 8.25 -4.94
C GLY A 25 12.84 7.08 -5.23
N PHE A 26 11.85 6.88 -4.36
CA PHE A 26 10.89 5.80 -4.54
C PHE A 26 9.68 6.28 -5.34
N LYS A 27 9.13 5.40 -6.19
CA LYS A 27 7.97 5.77 -7.00
C LYS A 27 6.69 5.40 -6.27
N VAL A 28 5.92 6.43 -5.92
CA VAL A 28 4.64 6.21 -5.24
C VAL A 28 3.53 6.96 -5.95
N ILE A 29 2.40 6.30 -6.17
CA ILE A 29 1.29 6.95 -6.85
C ILE A 29 0.13 7.12 -5.88
N TRP A 30 -0.34 8.37 -5.75
CA TRP A 30 -1.45 8.67 -4.85
C TRP A 30 -2.77 8.66 -5.61
N LEU A 31 -3.67 7.78 -5.18
CA LEU A 31 -4.98 7.68 -5.82
C LEU A 31 -6.10 7.96 -4.82
N VAL A 32 -7.19 8.52 -5.34
CA VAL A 32 -8.34 8.84 -4.50
C VAL A 32 -9.54 7.97 -4.86
N ASP A 33 -9.29 6.95 -5.68
CA ASP A 33 -10.35 6.04 -6.09
C ASP A 33 -9.77 4.66 -6.37
N GLY A 34 -10.27 3.66 -5.64
CA GLY A 34 -9.80 2.28 -5.81
C GLY A 34 -10.04 1.78 -7.23
N SER A 35 -11.21 2.07 -7.78
CA SER A 35 -11.55 1.63 -9.12
C SER A 35 -10.53 2.18 -10.13
N THR A 36 -10.10 3.41 -9.89
CA THR A 36 -9.12 4.05 -10.76
C THR A 36 -7.79 3.31 -10.68
N ALA A 37 -7.44 2.90 -9.46
CA ALA A 37 -6.19 2.19 -9.24
C ALA A 37 -6.20 0.83 -9.94
N LEU A 38 -7.32 0.13 -9.89
CA LEU A 38 -7.43 -1.17 -10.53
C LEU A 38 -7.17 -1.09 -12.02
N ASP A 39 -7.78 -0.12 -12.68
CA ASP A 39 -7.62 0.06 -14.12
C ASP A 39 -6.16 0.33 -14.47
N GLN A 40 -5.49 1.14 -13.65
CA GLN A 40 -4.10 1.48 -13.91
C GLN A 40 -3.16 0.48 -13.25
N LEU A 41 -3.33 0.29 -11.95
CA LEU A 41 -2.49 -0.62 -11.19
C LEU A 41 -2.33 -1.98 -11.87
N ASP A 42 -3.39 -2.44 -12.52
CA ASP A 42 -3.32 -3.75 -13.16
C ASP A 42 -2.13 -3.83 -14.09
N LEU A 43 -1.88 -2.75 -14.81
CA LEU A 43 -0.74 -2.69 -15.73
C LEU A 43 0.55 -2.42 -14.97
N LEU A 44 0.43 -1.78 -13.80
CA LEU A 44 1.61 -1.45 -13.01
C LEU A 44 2.24 -2.68 -12.37
N GLN A 45 1.40 -3.64 -11.97
CA GLN A 45 1.91 -4.84 -11.33
C GLN A 45 2.93 -4.46 -10.25
N PRO A 46 2.47 -3.76 -9.24
CA PRO A 46 3.35 -3.29 -8.12
C PRO A 46 3.77 -4.42 -7.18
N ILE A 47 4.84 -4.18 -6.44
CA ILE A 47 5.36 -5.16 -5.49
C ILE A 47 4.79 -4.89 -4.10
N VAL A 48 4.37 -3.64 -3.86
CA VAL A 48 3.80 -3.26 -2.58
C VAL A 48 2.70 -2.21 -2.75
N ILE A 49 1.64 -2.35 -1.96
CA ILE A 49 0.54 -1.41 -2.01
C ILE A 49 0.28 -0.81 -0.64
N LEU A 50 0.41 0.51 -0.54
CA LEU A 50 0.19 1.20 0.73
C LEU A 50 -1.13 1.94 0.71
N MET A 51 -1.94 1.76 1.75
CA MET A 51 -3.23 2.44 1.80
C MET A 51 -3.62 2.83 3.22
N ALA A 52 -4.16 4.04 3.36
CA ALA A 52 -4.59 4.54 4.65
C ALA A 52 -5.83 3.77 5.14
N TRP A 53 -5.96 3.64 6.45
CA TRP A 53 -7.12 2.93 7.01
C TRP A 53 -8.05 3.91 7.73
N PRO A 54 -7.51 4.94 8.35
CA PRO A 54 -8.34 5.94 9.09
C PRO A 54 -9.46 6.53 8.23
N PRO A 55 -9.21 6.83 6.98
CA PRO A 55 -10.25 7.40 6.06
C PRO A 55 -11.45 6.45 5.91
N PRO A 56 -12.65 6.98 5.99
CA PRO A 56 -13.90 6.17 5.84
C PRO A 56 -14.29 5.95 4.38
N ASP A 57 -13.29 5.85 3.50
CA ASP A 57 -13.57 5.65 2.08
C ASP A 57 -13.86 4.19 1.78
N GLN A 58 -15.11 3.92 1.43
CA GLN A 58 -15.54 2.56 1.11
C GLN A 58 -14.76 2.02 -0.09
N SER A 59 -14.26 2.92 -0.92
CA SER A 59 -13.51 2.51 -2.10
C SER A 59 -12.29 1.71 -1.72
N CYS A 60 -11.65 2.06 -0.61
CA CYS A 60 -10.48 1.33 -0.17
C CYS A 60 -10.85 -0.12 0.09
N LEU A 61 -12.07 -0.33 0.57
CA LEU A 61 -12.54 -1.68 0.85
C LEU A 61 -12.66 -2.48 -0.45
N LEU A 62 -13.04 -1.80 -1.51
CA LEU A 62 -13.19 -2.46 -2.80
C LEU A 62 -11.81 -2.86 -3.35
N LEU A 63 -10.81 -2.02 -3.11
CA LEU A 63 -9.47 -2.32 -3.58
C LEU A 63 -8.99 -3.62 -2.96
N LEU A 64 -9.23 -3.80 -1.66
CA LEU A 64 -8.82 -5.02 -0.97
C LEU A 64 -9.52 -6.24 -1.57
N GLN A 65 -10.79 -6.08 -1.92
CA GLN A 65 -11.55 -7.19 -2.48
C GLN A 65 -10.91 -7.69 -3.78
N HIS A 66 -10.47 -6.76 -4.63
CA HIS A 66 -9.85 -7.16 -5.89
C HIS A 66 -8.60 -7.99 -5.63
N LEU A 67 -7.68 -7.43 -4.85
CA LEU A 67 -6.44 -8.14 -4.52
C LEU A 67 -6.75 -9.50 -3.91
N ARG A 68 -7.81 -9.54 -3.10
CA ARG A 68 -8.22 -10.77 -2.45
C ARG A 68 -8.57 -11.86 -3.46
N GLU A 69 -9.19 -11.44 -4.56
CA GLU A 69 -9.58 -12.40 -5.59
C GLU A 69 -8.36 -12.99 -6.30
N HIS A 70 -7.36 -12.15 -6.57
CA HIS A 70 -6.16 -12.63 -7.24
C HIS A 70 -4.99 -12.77 -6.27
N GLN A 71 -5.29 -12.70 -4.98
CA GLN A 71 -4.27 -12.83 -3.95
C GLN A 71 -3.57 -14.18 -4.02
N ALA A 72 -4.31 -15.20 -4.48
CA ALA A 72 -3.76 -16.54 -4.57
C ALA A 72 -2.86 -16.68 -5.78
N ASP A 73 -2.70 -15.59 -6.51
CA ASP A 73 -1.84 -15.60 -7.69
C ASP A 73 -0.38 -15.65 -7.25
N PRO A 74 0.46 -16.31 -8.01
CA PRO A 74 1.91 -16.44 -7.67
C PRO A 74 2.57 -15.08 -7.49
N HIS A 75 3.57 -15.02 -6.60
CA HIS A 75 4.26 -13.77 -6.33
C HIS A 75 3.25 -12.68 -6.01
N PRO A 76 2.41 -12.92 -5.03
CA PRO A 76 1.36 -11.96 -4.61
C PRO A 76 1.95 -10.65 -4.09
N PRO A 77 1.33 -9.55 -4.39
CA PRO A 77 1.79 -8.21 -3.94
C PRO A 77 1.60 -8.01 -2.44
N LEU A 78 2.49 -7.22 -1.83
CA LEU A 78 2.42 -6.96 -0.41
C LEU A 78 1.34 -5.93 -0.11
N VAL A 79 0.62 -6.14 0.99
CA VAL A 79 -0.43 -5.21 1.39
C VAL A 79 -0.16 -4.67 2.79
N LEU A 80 -0.13 -3.35 2.91
CA LEU A 80 0.12 -2.72 4.20
C LEU A 80 -0.91 -1.64 4.49
N PHE A 81 -1.37 -1.59 5.74
CA PHE A 81 -2.36 -0.59 6.14
C PHE A 81 -1.75 0.39 7.15
N LEU A 82 -1.93 1.67 6.89
CA LEU A 82 -1.40 2.71 7.79
C LEU A 82 -2.48 3.15 8.77
N GLY A 83 -2.05 3.54 9.98
CA GLY A 83 -3.00 3.99 10.99
C GLY A 83 -3.26 2.90 12.03
N GLU A 84 -4.53 2.70 12.38
CA GLU A 84 -4.88 1.69 13.36
C GLU A 84 -5.12 0.34 12.68
N PRO A 85 -4.94 -0.75 13.38
CA PRO A 85 -5.14 -2.11 12.82
C PRO A 85 -6.62 -2.54 12.82
N PRO A 86 -7.11 -3.05 11.72
CA PRO A 86 -8.53 -3.50 11.63
C PRO A 86 -8.88 -4.47 12.76
N VAL A 87 -10.16 -4.50 13.14
CA VAL A 87 -10.61 -5.38 14.21
C VAL A 87 -10.83 -6.80 13.69
N ASP A 88 -11.03 -6.93 12.38
CA ASP A 88 -11.25 -8.24 11.78
C ASP A 88 -9.94 -9.05 11.76
N PRO A 89 -9.98 -10.29 12.18
CA PRO A 89 -8.78 -11.16 12.18
C PRO A 89 -8.42 -11.63 10.78
N LEU A 90 -9.43 -11.77 9.94
CA LEU A 90 -9.21 -12.23 8.56
C LEU A 90 -8.63 -11.10 7.71
N LEU A 91 -9.00 -9.86 8.02
CA LEU A 91 -8.50 -8.72 7.27
C LEU A 91 -7.08 -8.40 7.68
N THR A 92 -6.81 -8.44 8.98
CA THR A 92 -5.47 -8.18 9.48
C THR A 92 -4.53 -9.27 8.97
N ALA A 93 -5.01 -10.51 8.96
CA ALA A 93 -4.21 -11.63 8.49
C ALA A 93 -3.92 -11.50 6.99
N GLN A 94 -4.84 -10.89 6.26
CA GLN A 94 -4.67 -10.72 4.81
C GLN A 94 -3.59 -9.68 4.52
N ALA A 95 -3.46 -8.70 5.41
CA ALA A 95 -2.47 -7.65 5.23
C ALA A 95 -1.07 -8.19 5.45
N SER A 96 -0.09 -7.59 4.77
CA SER A 96 1.29 -8.01 4.91
C SER A 96 1.93 -7.34 6.11
N ALA A 97 1.42 -6.18 6.48
CA ALA A 97 1.94 -5.44 7.63
C ALA A 97 1.04 -4.26 7.96
N ILE A 98 1.13 -3.76 9.19
CA ILE A 98 0.29 -2.63 9.59
C ILE A 98 1.07 -1.67 10.52
N LEU A 99 0.99 -0.38 10.20
CA LEU A 99 1.68 0.63 11.01
C LEU A 99 0.69 1.35 11.91
N SER A 100 1.16 1.77 13.08
CA SER A 100 0.29 2.47 14.03
C SER A 100 1.15 3.15 15.11
N LYS A 101 2.46 3.10 14.91
CA LYS A 101 3.39 3.71 15.85
C LYS A 101 4.51 4.40 15.09
N PRO A 102 4.19 5.42 14.33
CA PRO A 102 5.21 6.16 13.53
C PRO A 102 6.34 6.71 14.39
N LEU A 103 7.56 6.37 14.00
CA LEU A 103 8.75 6.83 14.72
C LEU A 103 10.01 6.26 14.06
N ASP A 104 9.81 5.27 13.19
CA ASP A 104 10.94 4.65 12.50
C ASP A 104 10.57 4.26 11.06
N PRO A 105 10.49 5.22 10.19
CA PRO A 105 10.16 4.98 8.75
C PRO A 105 11.14 3.99 8.12
N GLN A 106 12.20 3.69 8.86
CA GLN A 106 13.22 2.77 8.36
C GLN A 106 12.69 1.34 8.38
N LEU A 107 11.68 1.09 9.20
CA LEU A 107 11.09 -0.24 9.26
C LEU A 107 10.36 -0.55 7.95
N LEU A 108 9.56 0.40 7.49
CA LEU A 108 8.84 0.24 6.23
C LEU A 108 9.80 0.04 5.08
N LEU A 109 10.86 0.84 5.05
CA LEU A 109 11.86 0.74 4.00
C LEU A 109 12.45 -0.66 3.99
N THR A 110 12.65 -1.20 5.20
CA THR A 110 13.19 -2.54 5.35
C THR A 110 12.28 -3.57 4.68
N THR A 111 10.97 -3.35 4.78
CA THR A 111 10.01 -4.27 4.20
C THR A 111 10.23 -4.36 2.69
N LEU A 112 10.35 -3.21 2.03
CA LEU A 112 10.56 -3.21 0.59
C LEU A 112 11.93 -3.80 0.24
N GLN A 113 12.93 -3.49 1.07
CA GLN A 113 14.28 -4.01 0.84
C GLN A 113 14.31 -5.53 1.00
N GLY A 114 13.42 -6.05 1.82
CA GLY A 114 13.36 -7.50 2.05
C GLY A 114 13.22 -8.26 0.74
N LEU A 115 13.23 -7.54 -0.39
CA LEU A 115 13.10 -8.18 -1.69
C LEU A 115 14.42 -8.80 -2.12
N CYS A 116 15.52 -8.14 -1.78
CA CYS A 116 16.84 -8.65 -2.15
C CYS A 116 16.96 -8.79 -3.67
N PRO A 117 16.85 -7.70 -4.37
CA PRO A 117 16.96 -7.71 -5.85
C PRO A 117 18.42 -7.67 -6.29
N PRO A 118 18.86 -8.71 -6.96
CA PRO A 118 20.27 -8.80 -7.43
C PRO A 118 20.48 -8.09 -8.76
N ASN A 119 21.70 -7.60 -8.98
CA ASN A 119 22.03 -6.90 -10.22
C ASN A 119 23.50 -7.08 -10.57
N ALA A 1 9.43 -2.14 -12.63
CA ALA A 1 8.35 -2.52 -11.68
C ALA A 1 8.63 -1.90 -10.31
N GLY A 2 9.66 -1.06 -10.25
CA GLY A 2 10.02 -0.42 -9.00
C GLY A 2 8.98 0.63 -8.62
N HIS A 3 7.82 0.59 -9.26
CA HIS A 3 6.76 1.54 -8.97
C HIS A 3 5.87 1.05 -7.84
N ILE A 4 5.55 1.95 -6.93
CA ILE A 4 4.71 1.62 -5.79
C ILE A 4 3.39 2.39 -5.85
N LEU A 5 2.30 1.73 -5.49
CA LEU A 5 0.98 2.37 -5.52
C LEU A 5 0.48 2.62 -4.10
N LEU A 6 0.00 3.85 -3.86
CA LEU A 6 -0.52 4.20 -2.55
C LEU A 6 -1.83 4.98 -2.66
N LEU A 7 -2.88 4.45 -2.01
CA LEU A 7 -4.18 5.10 -2.03
C LEU A 7 -4.47 5.73 -0.67
N GLU A 8 -4.57 7.05 -0.64
CA GLU A 8 -4.84 7.76 0.61
C GLU A 8 -5.40 9.15 0.35
N GLU A 9 -6.09 9.69 1.35
CA GLU A 9 -6.67 11.02 1.23
C GLU A 9 -6.03 11.99 2.23
N GLU A 10 -5.87 13.24 1.82
CA GLU A 10 -5.27 14.28 2.66
C GLU A 10 -3.90 14.68 2.10
N ASP A 11 -3.82 15.89 1.55
CA ASP A 11 -2.57 16.39 0.98
C ASP A 11 -1.50 16.59 2.06
N GLU A 12 -1.92 17.01 3.25
CA GLU A 12 -0.96 17.26 4.33
C GLU A 12 -0.32 15.94 4.79
N ALA A 13 -1.18 14.96 5.07
CA ALA A 13 -0.68 13.66 5.50
C ALA A 13 0.04 12.96 4.36
N ALA A 14 -0.48 13.15 3.16
CA ALA A 14 0.12 12.53 1.98
C ALA A 14 1.49 13.13 1.66
N THR A 15 1.61 14.45 1.81
CA THR A 15 2.87 15.13 1.53
C THR A 15 3.98 14.60 2.42
N VAL A 16 3.70 14.52 3.72
CA VAL A 16 4.71 14.04 4.66
C VAL A 16 5.16 12.63 4.28
N VAL A 17 4.19 11.73 4.13
CA VAL A 17 4.48 10.35 3.76
C VAL A 17 5.21 10.28 2.42
N CYS A 18 4.71 11.02 1.43
CA CYS A 18 5.33 11.01 0.10
C CYS A 18 6.80 11.40 0.20
N GLU A 19 7.10 12.38 1.05
CA GLU A 19 8.47 12.82 1.21
C GLU A 19 9.32 11.66 1.72
N MET A 20 8.75 10.85 2.60
CA MET A 20 9.48 9.71 3.15
C MET A 20 9.80 8.67 2.08
N LEU A 21 8.77 8.21 1.37
CA LEU A 21 8.97 7.22 0.32
C LEU A 21 9.75 7.82 -0.84
N THR A 22 9.38 9.03 -1.23
CA THR A 22 10.07 9.71 -2.33
C THR A 22 11.56 9.79 -2.05
N ALA A 23 11.90 10.12 -0.80
CA ALA A 23 13.30 10.23 -0.40
C ALA A 23 13.97 8.87 -0.38
N ALA A 24 13.17 7.82 -0.18
CA ALA A 24 13.70 6.46 -0.13
C ALA A 24 14.20 6.03 -1.51
N GLY A 25 13.97 6.88 -2.51
CA GLY A 25 14.41 6.59 -3.87
C GLY A 25 13.33 5.85 -4.65
N PHE A 26 12.21 5.58 -4.01
CA PHE A 26 11.11 4.88 -4.66
C PHE A 26 10.05 5.86 -5.16
N LYS A 27 9.55 5.62 -6.37
CA LYS A 27 8.52 6.48 -6.94
C LYS A 27 7.15 5.90 -6.65
N VAL A 28 6.28 6.73 -6.07
CA VAL A 28 4.93 6.27 -5.73
C VAL A 28 3.87 7.19 -6.34
N ILE A 29 2.71 6.62 -6.62
CA ILE A 29 1.61 7.41 -7.19
C ILE A 29 0.52 7.59 -6.15
N TRP A 30 0.12 8.83 -5.93
CA TRP A 30 -0.91 9.13 -4.94
C TRP A 30 -2.28 9.24 -5.60
N LEU A 31 -3.19 8.37 -5.17
CA LEU A 31 -4.55 8.39 -5.71
C LEU A 31 -5.57 8.32 -4.57
N VAL A 32 -6.64 9.09 -4.68
CA VAL A 32 -7.67 9.11 -3.64
C VAL A 32 -8.85 8.22 -4.02
N ASP A 33 -8.84 7.74 -5.25
CA ASP A 33 -9.93 6.87 -5.72
C ASP A 33 -9.52 5.40 -5.63
N GLY A 34 -10.51 4.52 -5.52
CA GLY A 34 -10.24 3.09 -5.43
C GLY A 34 -10.36 2.38 -6.78
N SER A 35 -11.56 2.38 -7.35
CA SER A 35 -11.79 1.72 -8.63
C SER A 35 -10.89 2.29 -9.72
N THR A 36 -10.70 3.61 -9.71
CA THR A 36 -9.85 4.24 -10.71
C THR A 36 -8.42 3.74 -10.59
N ALA A 37 -7.98 3.53 -9.34
CA ALA A 37 -6.62 3.06 -9.10
C ALA A 37 -6.42 1.68 -9.70
N LEU A 38 -7.42 0.82 -9.56
CA LEU A 38 -7.33 -0.54 -10.10
C LEU A 38 -7.09 -0.51 -11.61
N ASP A 39 -7.89 0.31 -12.30
CA ASP A 39 -7.77 0.43 -13.74
C ASP A 39 -6.40 0.95 -14.13
N GLN A 40 -5.87 1.89 -13.35
CA GLN A 40 -4.56 2.46 -13.61
C GLN A 40 -3.47 1.57 -13.03
N LEU A 41 -3.75 0.94 -11.90
CA LEU A 41 -2.77 0.08 -11.25
C LEU A 41 -2.21 -0.93 -12.25
N ASP A 42 -3.07 -1.44 -13.12
CA ASP A 42 -2.62 -2.41 -14.10
C ASP A 42 -1.48 -1.80 -14.92
N LEU A 43 -1.60 -0.50 -15.16
CA LEU A 43 -0.57 0.23 -15.92
C LEU A 43 0.65 0.47 -15.04
N LEU A 44 0.43 0.61 -13.73
CA LEU A 44 1.52 0.87 -12.79
C LEU A 44 2.39 -0.37 -12.60
N GLN A 45 1.74 -1.54 -12.59
CA GLN A 45 2.47 -2.79 -12.40
C GLN A 45 3.48 -2.66 -11.26
N PRO A 46 3.02 -2.38 -10.07
CA PRO A 46 3.87 -2.23 -8.86
C PRO A 46 4.09 -3.55 -8.12
N ILE A 47 5.16 -3.61 -7.34
CA ILE A 47 5.46 -4.82 -6.58
C ILE A 47 4.95 -4.69 -5.14
N VAL A 48 4.57 -3.47 -4.75
CA VAL A 48 4.08 -3.22 -3.40
C VAL A 48 2.95 -2.19 -3.42
N ILE A 49 1.92 -2.43 -2.61
CA ILE A 49 0.78 -1.53 -2.55
C ILE A 49 0.54 -1.06 -1.11
N LEU A 50 0.49 0.25 -0.92
CA LEU A 50 0.23 0.82 0.41
C LEU A 50 -1.20 1.34 0.45
N MET A 51 -1.90 1.08 1.56
CA MET A 51 -3.28 1.53 1.67
C MET A 51 -3.58 2.13 3.05
N ALA A 52 -4.01 3.37 3.06
CA ALA A 52 -4.37 4.05 4.30
C ALA A 52 -5.60 3.39 4.90
N TRP A 53 -5.74 3.50 6.23
CA TRP A 53 -6.88 2.90 6.90
C TRP A 53 -7.86 3.95 7.43
N PRO A 54 -8.49 4.68 6.54
CA PRO A 54 -9.48 5.73 6.91
C PRO A 54 -10.76 5.11 7.47
N PRO A 55 -11.63 5.91 8.04
CA PRO A 55 -12.92 5.43 8.60
C PRO A 55 -13.65 4.55 7.60
N PRO A 56 -14.73 3.93 8.02
CA PRO A 56 -15.54 3.03 7.17
C PRO A 56 -15.41 3.35 5.67
N ASP A 57 -15.89 4.52 5.29
CA ASP A 57 -15.83 4.94 3.88
C ASP A 57 -16.46 3.88 2.98
N GLN A 58 -15.78 2.73 2.86
CA GLN A 58 -16.27 1.62 2.03
C GLN A 58 -15.52 1.56 0.71
N SER A 59 -15.06 2.69 0.23
CA SER A 59 -14.33 2.73 -1.04
C SER A 59 -13.01 1.99 -0.93
N CYS A 60 -12.30 2.18 0.18
CA CYS A 60 -11.03 1.51 0.39
C CYS A 60 -11.23 0.01 0.51
N LEU A 61 -12.33 -0.38 1.15
CA LEU A 61 -12.63 -1.80 1.35
C LEU A 61 -12.88 -2.49 0.02
N LEU A 62 -13.43 -1.76 -0.94
CA LEU A 62 -13.69 -2.34 -2.25
C LEU A 62 -12.38 -2.60 -2.98
N LEU A 63 -11.41 -1.70 -2.79
CA LEU A 63 -10.11 -1.85 -3.42
C LEU A 63 -9.46 -3.17 -2.99
N LEU A 64 -9.47 -3.43 -1.70
CA LEU A 64 -8.87 -4.65 -1.16
C LEU A 64 -9.56 -5.89 -1.71
N GLN A 65 -10.88 -5.85 -1.81
CA GLN A 65 -11.62 -7.00 -2.31
C GLN A 65 -11.20 -7.31 -3.74
N HIS A 66 -11.05 -6.28 -4.55
CA HIS A 66 -10.65 -6.47 -5.94
C HIS A 66 -9.32 -7.21 -6.02
N LEU A 67 -8.37 -6.78 -5.19
CA LEU A 67 -7.05 -7.40 -5.17
C LEU A 67 -7.16 -8.91 -4.95
N ARG A 68 -8.02 -9.31 -4.04
CA ARG A 68 -8.20 -10.73 -3.74
C ARG A 68 -8.77 -11.48 -4.95
N GLU A 69 -9.63 -10.82 -5.71
CA GLU A 69 -10.22 -11.45 -6.89
C GLU A 69 -9.18 -11.68 -7.98
N HIS A 70 -8.25 -10.74 -8.10
CA HIS A 70 -7.20 -10.84 -9.12
C HIS A 70 -6.08 -11.78 -8.67
N GLN A 71 -5.57 -11.55 -7.47
CA GLN A 71 -4.47 -12.36 -6.94
C GLN A 71 -4.91 -13.81 -6.77
N ALA A 72 -5.80 -14.05 -5.81
CA ALA A 72 -6.31 -15.39 -5.56
C ALA A 72 -5.17 -16.35 -5.19
N ASP A 73 -4.09 -16.31 -5.96
CA ASP A 73 -2.95 -17.19 -5.71
C ASP A 73 -2.20 -16.77 -4.46
N PRO A 74 -1.70 -17.73 -3.71
CA PRO A 74 -0.94 -17.47 -2.46
C PRO A 74 0.37 -16.72 -2.70
N HIS A 75 0.84 -16.00 -1.69
CA HIS A 75 2.08 -15.25 -1.80
C HIS A 75 1.86 -13.94 -2.56
N PRO A 76 0.70 -13.36 -2.45
CA PRO A 76 0.37 -12.08 -3.15
C PRO A 76 1.30 -10.94 -2.69
N PRO A 77 1.35 -9.88 -3.46
CA PRO A 77 2.20 -8.71 -3.14
C PRO A 77 2.01 -8.25 -1.71
N LEU A 78 3.02 -7.57 -1.16
CA LEU A 78 2.94 -7.10 0.21
C LEU A 78 2.07 -5.85 0.31
N VAL A 79 1.25 -5.80 1.35
CA VAL A 79 0.36 -4.66 1.54
C VAL A 79 0.62 -3.97 2.89
N LEU A 80 0.73 -2.65 2.86
CA LEU A 80 0.97 -1.89 4.09
C LEU A 80 -0.25 -1.06 4.45
N PHE A 81 -0.58 -1.03 5.73
CA PHE A 81 -1.73 -0.26 6.20
C PHE A 81 -1.30 0.89 7.09
N LEU A 82 -1.65 2.11 6.69
CA LEU A 82 -1.32 3.29 7.47
C LEU A 82 -2.51 3.72 8.32
N GLY A 83 -2.24 4.16 9.54
CA GLY A 83 -3.32 4.59 10.43
C GLY A 83 -3.58 3.56 11.52
N GLU A 84 -4.86 3.25 11.75
CA GLU A 84 -5.24 2.28 12.77
C GLU A 84 -5.35 0.88 12.16
N PRO A 85 -5.23 -0.13 12.97
CA PRO A 85 -5.32 -1.54 12.52
C PRO A 85 -6.76 -1.92 12.15
N PRO A 86 -6.91 -2.76 11.16
CA PRO A 86 -8.26 -3.20 10.67
C PRO A 86 -8.98 -4.06 11.71
N VAL A 87 -10.31 -3.94 11.76
CA VAL A 87 -11.09 -4.71 12.71
C VAL A 87 -11.32 -6.12 12.16
N ASP A 88 -11.58 -6.21 10.86
CA ASP A 88 -11.82 -7.50 10.23
C ASP A 88 -10.51 -8.29 10.12
N PRO A 89 -10.56 -9.59 10.26
CA PRO A 89 -9.36 -10.46 10.17
C PRO A 89 -8.94 -10.72 8.72
N LEU A 90 -9.84 -10.41 7.79
CA LEU A 90 -9.55 -10.62 6.37
C LEU A 90 -8.50 -9.62 5.88
N LEU A 91 -8.52 -8.42 6.45
CA LEU A 91 -7.56 -7.40 6.08
C LEU A 91 -6.21 -7.71 6.69
N THR A 92 -6.23 -8.27 7.90
CA THR A 92 -5.00 -8.62 8.59
C THR A 92 -4.25 -9.67 7.78
N ALA A 93 -4.99 -10.65 7.26
CA ALA A 93 -4.39 -11.71 6.47
C ALA A 93 -3.81 -11.14 5.18
N GLN A 94 -4.53 -10.19 4.59
CA GLN A 94 -4.08 -9.56 3.36
C GLN A 94 -2.97 -8.56 3.64
N ALA A 95 -2.99 -7.98 4.84
CA ALA A 95 -1.98 -7.00 5.23
C ALA A 95 -0.65 -7.67 5.51
N SER A 96 0.40 -7.19 4.86
CA SER A 96 1.74 -7.74 5.05
C SER A 96 2.43 -7.08 6.24
N ALA A 97 2.01 -5.86 6.56
CA ALA A 97 2.60 -5.12 7.67
C ALA A 97 1.80 -3.87 7.96
N ILE A 98 1.40 -3.71 9.22
CA ILE A 98 0.61 -2.55 9.62
C ILE A 98 1.52 -1.41 10.07
N LEU A 99 1.28 -0.22 9.55
CA LEU A 99 2.09 0.95 9.90
C LEU A 99 1.30 1.90 10.80
N SER A 100 2.04 2.70 11.58
CA SER A 100 1.41 3.66 12.48
C SER A 100 2.45 4.65 12.98
N LYS A 101 3.05 5.39 12.05
CA LYS A 101 4.07 6.37 12.39
C LYS A 101 5.22 5.70 13.14
N PRO A 102 5.88 4.76 12.50
CA PRO A 102 7.02 4.03 13.11
C PRO A 102 8.35 4.77 12.93
N LEU A 103 9.22 4.66 13.92
CA LEU A 103 10.52 5.31 13.86
C LEU A 103 11.39 4.69 12.77
N ASP A 104 12.29 5.48 12.21
CA ASP A 104 13.18 4.99 11.17
C ASP A 104 12.39 4.31 10.05
N PRO A 105 12.03 5.03 9.03
CA PRO A 105 11.27 4.48 7.87
C PRO A 105 11.97 3.26 7.25
N GLN A 106 13.01 2.78 7.94
CA GLN A 106 13.76 1.63 7.46
C GLN A 106 12.93 0.36 7.52
N LEU A 107 11.94 0.34 8.42
CA LEU A 107 11.08 -0.83 8.53
C LEU A 107 10.28 -0.99 7.24
N LEU A 108 9.69 0.09 6.76
CA LEU A 108 8.93 0.04 5.51
C LEU A 108 9.84 -0.45 4.38
N LEU A 109 11.04 0.10 4.33
CA LEU A 109 12.01 -0.30 3.31
C LEU A 109 12.33 -1.77 3.47
N THR A 110 12.45 -2.21 4.71
CA THR A 110 12.76 -3.61 5.00
C THR A 110 11.66 -4.51 4.42
N THR A 111 10.42 -4.02 4.50
CA THR A 111 9.29 -4.80 3.99
C THR A 111 9.44 -5.07 2.50
N LEU A 112 9.81 -4.03 1.74
CA LEU A 112 9.99 -4.20 0.30
C LEU A 112 11.17 -5.13 0.02
N GLN A 113 12.23 -4.98 0.82
CA GLN A 113 13.42 -5.80 0.67
C GLN A 113 13.09 -7.26 0.94
N GLY A 114 12.09 -7.48 1.79
CA GLY A 114 11.69 -8.84 2.14
C GLY A 114 11.47 -9.70 0.91
N LEU A 115 11.73 -9.14 -0.27
CA LEU A 115 11.56 -9.88 -1.51
C LEU A 115 12.71 -10.88 -1.68
N CYS A 116 13.90 -10.47 -1.25
CA CYS A 116 15.07 -11.35 -1.34
C CYS A 116 15.27 -11.85 -2.77
N PRO A 117 15.63 -10.98 -3.66
CA PRO A 117 15.87 -11.37 -5.08
C PRO A 117 17.25 -12.02 -5.25
N PRO A 118 17.29 -13.26 -5.63
CA PRO A 118 18.56 -14.00 -5.84
C PRO A 118 19.10 -13.84 -7.26
N ASN A 119 20.42 -13.96 -7.41
CA ASN A 119 21.04 -13.83 -8.72
C ASN A 119 21.06 -15.18 -9.45
N ALA A 1 9.41 -0.38 -13.68
CA ALA A 1 10.18 -1.43 -12.95
C ALA A 1 10.40 -0.98 -11.51
N GLY A 2 9.86 -1.74 -10.56
CA GLY A 2 10.02 -1.40 -9.15
C GLY A 2 9.04 -0.29 -8.75
N HIS A 3 7.82 -0.38 -9.27
CA HIS A 3 6.80 0.62 -8.96
C HIS A 3 6.04 0.23 -7.70
N ILE A 4 5.83 1.20 -6.82
CA ILE A 4 5.11 0.97 -5.57
C ILE A 4 3.79 1.71 -5.58
N LEU A 5 2.74 1.05 -5.09
CA LEU A 5 1.42 1.67 -5.06
C LEU A 5 1.04 2.04 -3.63
N LEU A 6 0.66 3.29 -3.42
CA LEU A 6 0.27 3.75 -2.09
C LEU A 6 -1.06 4.49 -2.15
N LEU A 7 -2.02 4.02 -1.37
CA LEU A 7 -3.33 4.67 -1.32
C LEU A 7 -3.50 5.43 -0.02
N GLU A 8 -3.79 6.72 -0.11
CA GLU A 8 -3.97 7.54 1.08
C GLU A 8 -4.77 8.79 0.76
N GLU A 9 -5.28 9.44 1.81
CA GLU A 9 -6.08 10.66 1.64
C GLU A 9 -5.27 11.89 2.03
N GLU A 10 -5.69 13.05 1.55
CA GLU A 10 -5.01 14.30 1.85
C GLU A 10 -3.63 14.32 1.17
N ASP A 11 -3.45 15.28 0.26
CA ASP A 11 -2.20 15.40 -0.46
C ASP A 11 -1.03 15.71 0.46
N GLU A 12 -1.29 16.49 1.52
CA GLU A 12 -0.23 16.85 2.45
C GLU A 12 0.29 15.63 3.21
N ALA A 13 -0.63 14.78 3.68
CA ALA A 13 -0.23 13.59 4.41
C ALA A 13 0.42 12.59 3.46
N ALA A 14 -0.16 12.47 2.26
CA ALA A 14 0.36 11.56 1.26
C ALA A 14 1.74 12.02 0.78
N THR A 15 1.93 13.33 0.70
CA THR A 15 3.21 13.88 0.25
C THR A 15 4.33 13.48 1.21
N VAL A 16 4.08 13.63 2.51
CA VAL A 16 5.08 13.29 3.51
C VAL A 16 5.51 11.83 3.36
N VAL A 17 4.52 10.93 3.32
CA VAL A 17 4.80 9.51 3.18
C VAL A 17 5.54 9.24 1.88
N CYS A 18 5.03 9.80 0.79
CA CYS A 18 5.65 9.62 -0.52
C CYS A 18 7.01 10.31 -0.56
N GLU A 19 7.13 11.38 0.21
CA GLU A 19 8.38 12.11 0.26
C GLU A 19 9.50 11.22 0.78
N MET A 20 9.20 10.46 1.82
CA MET A 20 10.18 9.55 2.39
C MET A 20 10.50 8.43 1.41
N LEU A 21 9.46 7.88 0.80
CA LEU A 21 9.65 6.80 -0.18
C LEU A 21 10.37 7.34 -1.41
N THR A 22 9.93 8.50 -1.89
CA THR A 22 10.55 9.12 -3.05
C THR A 22 12.04 9.33 -2.81
N ALA A 23 12.38 9.80 -1.61
CA ALA A 23 13.77 10.05 -1.26
C ALA A 23 14.58 8.75 -1.17
N ALA A 24 13.89 7.65 -0.89
CA ALA A 24 14.55 6.35 -0.75
C ALA A 24 15.04 5.84 -2.11
N GLY A 25 14.70 6.56 -3.17
CA GLY A 25 15.11 6.16 -4.51
C GLY A 25 14.03 5.32 -5.18
N PHE A 26 12.98 5.01 -4.43
CA PHE A 26 11.87 4.21 -4.95
C PHE A 26 10.75 5.13 -5.42
N LYS A 27 10.13 4.78 -6.55
CA LYS A 27 9.04 5.58 -7.07
C LYS A 27 7.70 5.04 -6.61
N VAL A 28 6.89 5.91 -6.01
CA VAL A 28 5.58 5.50 -5.52
C VAL A 28 4.50 6.45 -6.01
N ILE A 29 3.33 5.91 -6.32
CA ILE A 29 2.22 6.73 -6.80
C ILE A 29 1.15 6.84 -5.72
N TRP A 30 0.82 8.07 -5.34
CA TRP A 30 -0.21 8.29 -4.32
C TRP A 30 -1.56 8.57 -4.95
N LEU A 31 -2.51 7.68 -4.70
CA LEU A 31 -3.85 7.85 -5.26
C LEU A 31 -4.87 7.98 -4.14
N VAL A 32 -5.92 8.76 -4.38
CA VAL A 32 -6.97 8.95 -3.38
C VAL A 32 -8.25 8.25 -3.81
N ASP A 33 -8.12 7.29 -4.71
CA ASP A 33 -9.27 6.54 -5.21
C ASP A 33 -8.87 5.12 -5.58
N GLY A 34 -9.55 4.15 -4.98
CA GLY A 34 -9.26 2.74 -5.25
C GLY A 34 -9.47 2.40 -6.72
N SER A 35 -10.52 2.95 -7.32
CA SER A 35 -10.82 2.68 -8.72
C SER A 35 -9.65 3.14 -9.59
N THR A 36 -9.07 4.28 -9.23
CA THR A 36 -7.95 4.82 -9.96
C THR A 36 -6.74 3.88 -9.85
N ALA A 37 -6.62 3.27 -8.68
CA ALA A 37 -5.51 2.35 -8.43
C ALA A 37 -5.58 1.14 -9.35
N LEU A 38 -6.77 0.57 -9.48
CA LEU A 38 -6.94 -0.60 -10.33
C LEU A 38 -6.54 -0.28 -11.77
N ASP A 39 -6.93 0.91 -12.23
CA ASP A 39 -6.62 1.33 -13.60
C ASP A 39 -5.12 1.44 -13.82
N GLN A 40 -4.41 2.01 -12.84
CA GLN A 40 -2.97 2.18 -12.94
C GLN A 40 -2.24 0.92 -12.45
N LEU A 41 -2.72 0.36 -11.34
CA LEU A 41 -2.11 -0.83 -10.78
C LEU A 41 -1.82 -1.86 -11.85
N ASP A 42 -2.79 -2.07 -12.74
CA ASP A 42 -2.63 -3.04 -13.82
C ASP A 42 -1.47 -2.64 -14.72
N LEU A 43 -1.28 -1.32 -14.90
CA LEU A 43 -0.23 -0.82 -15.77
C LEU A 43 1.15 -0.85 -15.09
N LEU A 44 1.24 -0.39 -13.84
CA LEU A 44 2.54 -0.37 -13.16
C LEU A 44 2.88 -1.72 -12.54
N GLN A 45 1.90 -2.62 -12.45
CA GLN A 45 2.16 -3.93 -11.86
C GLN A 45 3.11 -3.80 -10.68
N PRO A 46 2.62 -3.32 -9.58
CA PRO A 46 3.44 -3.12 -8.35
C PRO A 46 3.69 -4.43 -7.61
N ILE A 47 4.86 -4.54 -6.98
CA ILE A 47 5.20 -5.74 -6.23
C ILE A 47 4.81 -5.57 -4.77
N VAL A 48 4.50 -4.33 -4.39
CA VAL A 48 4.10 -4.04 -3.02
C VAL A 48 3.05 -2.92 -3.00
N ILE A 49 2.04 -3.07 -2.17
CA ILE A 49 0.98 -2.07 -2.08
C ILE A 49 0.82 -1.55 -0.66
N LEU A 50 0.92 -0.24 -0.50
CA LEU A 50 0.75 0.38 0.81
C LEU A 50 -0.62 1.05 0.88
N MET A 51 -1.32 0.89 1.99
CA MET A 51 -2.64 1.50 2.11
C MET A 51 -2.87 2.06 3.51
N ALA A 52 -3.07 3.38 3.57
CA ALA A 52 -3.33 4.04 4.83
C ALA A 52 -4.68 3.63 5.38
N TRP A 53 -4.84 3.68 6.70
CA TRP A 53 -6.11 3.30 7.31
C TRP A 53 -6.71 4.45 8.10
N PRO A 54 -6.94 5.57 7.47
CA PRO A 54 -7.55 6.76 8.11
C PRO A 54 -9.06 6.60 8.30
N PRO A 55 -9.61 7.25 9.29
CA PRO A 55 -11.07 7.17 9.57
C PRO A 55 -11.92 7.45 8.32
N PRO A 56 -11.77 8.60 7.69
CA PRO A 56 -12.54 8.94 6.47
C PRO A 56 -12.42 7.86 5.39
N ASP A 57 -11.78 6.76 5.74
CA ASP A 57 -11.59 5.66 4.79
C ASP A 57 -12.87 4.86 4.62
N GLN A 58 -13.05 4.31 3.41
CA GLN A 58 -14.24 3.52 3.11
C GLN A 58 -14.14 2.91 1.71
N SER A 59 -13.69 3.71 0.75
CA SER A 59 -13.54 3.23 -0.63
C SER A 59 -12.50 2.13 -0.69
N CYS A 60 -11.52 2.21 0.20
CA CYS A 60 -10.44 1.22 0.23
C CYS A 60 -11.00 -0.18 0.45
N LEU A 61 -12.20 -0.26 1.03
CA LEU A 61 -12.81 -1.56 1.30
C LEU A 61 -13.11 -2.31 0.01
N LEU A 62 -13.54 -1.60 -1.02
CA LEU A 62 -13.86 -2.25 -2.29
C LEU A 62 -12.59 -2.73 -2.99
N LEU A 63 -11.54 -1.92 -2.93
CA LEU A 63 -10.27 -2.29 -3.55
C LEU A 63 -9.72 -3.58 -2.95
N LEU A 64 -9.83 -3.69 -1.63
CA LEU A 64 -9.33 -4.87 -0.93
C LEU A 64 -10.05 -6.13 -1.39
N GLN A 65 -11.37 -6.05 -1.49
CA GLN A 65 -12.16 -7.20 -1.92
C GLN A 65 -11.80 -7.61 -3.35
N HIS A 66 -11.61 -6.63 -4.22
CA HIS A 66 -11.28 -6.91 -5.61
C HIS A 66 -9.96 -7.69 -5.70
N LEU A 67 -8.89 -7.07 -5.21
CA LEU A 67 -7.57 -7.72 -5.24
C LEU A 67 -7.61 -9.07 -4.56
N ARG A 68 -8.34 -9.16 -3.44
CA ARG A 68 -8.46 -10.41 -2.71
C ARG A 68 -9.18 -11.47 -3.53
N GLU A 69 -10.13 -11.05 -4.35
CA GLU A 69 -10.87 -11.98 -5.17
C GLU A 69 -9.95 -12.63 -6.20
N HIS A 70 -9.01 -11.86 -6.73
CA HIS A 70 -8.06 -12.38 -7.71
C HIS A 70 -7.32 -11.25 -8.42
N GLN A 71 -6.39 -10.62 -7.69
CA GLN A 71 -5.61 -9.53 -8.27
C GLN A 71 -4.79 -10.02 -9.45
N ALA A 72 -4.03 -11.09 -9.24
CA ALA A 72 -3.21 -11.67 -10.30
C ALA A 72 -2.89 -13.12 -9.97
N ASP A 73 -3.14 -13.51 -8.73
CA ASP A 73 -2.89 -14.86 -8.28
C ASP A 73 -3.39 -15.06 -6.85
N PRO A 74 -3.59 -16.28 -6.45
CA PRO A 74 -4.10 -16.61 -5.08
C PRO A 74 -3.21 -16.04 -3.98
N HIS A 75 -2.03 -15.54 -4.37
CA HIS A 75 -1.11 -14.97 -3.40
C HIS A 75 -0.76 -13.52 -3.77
N PRO A 76 -1.66 -12.62 -3.53
CA PRO A 76 -1.46 -11.17 -3.83
C PRO A 76 -0.19 -10.62 -3.20
N PRO A 77 0.41 -9.63 -3.82
CA PRO A 77 1.64 -8.99 -3.29
C PRO A 77 1.54 -8.69 -1.80
N LEU A 78 2.64 -8.23 -1.21
CA LEU A 78 2.65 -7.90 0.21
C LEU A 78 1.96 -6.56 0.41
N VAL A 79 1.12 -6.46 1.45
CA VAL A 79 0.40 -5.22 1.72
C VAL A 79 0.70 -4.68 3.11
N LEU A 80 1.02 -3.39 3.17
CA LEU A 80 1.30 -2.74 4.44
C LEU A 80 0.21 -1.72 4.75
N PHE A 81 -0.28 -1.71 6.00
CA PHE A 81 -1.33 -0.77 6.37
C PHE A 81 -0.84 0.21 7.43
N LEU A 82 -1.07 1.50 7.17
CA LEU A 82 -0.67 2.54 8.11
C LEU A 82 -1.87 3.11 8.85
N GLY A 83 -1.71 3.38 10.14
CA GLY A 83 -2.79 3.93 10.94
C GLY A 83 -3.19 2.97 12.06
N GLU A 84 -4.48 2.90 12.35
CA GLU A 84 -4.96 2.00 13.40
C GLU A 84 -5.35 0.66 12.80
N PRO A 85 -5.53 -0.35 13.62
CA PRO A 85 -5.91 -1.70 13.14
C PRO A 85 -7.15 -1.68 12.25
N PRO A 86 -7.28 -2.66 11.39
CA PRO A 86 -8.43 -2.76 10.44
C PRO A 86 -9.77 -2.84 11.17
N VAL A 87 -10.85 -2.71 10.42
CA VAL A 87 -12.19 -2.76 11.01
C VAL A 87 -12.61 -4.22 11.23
N ASP A 88 -11.72 -5.15 10.88
CA ASP A 88 -12.00 -6.57 11.04
C ASP A 88 -10.71 -7.37 11.01
N PRO A 89 -10.61 -8.40 11.80
CA PRO A 89 -9.39 -9.26 11.86
C PRO A 89 -9.13 -10.00 10.55
N LEU A 90 -10.11 -9.96 9.64
CA LEU A 90 -9.96 -10.63 8.36
C LEU A 90 -8.92 -9.90 7.51
N LEU A 91 -8.88 -8.57 7.63
CA LEU A 91 -7.91 -7.79 6.88
C LEU A 91 -6.53 -7.95 7.53
N THR A 92 -6.55 -8.13 8.84
CA THR A 92 -5.32 -8.31 9.60
C THR A 92 -4.60 -9.56 9.08
N ALA A 93 -5.35 -10.63 8.88
CA ALA A 93 -4.78 -11.88 8.39
C ALA A 93 -4.27 -11.68 6.97
N GLN A 94 -5.01 -10.89 6.21
CA GLN A 94 -4.64 -10.61 4.82
C GLN A 94 -3.51 -9.59 4.76
N ALA A 95 -3.34 -8.85 5.85
CA ALA A 95 -2.28 -7.83 5.90
C ALA A 95 -0.91 -8.47 5.97
N SER A 96 0.03 -7.91 5.21
CA SER A 96 1.40 -8.41 5.19
C SER A 96 2.22 -7.79 6.32
N ALA A 97 1.86 -6.56 6.70
CA ALA A 97 2.58 -5.87 7.77
C ALA A 97 1.87 -4.58 8.15
N ILE A 98 1.21 -4.59 9.31
CA ILE A 98 0.50 -3.41 9.79
C ILE A 98 1.40 -2.58 10.71
N LEU A 99 1.48 -1.28 10.44
CA LEU A 99 2.31 -0.41 11.27
C LEU A 99 1.42 0.56 12.06
N SER A 100 1.15 0.22 13.31
CA SER A 100 0.31 1.05 14.16
C SER A 100 1.09 2.28 14.62
N LYS A 101 2.34 2.39 14.20
CA LYS A 101 3.18 3.53 14.59
C LYS A 101 3.77 4.21 13.36
N PRO A 102 3.07 5.17 12.82
CA PRO A 102 3.52 5.94 11.62
C PRO A 102 4.93 6.50 11.78
N LEU A 103 5.59 6.72 10.65
CA LEU A 103 6.95 7.24 10.64
C LEU A 103 7.97 6.12 10.49
N ASP A 104 9.20 6.37 10.92
CA ASP A 104 10.24 5.36 10.82
C ASP A 104 10.30 4.80 9.41
N PRO A 105 10.59 5.64 8.44
CA PRO A 105 10.66 5.21 7.01
C PRO A 105 11.72 4.13 6.80
N GLN A 106 12.65 4.03 7.74
CA GLN A 106 13.72 3.05 7.64
C GLN A 106 13.16 1.65 7.93
N LEU A 107 12.22 1.58 8.88
CA LEU A 107 11.61 0.31 9.23
C LEU A 107 10.73 -0.19 8.10
N LEU A 108 9.85 0.69 7.62
CA LEU A 108 8.94 0.34 6.52
C LEU A 108 9.73 -0.11 5.30
N LEU A 109 10.81 0.60 5.00
CA LEU A 109 11.63 0.29 3.84
C LEU A 109 12.25 -1.10 3.97
N THR A 110 12.67 -1.46 5.18
CA THR A 110 13.28 -2.76 5.39
C THR A 110 12.33 -3.88 5.01
N THR A 111 11.08 -3.77 5.46
CA THR A 111 10.07 -4.76 5.15
C THR A 111 9.77 -4.77 3.65
N LEU A 112 9.69 -3.57 3.07
CA LEU A 112 9.40 -3.45 1.64
C LEU A 112 10.53 -4.07 0.82
N GLN A 113 11.76 -3.77 1.17
CA GLN A 113 12.91 -4.32 0.46
C GLN A 113 12.98 -5.83 0.66
N GLY A 114 12.45 -6.28 1.80
CA GLY A 114 12.45 -7.70 2.13
C GLY A 114 12.44 -8.56 0.88
N LEU A 115 11.80 -8.08 -0.18
CA LEU A 115 11.74 -8.83 -1.42
C LEU A 115 12.98 -8.55 -2.26
N CYS A 116 13.05 -7.36 -2.83
CA CYS A 116 14.19 -6.98 -3.65
C CYS A 116 14.39 -7.96 -4.79
N PRO A 117 13.42 -8.06 -5.65
CA PRO A 117 13.48 -8.98 -6.82
C PRO A 117 14.24 -8.36 -7.98
N PRO A 118 15.35 -8.93 -8.37
CA PRO A 118 16.17 -8.42 -9.49
C PRO A 118 15.74 -8.98 -10.85
N ASN A 119 14.84 -9.96 -10.83
CA ASN A 119 14.36 -10.57 -12.06
C ASN A 119 13.14 -9.81 -12.58
N ALA A 1 11.75 -1.51 -11.22
CA ALA A 1 11.73 -0.44 -10.20
C ALA A 1 10.66 -0.74 -9.16
N GLY A 2 9.70 -1.56 -9.54
CA GLY A 2 8.62 -1.93 -8.63
C GLY A 2 7.67 -0.75 -8.41
N HIS A 3 6.39 -0.97 -8.67
CA HIS A 3 5.39 0.07 -8.48
C HIS A 3 4.72 -0.07 -7.12
N ILE A 4 4.58 1.04 -6.41
CA ILE A 4 3.96 1.02 -5.08
C ILE A 4 2.68 1.83 -5.08
N LEU A 5 1.64 1.30 -4.46
CA LEU A 5 0.36 2.00 -4.40
C LEU A 5 0.14 2.59 -3.01
N LEU A 6 -0.21 3.86 -2.98
CA LEU A 6 -0.46 4.53 -1.72
C LEU A 6 -1.81 5.22 -1.75
N LEU A 7 -2.67 4.85 -0.81
CA LEU A 7 -4.01 5.43 -0.72
C LEU A 7 -4.09 6.30 0.51
N GLU A 8 -4.40 7.57 0.32
CA GLU A 8 -4.50 8.49 1.45
C GLU A 8 -5.33 9.72 1.10
N GLU A 9 -5.72 10.46 2.13
CA GLU A 9 -6.51 11.67 1.96
C GLU A 9 -5.66 12.89 2.22
N GLU A 10 -6.10 14.05 1.73
CA GLU A 10 -5.34 15.29 1.92
C GLU A 10 -4.08 15.26 1.07
N ASP A 11 -4.07 16.06 0.00
CA ASP A 11 -2.94 16.11 -0.92
C ASP A 11 -1.64 16.47 -0.20
N GLU A 12 -1.71 17.36 0.78
CA GLU A 12 -0.51 17.76 1.49
C GLU A 12 0.10 16.58 2.25
N ALA A 13 -0.76 15.80 2.90
CA ALA A 13 -0.29 14.64 3.65
C ALA A 13 0.17 13.53 2.70
N ALA A 14 -0.54 13.39 1.59
CA ALA A 14 -0.21 12.37 0.61
C ALA A 14 1.12 12.66 -0.06
N THR A 15 1.34 13.92 -0.42
CA THR A 15 2.59 14.32 -1.06
C THR A 15 3.77 14.09 -0.15
N VAL A 16 3.64 14.51 1.11
CA VAL A 16 4.71 14.34 2.08
C VAL A 16 5.13 12.87 2.19
N VAL A 17 4.16 12.00 2.45
CA VAL A 17 4.45 10.57 2.57
C VAL A 17 5.03 10.03 1.26
N CYS A 18 4.38 10.37 0.16
CA CYS A 18 4.84 9.92 -1.15
C CYS A 18 6.19 10.54 -1.47
N GLU A 19 6.44 11.73 -0.94
CA GLU A 19 7.70 12.40 -1.18
C GLU A 19 8.86 11.58 -0.64
N MET A 20 8.72 11.08 0.58
CA MET A 20 9.77 10.28 1.19
C MET A 20 9.90 8.93 0.50
N LEU A 21 8.77 8.30 0.20
CA LEU A 21 8.79 7.00 -0.46
C LEU A 21 9.34 7.17 -1.87
N THR A 22 8.87 8.23 -2.55
CA THR A 22 9.34 8.52 -3.89
C THR A 22 10.86 8.63 -3.89
N ALA A 23 11.37 9.26 -2.84
CA ALA A 23 12.81 9.44 -2.70
C ALA A 23 13.48 8.11 -2.35
N ALA A 24 12.70 7.18 -1.82
CA ALA A 24 13.23 5.87 -1.45
C ALA A 24 13.71 5.11 -2.68
N GLY A 25 13.49 5.68 -3.86
CA GLY A 25 13.91 5.05 -5.10
C GLY A 25 12.74 4.39 -5.83
N PHE A 26 11.67 4.13 -5.09
CA PHE A 26 10.49 3.49 -5.67
C PHE A 26 9.44 4.54 -6.02
N LYS A 27 8.60 4.26 -7.01
CA LYS A 27 7.57 5.21 -7.41
C LYS A 27 6.26 4.94 -6.66
N VAL A 28 5.70 5.98 -6.07
CA VAL A 28 4.46 5.86 -5.32
C VAL A 28 3.37 6.75 -5.91
N ILE A 29 2.18 6.18 -6.10
CA ILE A 29 1.06 6.95 -6.65
C ILE A 29 0.02 7.22 -5.57
N TRP A 30 -0.47 8.46 -5.52
CA TRP A 30 -1.46 8.83 -4.52
C TRP A 30 -2.86 8.59 -5.04
N LEU A 31 -3.56 7.64 -4.43
CA LEU A 31 -4.92 7.34 -4.85
C LEU A 31 -5.92 7.74 -3.76
N VAL A 32 -7.00 8.38 -4.18
CA VAL A 32 -8.03 8.82 -3.24
C VAL A 32 -9.34 8.10 -3.53
N ASP A 33 -9.25 6.98 -4.23
CA ASP A 33 -10.44 6.20 -4.58
C ASP A 33 -10.09 4.72 -4.69
N GLY A 34 -11.11 3.88 -4.89
CA GLY A 34 -10.90 2.44 -5.01
C GLY A 34 -11.03 1.95 -6.45
N SER A 35 -12.21 2.08 -7.03
CA SER A 35 -12.45 1.62 -8.40
C SER A 35 -11.50 2.26 -9.39
N THR A 36 -11.17 3.54 -9.19
CA THR A 36 -10.28 4.23 -10.09
C THR A 36 -8.89 3.58 -10.08
N ALA A 37 -8.46 3.18 -8.89
CA ALA A 37 -7.15 2.55 -8.75
C ALA A 37 -7.10 1.24 -9.51
N LEU A 38 -8.20 0.49 -9.46
CA LEU A 38 -8.27 -0.78 -10.16
C LEU A 38 -8.05 -0.60 -11.66
N ASP A 39 -8.61 0.47 -12.20
CA ASP A 39 -8.48 0.73 -13.63
C ASP A 39 -7.02 0.97 -14.02
N GLN A 40 -6.33 1.80 -13.25
CA GLN A 40 -4.93 2.10 -13.55
C GLN A 40 -3.99 1.12 -12.85
N LEU A 41 -4.28 0.83 -11.59
CA LEU A 41 -3.44 -0.09 -10.82
C LEU A 41 -3.18 -1.37 -11.60
N ASP A 42 -4.19 -1.85 -12.33
CA ASP A 42 -4.03 -3.07 -13.10
C ASP A 42 -2.83 -2.93 -14.03
N LEU A 43 -2.65 -1.74 -14.57
CA LEU A 43 -1.53 -1.48 -15.48
C LEU A 43 -0.24 -1.31 -14.69
N LEU A 44 -0.37 -0.88 -13.44
CA LEU A 44 0.80 -0.67 -12.58
C LEU A 44 1.42 -2.00 -12.12
N GLN A 45 0.58 -3.02 -11.93
CA GLN A 45 1.08 -4.32 -11.49
C GLN A 45 2.06 -4.14 -10.32
N PRO A 46 1.59 -3.54 -9.27
CA PRO A 46 2.41 -3.27 -8.04
C PRO A 46 2.68 -4.52 -7.22
N ILE A 47 3.83 -4.54 -6.53
CA ILE A 47 4.20 -5.67 -5.69
C ILE A 47 3.92 -5.38 -4.22
N VAL A 48 3.78 -4.10 -3.90
CA VAL A 48 3.51 -3.69 -2.51
C VAL A 48 2.44 -2.59 -2.49
N ILE A 49 1.51 -2.71 -1.55
CA ILE A 49 0.44 -1.72 -1.45
C ILE A 49 0.35 -1.16 -0.03
N LEU A 50 0.54 0.15 0.09
CA LEU A 50 0.46 0.82 1.38
C LEU A 50 -0.84 1.61 1.47
N MET A 51 -1.56 1.44 2.57
CA MET A 51 -2.83 2.16 2.74
C MET A 51 -2.99 2.67 4.17
N ALA A 52 -3.38 3.94 4.28
CA ALA A 52 -3.59 4.54 5.58
C ALA A 52 -4.85 3.96 6.21
N TRP A 53 -4.89 3.91 7.54
CA TRP A 53 -6.05 3.37 8.22
C TRP A 53 -6.77 4.42 9.08
N PRO A 54 -6.07 5.44 9.52
CA PRO A 54 -6.69 6.49 10.37
C PRO A 54 -8.00 7.03 9.80
N PRO A 55 -8.12 7.21 8.51
CA PRO A 55 -9.37 7.73 7.89
C PRO A 55 -10.53 6.74 8.06
N PRO A 56 -11.75 7.21 8.03
CA PRO A 56 -12.95 6.33 8.17
C PRO A 56 -12.94 5.18 7.15
N ASP A 57 -12.15 5.34 6.09
CA ASP A 57 -12.06 4.32 5.05
C ASP A 57 -13.42 4.10 4.39
N GLN A 58 -13.42 3.50 3.20
CA GLN A 58 -14.66 3.25 2.47
C GLN A 58 -14.38 2.55 1.13
N SER A 59 -13.98 3.34 0.14
CA SER A 59 -13.70 2.79 -1.19
C SER A 59 -12.53 1.81 -1.13
N CYS A 60 -11.59 2.08 -0.23
CA CYS A 60 -10.43 1.22 -0.07
C CYS A 60 -10.84 -0.20 0.32
N LEU A 61 -12.01 -0.30 0.93
CA LEU A 61 -12.52 -1.60 1.36
C LEU A 61 -12.77 -2.48 0.15
N LEU A 62 -13.21 -1.88 -0.95
CA LEU A 62 -13.49 -2.65 -2.17
C LEU A 62 -12.19 -3.09 -2.85
N LEU A 63 -11.18 -2.22 -2.83
CA LEU A 63 -9.91 -2.53 -3.47
C LEU A 63 -9.27 -3.76 -2.81
N LEU A 64 -9.24 -3.77 -1.49
CA LEU A 64 -8.65 -4.89 -0.76
C LEU A 64 -9.44 -6.17 -1.04
N GLN A 65 -10.76 -6.06 -1.05
CA GLN A 65 -11.62 -7.22 -1.28
C GLN A 65 -11.37 -7.79 -2.67
N HIS A 66 -11.18 -6.91 -3.65
CA HIS A 66 -10.94 -7.35 -5.01
C HIS A 66 -9.72 -8.26 -5.08
N LEU A 67 -8.59 -7.78 -4.58
CA LEU A 67 -7.37 -8.59 -4.60
C LEU A 67 -7.60 -9.93 -3.93
N ARG A 68 -8.39 -9.93 -2.85
CA ARG A 68 -8.68 -11.15 -2.12
C ARG A 68 -9.48 -12.14 -2.98
N GLU A 69 -10.43 -11.61 -3.74
CA GLU A 69 -11.26 -12.45 -4.61
C GLU A 69 -10.45 -13.05 -5.76
N HIS A 70 -9.55 -12.25 -6.33
CA HIS A 70 -8.75 -12.71 -7.45
C HIS A 70 -7.36 -13.11 -6.97
N GLN A 71 -7.17 -13.15 -5.66
CA GLN A 71 -5.88 -13.52 -5.09
C GLN A 71 -5.41 -14.86 -5.66
N ALA A 72 -6.36 -15.62 -6.21
CA ALA A 72 -6.03 -16.91 -6.78
C ALA A 72 -5.60 -16.77 -8.24
N ASP A 73 -4.35 -17.17 -8.53
CA ASP A 73 -3.80 -17.13 -9.88
C ASP A 73 -2.76 -16.01 -10.08
N PRO A 74 -2.96 -14.84 -9.52
CA PRO A 74 -1.98 -13.73 -9.66
C PRO A 74 -0.85 -13.81 -8.64
N HIS A 75 -0.20 -12.69 -8.39
CA HIS A 75 0.88 -12.65 -7.43
C HIS A 75 0.50 -11.73 -6.26
N PRO A 76 -0.10 -12.30 -5.24
CA PRO A 76 -0.55 -11.53 -4.05
C PRO A 76 0.50 -10.52 -3.57
N PRO A 77 0.24 -9.25 -3.75
CA PRO A 77 1.19 -8.19 -3.33
C PRO A 77 1.17 -7.98 -1.82
N LEU A 78 2.29 -7.54 -1.26
CA LEU A 78 2.39 -7.30 0.18
C LEU A 78 1.65 -6.01 0.53
N VAL A 79 0.93 -6.01 1.65
CA VAL A 79 0.19 -4.81 2.04
C VAL A 79 0.58 -4.33 3.43
N LEU A 80 0.90 -3.05 3.53
CA LEU A 80 1.28 -2.43 4.79
C LEU A 80 0.25 -1.36 5.18
N PHE A 81 -0.18 -1.36 6.44
CA PHE A 81 -1.16 -0.39 6.90
C PHE A 81 -0.59 0.53 7.97
N LEU A 82 -0.90 1.83 7.86
CA LEU A 82 -0.43 2.81 8.84
C LEU A 82 -1.53 3.14 9.84
N GLY A 83 -1.11 3.58 11.03
CA GLY A 83 -2.06 3.95 12.08
C GLY A 83 -2.50 2.72 12.88
N GLU A 84 -3.80 2.59 13.09
CA GLU A 84 -4.34 1.46 13.85
C GLU A 84 -4.59 0.25 12.96
N PRO A 85 -4.52 -0.93 13.50
CA PRO A 85 -4.76 -2.20 12.74
C PRO A 85 -6.19 -2.30 12.23
N PRO A 86 -6.43 -3.21 11.32
CA PRO A 86 -7.78 -3.44 10.74
C PRO A 86 -8.79 -3.88 11.78
N VAL A 87 -10.07 -3.72 11.47
CA VAL A 87 -11.13 -4.12 12.38
C VAL A 87 -11.56 -5.56 12.10
N ASP A 88 -10.67 -6.33 11.50
CA ASP A 88 -10.95 -7.72 11.19
C ASP A 88 -9.66 -8.49 10.94
N PRO A 89 -9.59 -9.72 11.39
CA PRO A 89 -8.37 -10.57 11.23
C PRO A 89 -8.11 -10.99 9.79
N LEU A 90 -9.11 -10.85 8.93
CA LEU A 90 -8.96 -11.23 7.53
C LEU A 90 -8.01 -10.26 6.83
N LEU A 91 -8.08 -8.99 7.24
CA LEU A 91 -7.20 -7.98 6.66
C LEU A 91 -5.80 -8.14 7.23
N THR A 92 -5.73 -8.60 8.48
CA THR A 92 -4.45 -8.81 9.13
C THR A 92 -3.66 -9.91 8.40
N ALA A 93 -4.34 -11.00 8.06
CA ALA A 93 -3.69 -12.10 7.35
C ALA A 93 -3.22 -11.63 5.98
N GLN A 94 -4.06 -10.83 5.33
CA GLN A 94 -3.74 -10.29 4.02
C GLN A 94 -2.67 -9.20 4.15
N ALA A 95 -2.68 -8.53 5.30
CA ALA A 95 -1.72 -7.47 5.55
C ALA A 95 -0.31 -8.02 5.69
N SER A 96 0.65 -7.30 5.14
CA SER A 96 2.04 -7.71 5.21
C SER A 96 2.68 -7.19 6.49
N ALA A 97 2.17 -6.06 6.97
CA ALA A 97 2.69 -5.45 8.19
C ALA A 97 1.80 -4.30 8.62
N ILE A 98 2.02 -3.81 9.84
CA ILE A 98 1.23 -2.71 10.36
C ILE A 98 2.05 -1.89 11.34
N LEU A 99 2.35 -0.66 10.97
CA LEU A 99 3.13 0.21 11.83
C LEU A 99 2.23 1.28 12.46
N SER A 100 2.42 1.50 13.75
CA SER A 100 1.62 2.49 14.46
C SER A 100 1.96 3.90 14.00
N LYS A 101 3.04 4.44 14.53
CA LYS A 101 3.46 5.79 14.16
C LYS A 101 4.64 5.74 13.19
N PRO A 102 4.55 6.42 12.08
CA PRO A 102 5.65 6.42 11.07
C PRO A 102 6.89 7.14 11.58
N LEU A 103 8.05 6.61 11.22
CA LEU A 103 9.32 7.18 11.64
C LEU A 103 10.46 6.39 11.00
N ASP A 104 11.48 7.11 10.55
CA ASP A 104 12.62 6.46 9.91
C ASP A 104 12.17 5.63 8.70
N PRO A 105 11.82 6.27 7.62
CA PRO A 105 11.37 5.56 6.38
C PRO A 105 12.33 4.44 5.98
N GLN A 106 13.44 4.36 6.71
CA GLN A 106 14.46 3.36 6.43
C GLN A 106 13.97 1.95 6.78
N LEU A 107 13.09 1.86 7.77
CA LEU A 107 12.56 0.57 8.17
C LEU A 107 11.69 0.01 7.05
N LEU A 108 10.83 0.85 6.47
CA LEU A 108 9.98 0.43 5.38
C LEU A 108 10.83 -0.09 4.23
N LEU A 109 11.92 0.61 3.97
CA LEU A 109 12.83 0.21 2.89
C LEU A 109 13.41 -1.17 3.18
N THR A 110 13.76 -1.41 4.45
CA THR A 110 14.31 -2.69 4.84
C THR A 110 13.32 -3.81 4.53
N THR A 111 12.04 -3.56 4.78
CA THR A 111 11.02 -4.58 4.50
C THR A 111 11.01 -4.91 3.01
N LEU A 112 11.13 -3.89 2.17
CA LEU A 112 11.13 -4.11 0.73
C LEU A 112 12.35 -4.95 0.31
N GLN A 113 13.50 -4.61 0.87
CA GLN A 113 14.73 -5.33 0.57
C GLN A 113 14.69 -6.77 1.06
N GLY A 114 14.03 -6.98 2.18
CA GLY A 114 13.93 -8.32 2.77
C GLY A 114 13.28 -9.31 1.80
N LEU A 115 12.99 -8.87 0.58
CA LEU A 115 12.37 -9.76 -0.41
C LEU A 115 13.44 -10.62 -1.08
N CYS A 116 14.66 -10.09 -1.17
CA CYS A 116 15.77 -10.81 -1.78
C CYS A 116 15.51 -11.10 -3.25
N PRO A 117 15.37 -10.06 -4.04
CA PRO A 117 15.14 -10.18 -5.50
C PRO A 117 16.46 -10.29 -6.25
N PRO A 118 16.71 -11.39 -6.93
CA PRO A 118 17.96 -11.61 -7.68
C PRO A 118 17.91 -11.03 -9.10
N ASN A 119 19.07 -10.60 -9.61
CA ASN A 119 19.13 -10.04 -10.96
C ASN A 119 19.40 -11.15 -11.98
N ALA A 1 13.03 1.09 -8.90
CA ALA A 1 12.71 0.43 -10.19
C ALA A 1 11.25 -0.02 -10.18
N GLY A 2 10.86 -0.69 -9.10
CA GLY A 2 9.48 -1.17 -8.95
C GLY A 2 8.55 -0.02 -8.60
N HIS A 3 7.30 -0.12 -9.06
CA HIS A 3 6.31 0.93 -8.80
C HIS A 3 5.47 0.59 -7.57
N ILE A 4 5.21 1.60 -6.75
CA ILE A 4 4.39 1.42 -5.55
C ILE A 4 3.09 2.20 -5.66
N LEU A 5 2.01 1.65 -5.10
CA LEU A 5 0.71 2.32 -5.16
C LEU A 5 0.34 2.88 -3.79
N LEU A 6 -0.14 4.12 -3.77
CA LEU A 6 -0.53 4.76 -2.52
C LEU A 6 -1.94 5.34 -2.65
N LEU A 7 -2.87 4.82 -1.84
CA LEU A 7 -4.23 5.33 -1.86
C LEU A 7 -4.51 6.09 -0.56
N GLU A 8 -4.85 7.36 -0.68
CA GLU A 8 -5.11 8.18 0.52
C GLU A 8 -5.95 9.40 0.19
N GLU A 9 -6.68 9.88 1.18
CA GLU A 9 -7.51 11.07 1.02
C GLU A 9 -6.98 12.22 1.85
N GLU A 10 -7.00 13.42 1.26
CA GLU A 10 -6.51 14.63 1.93
C GLU A 10 -5.17 15.05 1.35
N ASP A 11 -5.15 16.22 0.72
CA ASP A 11 -3.93 16.73 0.12
C ASP A 11 -2.83 16.92 1.17
N GLU A 12 -3.22 17.36 2.36
CA GLU A 12 -2.26 17.57 3.43
C GLU A 12 -1.64 16.26 3.90
N ALA A 13 -2.48 15.28 4.20
CA ALA A 13 -2.00 13.98 4.65
C ALA A 13 -1.23 13.28 3.56
N ALA A 14 -1.72 13.42 2.33
CA ALA A 14 -1.07 12.78 1.19
C ALA A 14 0.27 13.44 0.89
N THR A 15 0.33 14.76 1.04
CA THR A 15 1.57 15.47 0.78
C THR A 15 2.67 15.02 1.75
N VAL A 16 2.32 14.90 3.02
CA VAL A 16 3.29 14.49 4.03
C VAL A 16 3.90 13.13 3.65
N VAL A 17 3.04 12.15 3.42
CA VAL A 17 3.50 10.82 3.04
C VAL A 17 4.29 10.88 1.74
N CYS A 18 3.80 11.67 0.79
CA CYS A 18 4.47 11.80 -0.51
C CYS A 18 5.91 12.23 -0.31
N GLU A 19 6.13 13.19 0.58
CA GLU A 19 7.48 13.68 0.84
C GLU A 19 8.34 12.54 1.36
N MET A 20 7.74 11.68 2.18
CA MET A 20 8.46 10.54 2.74
C MET A 20 8.81 9.53 1.64
N LEU A 21 7.81 9.14 0.85
CA LEU A 21 8.04 8.20 -0.23
C LEU A 21 8.90 8.84 -1.32
N THR A 22 8.58 10.10 -1.65
CA THR A 22 9.33 10.81 -2.66
C THR A 22 10.81 10.86 -2.28
N ALA A 23 11.07 11.11 -1.01
CA ALA A 23 12.44 11.16 -0.51
C ALA A 23 13.10 9.80 -0.61
N ALA A 24 12.30 8.75 -0.54
CA ALA A 24 12.82 7.39 -0.62
C ALA A 24 13.45 7.14 -1.98
N GLY A 25 13.13 7.99 -2.95
CA GLY A 25 13.69 7.85 -4.29
C GLY A 25 12.84 6.91 -5.14
N PHE A 26 11.75 6.43 -4.56
CA PHE A 26 10.87 5.51 -5.26
C PHE A 26 9.72 6.27 -5.91
N LYS A 27 9.24 5.73 -7.03
CA LYS A 27 8.14 6.35 -7.75
C LYS A 27 6.82 5.76 -7.29
N VAL A 28 5.92 6.62 -6.82
CA VAL A 28 4.62 6.17 -6.34
C VAL A 28 3.49 6.92 -7.03
N ILE A 29 2.35 6.25 -7.17
CA ILE A 29 1.20 6.86 -7.81
C ILE A 29 0.12 7.15 -6.77
N TRP A 30 -0.32 8.41 -6.71
CA TRP A 30 -1.33 8.79 -5.73
C TRP A 30 -2.73 8.73 -6.32
N LEU A 31 -3.60 7.99 -5.65
CA LEU A 31 -4.99 7.86 -6.09
C LEU A 31 -5.94 8.26 -4.97
N VAL A 32 -7.06 8.89 -5.34
CA VAL A 32 -8.04 9.32 -4.36
C VAL A 32 -9.21 8.34 -4.35
N ASP A 33 -9.10 7.29 -5.15
CA ASP A 33 -10.14 6.27 -5.24
C ASP A 33 -9.52 4.94 -5.66
N GLY A 34 -10.33 3.88 -5.65
CA GLY A 34 -9.83 2.57 -6.02
C GLY A 34 -10.25 2.17 -7.44
N SER A 35 -11.45 2.57 -7.84
CA SER A 35 -11.93 2.23 -9.18
C SER A 35 -10.96 2.68 -10.25
N THR A 36 -10.46 3.91 -10.11
CA THR A 36 -9.50 4.42 -11.09
C THR A 36 -8.24 3.57 -11.07
N ALA A 37 -7.87 3.12 -9.88
CA ALA A 37 -6.68 2.29 -9.72
C ALA A 37 -6.85 0.97 -10.48
N LEU A 38 -8.05 0.42 -10.44
CA LEU A 38 -8.31 -0.84 -11.13
C LEU A 38 -7.99 -0.69 -12.61
N ASP A 39 -8.49 0.39 -13.20
CA ASP A 39 -8.25 0.65 -14.63
C ASP A 39 -6.78 0.87 -14.93
N GLN A 40 -6.10 1.61 -14.05
CA GLN A 40 -4.69 1.90 -14.24
C GLN A 40 -3.79 0.84 -13.62
N LEU A 41 -4.00 0.59 -12.32
CA LEU A 41 -3.20 -0.37 -11.60
C LEU A 41 -3.02 -1.67 -12.38
N ASP A 42 -4.06 -2.11 -13.07
CA ASP A 42 -3.94 -3.34 -13.84
C ASP A 42 -2.78 -3.23 -14.80
N LEU A 43 -2.59 -2.03 -15.35
CA LEU A 43 -1.49 -1.79 -16.28
C LEU A 43 -0.18 -1.61 -15.52
N LEU A 44 -0.26 -1.07 -14.30
CA LEU A 44 0.93 -0.82 -13.49
C LEU A 44 1.53 -2.12 -12.97
N GLN A 45 0.68 -3.07 -12.58
CA GLN A 45 1.17 -4.34 -12.05
C GLN A 45 2.25 -4.08 -11.00
N PRO A 46 1.86 -3.48 -9.89
CA PRO A 46 2.79 -3.14 -8.79
C PRO A 46 3.16 -4.34 -7.91
N ILE A 47 4.26 -4.20 -7.18
CA ILE A 47 4.72 -5.26 -6.29
C ILE A 47 4.26 -5.04 -4.86
N VAL A 48 3.94 -3.78 -4.52
CA VAL A 48 3.48 -3.46 -3.17
C VAL A 48 2.42 -2.36 -3.20
N ILE A 49 1.40 -2.52 -2.36
CA ILE A 49 0.33 -1.52 -2.29
C ILE A 49 0.11 -1.04 -0.87
N LEU A 50 0.25 0.27 -0.67
CA LEU A 50 0.05 0.87 0.65
C LEU A 50 -1.16 1.79 0.63
N MET A 51 -2.02 1.68 1.65
CA MET A 51 -3.21 2.53 1.70
C MET A 51 -3.48 3.03 3.12
N ALA A 52 -3.87 4.29 3.22
CA ALA A 52 -4.16 4.90 4.52
C ALA A 52 -5.43 4.29 5.12
N TRP A 53 -5.46 4.17 6.45
CA TRP A 53 -6.62 3.59 7.12
C TRP A 53 -7.09 4.45 8.31
N PRO A 54 -6.65 5.69 8.43
CA PRO A 54 -7.09 6.56 9.55
C PRO A 54 -8.61 6.59 9.71
N PRO A 55 -9.33 6.73 8.63
CA PRO A 55 -10.81 6.79 8.63
C PRO A 55 -11.46 5.41 8.59
N PRO A 56 -12.73 5.35 8.91
CA PRO A 56 -13.51 4.08 8.90
C PRO A 56 -13.76 3.56 7.48
N ASP A 57 -14.53 4.33 6.72
CA ASP A 57 -14.83 3.96 5.34
C ASP A 57 -13.71 4.37 4.42
N GLN A 58 -13.63 3.70 3.28
CA GLN A 58 -12.58 4.01 2.32
C GLN A 58 -12.75 3.15 1.07
N SER A 59 -12.60 3.78 -0.08
CA SER A 59 -12.73 3.08 -1.36
C SER A 59 -11.69 1.98 -1.49
N CYS A 60 -10.56 2.16 -0.83
CA CYS A 60 -9.49 1.17 -0.88
C CYS A 60 -10.04 -0.21 -0.52
N LEU A 61 -11.25 -0.22 0.05
CA LEU A 61 -11.89 -1.47 0.43
C LEU A 61 -12.17 -2.30 -0.81
N LEU A 62 -12.57 -1.64 -1.89
CA LEU A 62 -12.84 -2.34 -3.14
C LEU A 62 -11.54 -2.81 -3.75
N LEU A 63 -10.50 -2.01 -3.57
CA LEU A 63 -9.17 -2.36 -4.07
C LEU A 63 -8.75 -3.69 -3.48
N LEU A 64 -8.99 -3.86 -2.19
CA LEU A 64 -8.66 -5.10 -1.52
C LEU A 64 -9.44 -6.25 -2.12
N GLN A 65 -10.69 -5.98 -2.50
CA GLN A 65 -11.52 -7.02 -3.10
C GLN A 65 -10.81 -7.59 -4.32
N HIS A 66 -10.21 -6.70 -5.12
CA HIS A 66 -9.49 -7.13 -6.31
C HIS A 66 -8.34 -8.06 -5.92
N LEU A 67 -7.56 -7.64 -4.93
CA LEU A 67 -6.42 -8.44 -4.47
C LEU A 67 -6.88 -9.85 -4.08
N ARG A 68 -8.03 -9.93 -3.43
CA ARG A 68 -8.55 -11.22 -3.02
C ARG A 68 -8.87 -12.07 -4.24
N GLU A 69 -9.33 -11.40 -5.29
CA GLU A 69 -9.67 -12.09 -6.54
C GLU A 69 -8.41 -12.61 -7.23
N HIS A 70 -7.33 -11.84 -7.14
CA HIS A 70 -6.07 -12.23 -7.78
C HIS A 70 -5.07 -12.75 -6.76
N GLN A 71 -5.50 -12.89 -5.51
CA GLN A 71 -4.61 -13.39 -4.45
C GLN A 71 -4.09 -14.77 -4.82
N ALA A 72 -4.63 -15.33 -5.90
CA ALA A 72 -4.22 -16.66 -6.36
C ALA A 72 -2.93 -16.58 -7.16
N ASP A 73 -2.40 -15.36 -7.30
CA ASP A 73 -1.18 -15.16 -8.06
C ASP A 73 0.00 -15.77 -7.30
N PRO A 74 0.96 -16.31 -8.01
CA PRO A 74 2.16 -16.96 -7.39
C PRO A 74 3.04 -15.96 -6.63
N HIS A 75 2.73 -14.67 -6.76
CA HIS A 75 3.51 -13.64 -6.09
C HIS A 75 2.60 -12.72 -5.27
N PRO A 76 2.03 -13.24 -4.21
CA PRO A 76 1.14 -12.46 -3.32
C PRO A 76 1.71 -11.08 -3.00
N PRO A 77 1.15 -10.03 -3.56
CA PRO A 77 1.64 -8.64 -3.30
C PRO A 77 1.54 -8.25 -1.84
N LEU A 78 2.59 -7.61 -1.33
CA LEU A 78 2.62 -7.16 0.05
C LEU A 78 1.85 -5.85 0.20
N VAL A 79 1.12 -5.70 1.29
CA VAL A 79 0.37 -4.48 1.52
C VAL A 79 0.62 -3.92 2.92
N LEU A 80 0.81 -2.61 2.97
CA LEU A 80 1.06 -1.93 4.24
C LEU A 80 -0.04 -0.92 4.52
N PHE A 81 -0.57 -0.93 5.73
CA PHE A 81 -1.64 -0.01 6.09
C PHE A 81 -1.16 1.05 7.07
N LEU A 82 -1.45 2.31 6.75
CA LEU A 82 -1.06 3.43 7.61
C LEU A 82 -2.24 3.88 8.46
N GLY A 83 -1.95 4.34 9.67
CA GLY A 83 -3.01 4.81 10.56
C GLY A 83 -3.40 3.75 11.58
N GLU A 84 -4.71 3.53 11.73
CA GLU A 84 -5.21 2.53 12.68
C GLU A 84 -5.30 1.16 12.01
N PRO A 85 -5.40 0.12 12.80
CA PRO A 85 -5.48 -1.27 12.28
C PRO A 85 -6.89 -1.63 11.79
N PRO A 86 -6.98 -2.53 10.84
CA PRO A 86 -8.29 -2.99 10.29
C PRO A 86 -9.33 -3.28 11.37
N VAL A 87 -10.56 -3.51 10.94
CA VAL A 87 -11.66 -3.80 11.85
C VAL A 87 -11.67 -5.27 12.25
N ASP A 88 -10.68 -6.03 11.79
CA ASP A 88 -10.62 -7.46 12.10
C ASP A 88 -9.21 -7.99 11.84
N PRO A 89 -8.84 -9.03 12.55
CA PRO A 89 -7.49 -9.66 12.42
C PRO A 89 -7.31 -10.39 11.09
N LEU A 90 -8.41 -10.51 10.34
CA LEU A 90 -8.36 -11.19 9.05
C LEU A 90 -7.57 -10.35 8.05
N LEU A 91 -7.69 -9.04 8.17
CA LEU A 91 -6.97 -8.14 7.28
C LEU A 91 -5.51 -8.07 7.70
N THR A 92 -5.29 -8.11 9.01
CA THR A 92 -3.94 -8.06 9.55
C THR A 92 -3.14 -9.27 9.07
N ALA A 93 -3.80 -10.43 9.07
CA ALA A 93 -3.14 -11.65 8.63
C ALA A 93 -2.82 -11.57 7.14
N GLN A 94 -3.74 -11.00 6.37
CA GLN A 94 -3.53 -10.85 4.93
C GLN A 94 -2.56 -9.72 4.64
N ALA A 95 -2.52 -8.73 5.53
CA ALA A 95 -1.63 -7.59 5.35
C ALA A 95 -0.17 -8.00 5.53
N SER A 96 0.73 -7.26 4.90
CA SER A 96 2.15 -7.55 5.02
C SER A 96 2.70 -6.89 6.26
N ALA A 97 2.13 -5.74 6.62
CA ALA A 97 2.56 -5.01 7.80
C ALA A 97 1.65 -3.82 8.05
N ILE A 98 1.52 -3.42 9.32
CA ILE A 98 0.67 -2.28 9.66
C ILE A 98 1.39 -1.34 10.62
N LEU A 99 1.42 -0.05 10.25
CA LEU A 99 2.07 0.95 11.08
C LEU A 99 1.03 1.80 11.81
N SER A 100 1.46 2.45 12.89
CA SER A 100 0.58 3.30 13.68
C SER A 100 1.41 4.14 14.64
N LYS A 101 2.72 4.09 14.44
CA LYS A 101 3.66 4.84 15.26
C LYS A 101 4.66 5.56 14.37
N PRO A 102 4.38 6.78 14.02
CA PRO A 102 5.27 7.59 13.13
C PRO A 102 6.73 7.54 13.56
N LEU A 103 7.62 7.64 12.57
CA LEU A 103 9.08 7.59 12.79
C LEU A 103 9.61 6.20 12.49
N ASP A 104 10.94 6.06 12.50
CA ASP A 104 11.57 4.78 12.22
C ASP A 104 11.24 4.29 10.82
N PRO A 105 11.65 5.03 9.82
CA PRO A 105 11.42 4.67 8.40
C PRO A 105 12.11 3.38 7.99
N GLN A 106 12.95 2.86 8.88
CA GLN A 106 13.68 1.63 8.61
C GLN A 106 12.71 0.45 8.59
N LEU A 107 11.64 0.54 9.36
CA LEU A 107 10.65 -0.52 9.41
C LEU A 107 9.95 -0.63 8.06
N LEU A 108 9.60 0.53 7.50
CA LEU A 108 8.95 0.57 6.19
C LEU A 108 9.81 -0.12 5.15
N LEU A 109 11.11 0.17 5.17
CA LEU A 109 12.03 -0.43 4.23
C LEU A 109 12.03 -1.95 4.37
N THR A 110 11.95 -2.42 5.61
CA THR A 110 11.94 -3.85 5.87
C THR A 110 10.79 -4.53 5.14
N THR A 111 9.63 -3.88 5.14
CA THR A 111 8.46 -4.45 4.47
C THR A 111 8.72 -4.58 2.98
N LEU A 112 9.26 -3.52 2.38
CA LEU A 112 9.56 -3.55 0.94
C LEU A 112 10.67 -4.57 0.66
N GLN A 113 11.66 -4.61 1.54
CA GLN A 113 12.78 -5.54 1.39
C GLN A 113 12.30 -6.98 1.53
N GLY A 114 11.15 -7.16 2.18
CA GLY A 114 10.59 -8.48 2.41
C GLY A 114 10.66 -9.34 1.15
N LEU A 115 11.14 -8.76 0.06
CA LEU A 115 11.26 -9.50 -1.20
C LEU A 115 12.56 -10.29 -1.22
N CYS A 116 13.66 -9.60 -1.43
CA CYS A 116 14.98 -10.24 -1.47
C CYS A 116 15.02 -11.36 -2.50
N PRO A 117 14.81 -11.03 -3.74
CA PRO A 117 14.86 -12.02 -4.84
C PRO A 117 16.30 -12.33 -5.25
N PRO A 118 16.73 -13.56 -5.08
CA PRO A 118 18.11 -13.97 -5.42
C PRO A 118 18.27 -14.32 -6.90
N ASN A 119 19.44 -13.99 -7.45
CA ASN A 119 19.72 -14.28 -8.85
C ASN A 119 20.33 -15.66 -9.00
N ALA A 1 14.74 0.43 -8.33
CA ALA A 1 14.07 0.77 -7.04
C ALA A 1 12.73 0.03 -6.97
N GLY A 2 11.71 0.59 -7.62
CA GLY A 2 10.39 -0.02 -7.62
C GLY A 2 9.30 1.03 -7.51
N HIS A 3 8.12 0.71 -8.04
CA HIS A 3 6.99 1.64 -8.00
C HIS A 3 6.11 1.36 -6.78
N ILE A 4 5.69 2.41 -6.10
CA ILE A 4 4.84 2.25 -4.91
C ILE A 4 3.47 2.89 -5.12
N LEU A 5 2.42 2.18 -4.73
CA LEU A 5 1.06 2.69 -4.87
C LEU A 5 0.50 3.04 -3.49
N LEU A 6 -0.02 4.26 -3.36
CA LEU A 6 -0.57 4.69 -2.07
C LEU A 6 -2.00 5.22 -2.21
N LEU A 7 -2.90 4.67 -1.39
CA LEU A 7 -4.29 5.10 -1.40
C LEU A 7 -4.60 5.90 -0.14
N GLU A 8 -4.84 7.20 -0.30
CA GLU A 8 -5.13 8.04 0.86
C GLU A 8 -5.84 9.33 0.43
N GLU A 9 -6.56 9.93 1.37
CA GLU A 9 -7.27 11.18 1.10
C GLU A 9 -6.43 12.37 1.58
N GLU A 10 -6.68 13.54 0.99
CA GLU A 10 -5.94 14.75 1.34
C GLU A 10 -4.51 14.66 0.80
N ASP A 11 -4.16 15.61 -0.07
CA ASP A 11 -2.83 15.63 -0.65
C ASP A 11 -1.76 15.83 0.42
N GLU A 12 -2.10 16.56 1.48
CA GLU A 12 -1.15 16.83 2.55
C GLU A 12 -0.77 15.54 3.28
N ALA A 13 -1.75 14.67 3.52
CA ALA A 13 -1.47 13.42 4.20
C ALA A 13 -0.68 12.47 3.32
N ALA A 14 -1.11 12.35 2.07
CA ALA A 14 -0.44 11.47 1.11
C ALA A 14 1.00 11.94 0.91
N THR A 15 1.18 13.26 0.93
CA THR A 15 2.50 13.84 0.73
C THR A 15 3.44 13.41 1.85
N VAL A 16 2.96 13.46 3.09
CA VAL A 16 3.80 13.08 4.24
C VAL A 16 4.34 11.67 4.04
N VAL A 17 3.44 10.73 3.78
CA VAL A 17 3.87 9.35 3.56
C VAL A 17 4.81 9.26 2.36
N CYS A 18 4.45 9.97 1.30
CA CYS A 18 5.24 9.98 0.08
C CYS A 18 6.58 10.66 0.31
N GLU A 19 6.61 11.64 1.22
CA GLU A 19 7.84 12.36 1.50
C GLU A 19 8.90 11.39 2.04
N MET A 20 8.50 10.53 2.96
CA MET A 20 9.45 9.57 3.53
C MET A 20 9.88 8.58 2.43
N LEU A 21 8.91 8.11 1.66
CA LEU A 21 9.20 7.19 0.57
C LEU A 21 10.00 7.88 -0.52
N THR A 22 9.59 9.10 -0.85
CA THR A 22 10.31 9.87 -1.86
C THR A 22 11.77 10.00 -1.48
N ALA A 23 12.00 10.25 -0.19
CA ALA A 23 13.36 10.38 0.33
C ALA A 23 14.12 9.08 0.15
N ALA A 24 13.41 7.96 0.24
CA ALA A 24 14.04 6.66 0.09
C ALA A 24 14.41 6.40 -1.37
N GLY A 25 14.00 7.30 -2.25
CA GLY A 25 14.31 7.16 -3.68
C GLY A 25 13.21 6.42 -4.44
N PHE A 26 12.17 6.00 -3.75
CA PHE A 26 11.07 5.29 -4.39
C PHE A 26 9.98 6.26 -4.86
N LYS A 27 9.31 5.91 -5.96
CA LYS A 27 8.25 6.75 -6.50
C LYS A 27 6.90 6.37 -5.92
N VAL A 28 6.16 7.36 -5.43
CA VAL A 28 4.85 7.10 -4.84
C VAL A 28 3.74 7.78 -5.63
N ILE A 29 2.65 7.07 -5.84
CA ILE A 29 1.51 7.61 -6.58
C ILE A 29 0.34 7.86 -5.63
N TRP A 30 -0.19 9.07 -5.63
CA TRP A 30 -1.30 9.42 -4.75
C TRP A 30 -2.65 9.26 -5.45
N LEU A 31 -3.45 8.30 -4.97
CA LEU A 31 -4.76 8.04 -5.56
C LEU A 31 -5.87 8.33 -4.53
N VAL A 32 -7.01 8.83 -5.03
CA VAL A 32 -8.14 9.14 -4.17
C VAL A 32 -9.33 8.25 -4.53
N ASP A 33 -9.08 7.24 -5.37
CA ASP A 33 -10.14 6.34 -5.79
C ASP A 33 -9.56 4.94 -6.08
N GLY A 34 -10.16 3.92 -5.47
CA GLY A 34 -9.70 2.55 -5.66
C GLY A 34 -9.80 2.12 -7.12
N SER A 35 -10.87 2.55 -7.79
CA SER A 35 -11.07 2.18 -9.20
C SER A 35 -9.90 2.66 -10.06
N THR A 36 -9.39 3.84 -9.76
CA THR A 36 -8.26 4.40 -10.50
C THR A 36 -7.02 3.54 -10.34
N ALA A 37 -6.80 3.06 -9.13
CA ALA A 37 -5.64 2.23 -8.85
C ALA A 37 -5.68 0.95 -9.67
N LEU A 38 -6.86 0.34 -9.77
CA LEU A 38 -7.00 -0.89 -10.55
C LEU A 38 -6.59 -0.67 -12.00
N ASP A 39 -7.04 0.45 -12.55
CA ASP A 39 -6.74 0.77 -13.95
C ASP A 39 -5.24 0.97 -14.17
N GLN A 40 -4.57 1.59 -13.20
CA GLN A 40 -3.14 1.85 -13.30
C GLN A 40 -2.34 0.69 -12.72
N LEU A 41 -2.71 0.28 -11.51
CA LEU A 41 -2.02 -0.82 -10.82
C LEU A 41 -1.81 -2.00 -11.75
N ASP A 42 -2.84 -2.39 -12.49
CA ASP A 42 -2.73 -3.51 -13.41
C ASP A 42 -1.70 -3.21 -14.49
N LEU A 43 -1.73 -1.98 -14.97
CA LEU A 43 -0.80 -1.55 -16.01
C LEU A 43 0.59 -1.28 -15.43
N LEU A 44 0.63 -0.72 -14.23
CA LEU A 44 1.90 -0.40 -13.60
C LEU A 44 2.50 -1.63 -12.92
N GLN A 45 1.66 -2.43 -12.27
CA GLN A 45 2.13 -3.63 -11.58
C GLN A 45 3.23 -3.27 -10.60
N PRO A 46 2.85 -2.68 -9.49
CA PRO A 46 3.80 -2.24 -8.42
C PRO A 46 4.35 -3.42 -7.60
N ILE A 47 5.41 -3.17 -6.85
CA ILE A 47 6.01 -4.21 -6.02
C ILE A 47 5.41 -4.17 -4.62
N VAL A 48 4.95 -2.99 -4.20
CA VAL A 48 4.36 -2.83 -2.89
C VAL A 48 3.18 -1.86 -2.97
N ILE A 49 2.10 -2.19 -2.26
CA ILE A 49 0.92 -1.35 -2.27
C ILE A 49 0.63 -0.79 -0.88
N LEU A 50 0.43 0.52 -0.82
CA LEU A 50 0.12 1.18 0.45
C LEU A 50 -1.34 1.58 0.48
N MET A 51 -2.04 1.24 1.55
CA MET A 51 -3.46 1.56 1.64
C MET A 51 -3.86 2.00 3.04
N ALA A 52 -4.69 3.04 3.11
CA ALA A 52 -5.20 3.55 4.37
C ALA A 52 -6.14 2.52 4.99
N TRP A 53 -6.26 2.52 6.31
CA TRP A 53 -7.14 1.57 6.97
C TRP A 53 -8.46 2.22 7.42
N PRO A 54 -8.50 3.52 7.55
CA PRO A 54 -9.74 4.22 7.96
C PRO A 54 -10.62 4.52 6.74
N PRO A 55 -11.84 4.03 6.74
CA PRO A 55 -12.78 4.23 5.60
C PRO A 55 -13.35 5.65 5.55
N PRO A 56 -12.99 6.42 4.57
CA PRO A 56 -13.49 7.81 4.39
C PRO A 56 -14.80 7.83 3.63
N ASP A 57 -15.07 6.73 2.92
CA ASP A 57 -16.29 6.59 2.13
C ASP A 57 -16.58 5.11 1.85
N GLN A 58 -15.58 4.27 2.13
CA GLN A 58 -15.67 2.81 1.92
C GLN A 58 -14.95 2.40 0.63
N SER A 59 -14.35 3.37 -0.05
CA SER A 59 -13.65 3.08 -1.30
C SER A 59 -12.44 2.19 -1.05
N CYS A 60 -11.76 2.42 0.06
CA CYS A 60 -10.57 1.63 0.39
C CYS A 60 -10.92 0.16 0.57
N LEU A 61 -12.12 -0.11 1.10
CA LEU A 61 -12.56 -1.47 1.33
C LEU A 61 -12.72 -2.24 0.01
N LEU A 62 -13.10 -1.53 -1.04
CA LEU A 62 -13.27 -2.17 -2.34
C LEU A 62 -11.92 -2.60 -2.90
N LEU A 63 -10.90 -1.77 -2.67
CA LEU A 63 -9.56 -2.07 -3.15
C LEU A 63 -9.06 -3.35 -2.50
N LEU A 64 -9.34 -3.49 -1.20
CA LEU A 64 -8.92 -4.68 -0.45
C LEU A 64 -9.53 -5.94 -1.07
N GLN A 65 -10.80 -5.84 -1.47
CA GLN A 65 -11.48 -6.98 -2.08
C GLN A 65 -10.77 -7.42 -3.35
N HIS A 66 -10.36 -6.45 -4.16
CA HIS A 66 -9.66 -6.74 -5.41
C HIS A 66 -8.41 -7.57 -5.15
N LEU A 67 -7.59 -7.10 -4.21
CA LEU A 67 -6.36 -7.79 -3.86
C LEU A 67 -6.66 -9.24 -3.47
N ARG A 68 -7.76 -9.44 -2.75
CA ARG A 68 -8.14 -10.78 -2.33
C ARG A 68 -8.44 -11.66 -3.53
N GLU A 69 -8.98 -11.05 -4.59
CA GLU A 69 -9.31 -11.80 -5.80
C GLU A 69 -8.06 -12.30 -6.49
N HIS A 70 -7.00 -11.49 -6.46
CA HIS A 70 -5.75 -11.88 -7.09
C HIS A 70 -4.83 -12.62 -6.12
N GLN A 71 -5.27 -12.75 -4.88
CA GLN A 71 -4.47 -13.45 -3.87
C GLN A 71 -4.20 -14.89 -4.30
N ALA A 72 -4.90 -15.35 -5.33
CA ALA A 72 -4.72 -16.71 -5.82
C ALA A 72 -3.55 -16.78 -6.79
N ASP A 73 -2.90 -15.65 -7.03
CA ASP A 73 -1.76 -15.60 -7.94
C ASP A 73 -0.57 -16.32 -7.33
N PRO A 74 0.44 -16.61 -8.12
CA PRO A 74 1.66 -17.30 -7.63
C PRO A 74 2.32 -16.57 -6.47
N HIS A 75 2.63 -15.30 -6.70
CA HIS A 75 3.28 -14.48 -5.68
C HIS A 75 2.63 -13.10 -5.61
N PRO A 76 1.43 -13.02 -5.06
CA PRO A 76 0.70 -11.74 -4.93
C PRO A 76 1.58 -10.63 -4.33
N PRO A 77 1.23 -9.40 -4.55
CA PRO A 77 1.99 -8.23 -4.02
C PRO A 77 1.78 -8.04 -2.53
N LEU A 78 2.78 -7.47 -1.86
CA LEU A 78 2.68 -7.23 -0.43
C LEU A 78 1.81 -6.00 -0.16
N VAL A 79 0.99 -6.08 0.87
CA VAL A 79 0.11 -4.97 1.20
C VAL A 79 0.38 -4.46 2.61
N LEU A 80 0.60 -3.16 2.72
CA LEU A 80 0.85 -2.54 4.02
C LEU A 80 -0.24 -1.51 4.32
N PHE A 81 -0.76 -1.53 5.54
CA PHE A 81 -1.80 -0.59 5.93
C PHE A 81 -1.28 0.43 6.92
N LEU A 82 -1.55 1.71 6.64
CA LEU A 82 -1.09 2.78 7.53
C LEU A 82 -2.23 3.28 8.42
N GLY A 83 -1.92 3.57 9.68
CA GLY A 83 -2.92 4.06 10.61
C GLY A 83 -3.07 3.11 11.81
N GLU A 84 -4.31 2.77 12.13
CA GLU A 84 -4.58 1.87 13.24
C GLU A 84 -4.58 0.42 12.77
N PRO A 85 -4.37 -0.50 13.67
CA PRO A 85 -4.34 -1.95 13.35
C PRO A 85 -5.74 -2.52 13.11
N PRO A 86 -6.00 -2.99 11.91
CA PRO A 86 -7.33 -3.57 11.56
C PRO A 86 -7.79 -4.61 12.58
N VAL A 87 -9.09 -4.63 12.86
CA VAL A 87 -9.63 -5.58 13.83
C VAL A 87 -9.88 -6.93 13.17
N ASP A 88 -9.98 -6.94 11.84
CA ASP A 88 -10.23 -8.19 11.11
C ASP A 88 -8.97 -9.07 11.12
N PRO A 89 -9.10 -10.32 11.51
CA PRO A 89 -7.95 -11.27 11.53
C PRO A 89 -7.54 -11.69 10.13
N LEU A 90 -8.52 -11.73 9.23
CA LEU A 90 -8.28 -12.12 7.85
C LEU A 90 -7.50 -11.05 7.09
N LEU A 91 -7.78 -9.78 7.41
CA LEU A 91 -7.10 -8.69 6.74
C LEU A 91 -5.67 -8.58 7.21
N THR A 92 -5.44 -8.81 8.49
CA THR A 92 -4.09 -8.76 9.03
C THR A 92 -3.22 -9.83 8.38
N ALA A 93 -3.80 -11.02 8.18
CA ALA A 93 -3.07 -12.11 7.56
C ALA A 93 -2.72 -11.77 6.11
N GLN A 94 -3.65 -11.10 5.44
CA GLN A 94 -3.42 -10.70 4.05
C GLN A 94 -2.46 -9.52 3.98
N ALA A 95 -2.47 -8.71 5.03
CA ALA A 95 -1.59 -7.55 5.08
C ALA A 95 -0.13 -7.97 5.22
N SER A 96 0.75 -7.29 4.50
CA SER A 96 2.17 -7.61 4.55
C SER A 96 2.84 -6.91 5.73
N ALA A 97 2.28 -5.76 6.11
CA ALA A 97 2.83 -5.00 7.23
C ALA A 97 1.96 -3.80 7.57
N ILE A 98 1.49 -3.77 8.81
CA ILE A 98 0.65 -2.67 9.26
C ILE A 98 1.52 -1.57 9.88
N LEU A 99 1.40 -0.36 9.37
CA LEU A 99 2.18 0.75 9.89
C LEU A 99 1.33 1.65 10.79
N SER A 100 1.79 1.85 12.01
CA SER A 100 1.06 2.70 12.95
C SER A 100 1.20 4.17 12.57
N LYS A 101 2.33 4.76 12.94
CA LYS A 101 2.59 6.16 12.64
C LYS A 101 4.06 6.36 12.28
N PRO A 102 4.42 7.50 11.74
CA PRO A 102 5.83 7.79 11.38
C PRO A 102 6.75 7.74 12.60
N LEU A 103 7.73 6.84 12.57
CA LEU A 103 8.67 6.71 13.68
C LEU A 103 9.71 5.64 13.38
N ASP A 104 9.26 4.53 12.79
CA ASP A 104 10.17 3.43 12.47
C ASP A 104 9.99 3.00 11.02
N PRO A 105 10.45 3.80 10.10
CA PRO A 105 10.37 3.50 8.65
C PRO A 105 11.32 2.38 8.23
N GLN A 106 11.94 1.76 9.22
CA GLN A 106 12.88 0.67 8.95
C GLN A 106 12.15 -0.58 8.49
N LEU A 107 10.97 -0.79 9.06
CA LEU A 107 10.17 -1.95 8.71
C LEU A 107 9.69 -1.83 7.27
N LEU A 108 9.24 -0.62 6.91
CA LEU A 108 8.74 -0.38 5.55
C LEU A 108 9.83 -0.73 4.52
N LEU A 109 11.03 -0.20 4.75
CA LEU A 109 12.14 -0.46 3.84
C LEU A 109 12.47 -1.95 3.83
N THR A 110 12.34 -2.59 4.99
CA THR A 110 12.62 -4.01 5.10
C THR A 110 11.70 -4.81 4.18
N THR A 111 10.44 -4.38 4.11
CA THR A 111 9.47 -5.06 3.26
C THR A 111 9.90 -5.00 1.80
N LEU A 112 10.28 -3.82 1.33
CA LEU A 112 10.72 -3.66 -0.04
C LEU A 112 12.02 -4.42 -0.29
N GLN A 113 12.95 -4.28 0.64
CA GLN A 113 14.24 -4.95 0.54
C GLN A 113 14.09 -6.46 0.66
N GLY A 114 13.05 -6.91 1.36
CA GLY A 114 12.81 -8.33 1.55
C GLY A 114 12.90 -9.08 0.22
N LEU A 115 12.42 -8.45 -0.85
CA LEU A 115 12.46 -9.09 -2.16
C LEU A 115 13.85 -8.95 -2.77
N CYS A 116 14.47 -7.80 -2.54
CA CYS A 116 15.81 -7.55 -3.07
C CYS A 116 15.88 -7.90 -4.54
N PRO A 117 15.15 -7.20 -5.36
CA PRO A 117 15.14 -7.45 -6.83
C PRO A 117 16.33 -6.78 -7.50
N PRO A 118 17.22 -7.55 -8.09
CA PRO A 118 18.40 -7.00 -8.77
C PRO A 118 18.13 -6.67 -10.24
N ASN A 119 16.92 -6.98 -10.69
CA ASN A 119 16.53 -6.73 -12.07
C ASN A 119 16.00 -5.30 -12.21
N ALA A 1 10.76 -2.67 -12.45
CA ALA A 1 11.75 -1.67 -11.96
C ALA A 1 11.51 -1.42 -10.47
N GLY A 2 10.32 -1.78 -9.99
CA GLY A 2 9.98 -1.57 -8.59
C GLY A 2 9.06 -0.37 -8.43
N HIS A 3 7.83 -0.50 -8.91
CA HIS A 3 6.86 0.59 -8.83
C HIS A 3 6.07 0.49 -7.54
N ILE A 4 5.88 1.63 -6.88
CA ILE A 4 5.14 1.66 -5.62
C ILE A 4 3.81 2.40 -5.80
N LEU A 5 2.74 1.83 -5.26
CA LEU A 5 1.42 2.46 -5.37
C LEU A 5 0.92 2.90 -3.99
N LEU A 6 0.36 4.11 -3.91
CA LEU A 6 -0.14 4.60 -2.63
C LEU A 6 -1.52 5.23 -2.78
N LEU A 7 -2.46 4.73 -1.97
CA LEU A 7 -3.82 5.26 -1.98
C LEU A 7 -4.16 5.82 -0.61
N GLU A 8 -4.62 7.07 -0.56
CA GLU A 8 -4.97 7.69 0.70
C GLU A 8 -5.93 8.86 0.50
N GLU A 9 -6.44 9.39 1.60
CA GLU A 9 -7.37 10.52 1.54
C GLU A 9 -6.69 11.79 2.01
N GLU A 10 -7.29 12.94 1.68
CA GLU A 10 -6.73 14.23 2.07
C GLU A 10 -5.42 14.47 1.35
N ASP A 11 -5.37 15.53 0.55
CA ASP A 11 -4.18 15.88 -0.21
C ASP A 11 -2.98 16.08 0.72
N GLU A 12 -3.23 16.68 1.88
CA GLU A 12 -2.16 16.94 2.82
C GLU A 12 -1.55 15.63 3.35
N ALA A 13 -2.41 14.67 3.65
CA ALA A 13 -1.93 13.38 4.16
C ALA A 13 -1.11 12.66 3.10
N ALA A 14 -1.55 12.76 1.86
CA ALA A 14 -0.85 12.10 0.75
C ALA A 14 0.52 12.75 0.53
N THR A 15 0.57 14.08 0.65
CA THR A 15 1.82 14.80 0.45
C THR A 15 2.86 14.38 1.47
N VAL A 16 2.47 14.31 2.74
CA VAL A 16 3.38 13.93 3.81
C VAL A 16 3.98 12.55 3.53
N VAL A 17 3.11 11.57 3.30
CA VAL A 17 3.55 10.21 3.05
C VAL A 17 4.42 10.15 1.80
N CYS A 18 4.01 10.86 0.75
CA CYS A 18 4.77 10.89 -0.49
C CYS A 18 6.19 11.36 -0.22
N GLU A 19 6.32 12.31 0.70
CA GLU A 19 7.63 12.84 1.06
C GLU A 19 8.49 11.73 1.65
N MET A 20 7.89 10.88 2.47
CA MET A 20 8.62 9.79 3.09
C MET A 20 9.12 8.79 2.05
N LEU A 21 8.22 8.35 1.18
CA LEU A 21 8.60 7.40 0.13
C LEU A 21 9.47 8.09 -0.92
N THR A 22 9.06 9.29 -1.33
CA THR A 22 9.83 10.03 -2.31
C THR A 22 11.27 10.23 -1.81
N ALA A 23 11.39 10.56 -0.53
CA ALA A 23 12.70 10.77 0.06
C ALA A 23 13.46 9.45 0.17
N ALA A 24 12.72 8.34 0.23
CA ALA A 24 13.34 7.02 0.34
C ALA A 24 14.01 6.62 -0.98
N GLY A 25 13.75 7.38 -2.03
CA GLY A 25 14.35 7.10 -3.33
C GLY A 25 13.43 6.24 -4.21
N PHE A 26 12.29 5.84 -3.64
CA PHE A 26 11.34 5.03 -4.39
C PHE A 26 10.27 5.91 -5.02
N LYS A 27 9.75 5.46 -6.16
CA LYS A 27 8.71 6.21 -6.84
C LYS A 27 7.34 5.72 -6.42
N VAL A 28 6.48 6.65 -6.00
CA VAL A 28 5.14 6.30 -5.55
C VAL A 28 4.09 7.11 -6.30
N ILE A 29 2.97 6.47 -6.62
CA ILE A 29 1.89 7.15 -7.31
C ILE A 29 0.77 7.47 -6.33
N TRP A 30 0.27 8.69 -6.39
CA TRP A 30 -0.79 9.12 -5.48
C TRP A 30 -2.17 8.87 -6.08
N LEU A 31 -2.90 7.95 -5.47
CA LEU A 31 -4.25 7.62 -5.92
C LEU A 31 -5.27 8.07 -4.89
N VAL A 32 -6.37 8.64 -5.35
CA VAL A 32 -7.41 9.12 -4.45
C VAL A 32 -8.67 8.26 -4.56
N ASP A 33 -8.57 7.16 -5.30
CA ASP A 33 -9.71 6.27 -5.47
C ASP A 33 -9.23 4.83 -5.68
N GLY A 34 -9.82 3.91 -4.93
CA GLY A 34 -9.44 2.50 -5.03
C GLY A 34 -9.75 1.92 -6.40
N SER A 35 -10.93 2.22 -6.92
CA SER A 35 -11.33 1.70 -8.23
C SER A 35 -10.39 2.18 -9.33
N THR A 36 -10.06 3.46 -9.29
CA THR A 36 -9.17 4.03 -10.28
C THR A 36 -7.79 3.40 -10.16
N ALA A 37 -7.39 3.11 -8.93
CA ALA A 37 -6.10 2.50 -8.67
C ALA A 37 -5.99 1.15 -9.37
N LEU A 38 -7.05 0.37 -9.29
CA LEU A 38 -7.06 -0.95 -9.93
C LEU A 38 -6.85 -0.84 -11.43
N ASP A 39 -7.58 0.07 -12.07
CA ASP A 39 -7.47 0.24 -13.52
C ASP A 39 -6.08 0.72 -13.90
N GLN A 40 -5.51 1.61 -13.08
CA GLN A 40 -4.18 2.14 -13.37
C GLN A 40 -3.10 1.17 -12.87
N LEU A 41 -3.31 0.65 -11.66
CA LEU A 41 -2.36 -0.28 -11.06
C LEU A 41 -1.98 -1.39 -12.03
N ASP A 42 -2.94 -1.83 -12.84
CA ASP A 42 -2.66 -2.90 -13.78
C ASP A 42 -1.47 -2.53 -14.65
N LEU A 43 -1.41 -1.27 -15.05
CA LEU A 43 -0.31 -0.78 -15.88
C LEU A 43 0.93 -0.54 -15.02
N LEU A 44 0.71 -0.23 -13.74
CA LEU A 44 1.82 0.04 -12.82
C LEU A 44 2.57 -1.24 -12.45
N GLN A 45 1.83 -2.34 -12.26
CA GLN A 45 2.46 -3.59 -11.88
C GLN A 45 3.46 -3.35 -10.76
N PRO A 46 2.97 -2.91 -9.63
CA PRO A 46 3.82 -2.60 -8.44
C PRO A 46 4.14 -3.84 -7.61
N ILE A 47 5.27 -3.80 -6.92
CA ILE A 47 5.68 -4.92 -6.07
C ILE A 47 5.20 -4.70 -4.65
N VAL A 48 4.87 -3.46 -4.31
CA VAL A 48 4.40 -3.14 -2.96
C VAL A 48 3.34 -2.03 -3.02
N ILE A 49 2.28 -2.19 -2.22
CA ILE A 49 1.21 -1.20 -2.18
C ILE A 49 0.95 -0.74 -0.76
N LEU A 50 1.06 0.56 -0.53
CA LEU A 50 0.80 1.12 0.79
C LEU A 50 -0.50 1.93 0.76
N MET A 51 -1.36 1.74 1.74
CA MET A 51 -2.61 2.48 1.77
C MET A 51 -3.04 2.84 3.19
N ALA A 52 -3.44 4.09 3.37
CA ALA A 52 -3.90 4.58 4.66
C ALA A 52 -5.20 3.87 5.03
N TRP A 53 -5.48 3.76 6.33
CA TRP A 53 -6.70 3.12 6.78
C TRP A 53 -7.59 4.10 7.54
N PRO A 54 -8.33 4.91 6.81
CA PRO A 54 -9.25 5.91 7.40
C PRO A 54 -10.68 5.38 7.52
N PRO A 55 -11.17 5.23 8.73
CA PRO A 55 -12.55 4.73 8.96
C PRO A 55 -13.61 5.55 8.20
N PRO A 56 -13.48 6.85 8.19
CA PRO A 56 -14.45 7.73 7.47
C PRO A 56 -14.63 7.29 6.04
N ASP A 57 -13.83 6.30 5.63
CA ASP A 57 -13.88 5.79 4.28
C ASP A 57 -13.49 4.31 4.23
N GLN A 58 -14.39 3.46 4.71
CA GLN A 58 -14.16 2.01 4.73
C GLN A 58 -14.03 1.47 3.31
N SER A 59 -13.98 2.38 2.34
CA SER A 59 -13.87 1.99 0.94
C SER A 59 -12.61 1.16 0.71
N CYS A 60 -11.60 1.39 1.52
CA CYS A 60 -10.34 0.65 1.37
C CYS A 60 -10.59 -0.85 1.47
N LEU A 61 -11.69 -1.22 2.11
CA LEU A 61 -12.04 -2.64 2.27
C LEU A 61 -12.29 -3.27 0.91
N LEU A 62 -12.83 -2.48 -0.02
CA LEU A 62 -13.12 -2.98 -1.35
C LEU A 62 -11.84 -3.24 -2.12
N LEU A 63 -10.83 -2.40 -1.90
CA LEU A 63 -9.54 -2.58 -2.58
C LEU A 63 -8.94 -3.92 -2.17
N LEU A 64 -9.01 -4.23 -0.88
CA LEU A 64 -8.49 -5.49 -0.37
C LEU A 64 -9.21 -6.66 -1.04
N GLN A 65 -10.51 -6.48 -1.27
CA GLN A 65 -11.31 -7.53 -1.89
C GLN A 65 -10.77 -7.87 -3.28
N HIS A 66 -10.43 -6.84 -4.05
CA HIS A 66 -9.89 -7.05 -5.39
C HIS A 66 -8.62 -7.89 -5.33
N LEU A 67 -7.69 -7.49 -4.47
CA LEU A 67 -6.44 -8.22 -4.33
C LEU A 67 -6.71 -9.69 -4.01
N ARG A 68 -7.71 -9.93 -3.17
CA ARG A 68 -8.06 -11.29 -2.79
C ARG A 68 -8.52 -12.06 -4.02
N GLU A 69 -9.17 -11.35 -4.95
CA GLU A 69 -9.65 -11.98 -6.18
C GLU A 69 -8.48 -12.42 -7.04
N HIS A 70 -7.39 -11.65 -6.99
CA HIS A 70 -6.21 -11.96 -7.79
C HIS A 70 -5.12 -12.64 -6.96
N GLN A 71 -5.44 -12.96 -5.71
CA GLN A 71 -4.48 -13.61 -4.84
C GLN A 71 -3.99 -14.91 -5.47
N ALA A 72 -4.57 -15.27 -6.61
CA ALA A 72 -4.18 -16.49 -7.31
C ALA A 72 -2.97 -16.23 -8.20
N ASP A 73 -2.44 -15.01 -8.10
CA ASP A 73 -1.27 -14.64 -8.89
C ASP A 73 -0.03 -15.37 -8.39
N PRO A 74 0.86 -15.72 -9.28
CA PRO A 74 2.10 -16.44 -8.92
C PRO A 74 3.07 -15.61 -8.08
N HIS A 75 2.86 -14.30 -8.05
CA HIS A 75 3.74 -13.41 -7.30
C HIS A 75 2.96 -12.54 -6.34
N PRO A 76 2.38 -13.11 -5.33
CA PRO A 76 1.58 -12.37 -4.31
C PRO A 76 2.32 -11.11 -3.83
N PRO A 77 1.81 -9.94 -4.15
CA PRO A 77 2.44 -8.65 -3.76
C PRO A 77 2.21 -8.28 -2.29
N LEU A 78 3.21 -7.62 -1.70
CA LEU A 78 3.13 -7.20 -0.30
C LEU A 78 2.34 -5.90 -0.19
N VAL A 79 1.56 -5.76 0.88
CA VAL A 79 0.77 -4.55 1.10
C VAL A 79 0.93 -4.06 2.53
N LEU A 80 1.08 -2.76 2.69
CA LEU A 80 1.24 -2.17 4.02
C LEU A 80 0.10 -1.19 4.29
N PHE A 81 -0.47 -1.26 5.50
CA PHE A 81 -1.57 -0.37 5.86
C PHE A 81 -1.21 0.52 7.04
N LEU A 82 -1.47 1.82 6.89
CA LEU A 82 -1.20 2.78 7.95
C LEU A 82 -2.49 3.09 8.71
N GLY A 83 -2.37 3.26 10.02
CA GLY A 83 -3.55 3.57 10.83
C GLY A 83 -3.93 2.39 11.73
N GLU A 84 -5.22 2.15 11.88
CA GLU A 84 -5.70 1.06 12.72
C GLU A 84 -5.76 -0.25 11.92
N PRO A 85 -5.64 -1.37 12.59
CA PRO A 85 -5.67 -2.70 11.93
C PRO A 85 -7.08 -3.11 11.50
N PRO A 86 -7.19 -3.93 10.48
CA PRO A 86 -8.51 -4.40 9.96
C PRO A 86 -9.43 -4.90 11.06
N VAL A 87 -10.72 -5.00 10.74
CA VAL A 87 -11.71 -5.48 11.70
C VAL A 87 -11.77 -7.00 11.68
N ASP A 88 -10.73 -7.61 11.11
CA ASP A 88 -10.65 -9.06 11.03
C ASP A 88 -9.20 -9.49 10.77
N PRO A 89 -8.81 -10.63 11.26
CA PRO A 89 -7.43 -11.15 11.10
C PRO A 89 -7.15 -11.67 9.69
N LEU A 90 -8.19 -11.79 8.88
CA LEU A 90 -8.03 -12.28 7.52
C LEU A 90 -7.32 -11.24 6.66
N LEU A 91 -7.63 -9.97 6.88
CA LEU A 91 -6.99 -8.91 6.12
C LEU A 91 -5.59 -8.67 6.67
N THR A 92 -5.46 -8.73 7.99
CA THR A 92 -4.17 -8.55 8.64
C THR A 92 -3.22 -9.65 8.21
N ALA A 93 -3.75 -10.88 8.13
CA ALA A 93 -2.93 -12.02 7.73
C ALA A 93 -2.47 -11.86 6.29
N GLN A 94 -3.36 -11.31 5.45
CA GLN A 94 -3.03 -11.10 4.04
C GLN A 94 -2.12 -9.88 3.89
N ALA A 95 -2.21 -8.96 4.85
CA ALA A 95 -1.40 -7.75 4.82
C ALA A 95 0.07 -8.07 5.10
N SER A 96 0.97 -7.32 4.47
CA SER A 96 2.40 -7.54 4.67
C SER A 96 2.90 -6.78 5.90
N ALA A 97 2.22 -5.70 6.24
CA ALA A 97 2.62 -4.90 7.40
C ALA A 97 1.57 -3.85 7.74
N ILE A 98 1.54 -3.44 9.00
CA ILE A 98 0.58 -2.44 9.46
C ILE A 98 1.18 -1.62 10.60
N LEU A 99 1.28 -0.31 10.39
CA LEU A 99 1.85 0.55 11.42
C LEU A 99 0.75 1.34 12.13
N SER A 100 0.58 1.07 13.42
CA SER A 100 -0.43 1.76 14.20
C SER A 100 -0.04 3.22 14.41
N LYS A 101 1.25 3.45 14.60
CA LYS A 101 1.77 4.80 14.83
C LYS A 101 3.00 5.05 13.98
N PRO A 102 2.85 5.66 12.83
CA PRO A 102 3.99 5.96 11.93
C PRO A 102 5.16 6.60 12.66
N LEU A 103 6.35 6.09 12.40
CA LEU A 103 7.56 6.61 13.05
C LEU A 103 8.79 5.92 12.49
N ASP A 104 9.85 6.68 12.27
CA ASP A 104 11.09 6.12 11.74
C ASP A 104 10.86 5.52 10.35
N PRO A 105 10.74 6.35 9.35
CA PRO A 105 10.52 5.90 7.95
C PRO A 105 11.56 4.87 7.52
N GLN A 106 12.58 4.68 8.35
CA GLN A 106 13.65 3.73 8.03
C GLN A 106 13.12 2.31 8.13
N LEU A 107 12.22 2.06 9.08
CA LEU A 107 11.65 0.73 9.24
C LEU A 107 10.78 0.40 8.04
N LEU A 108 10.04 1.38 7.56
CA LEU A 108 9.18 1.19 6.41
C LEU A 108 10.03 0.71 5.23
N LEU A 109 11.21 1.31 5.09
CA LEU A 109 12.11 0.96 4.01
C LEU A 109 12.56 -0.50 4.14
N THR A 110 12.80 -0.93 5.38
CA THR A 110 13.25 -2.29 5.64
C THR A 110 12.23 -3.30 5.12
N THR A 111 10.96 -3.08 5.43
CA THR A 111 9.90 -3.98 4.98
C THR A 111 9.82 -3.98 3.45
N LEU A 112 9.94 -2.80 2.85
CA LEU A 112 9.87 -2.68 1.40
C LEU A 112 11.04 -3.44 0.76
N GLN A 113 12.20 -3.36 1.43
CA GLN A 113 13.40 -4.03 0.94
C GLN A 113 13.22 -5.55 0.98
N GLY A 114 12.41 -6.02 1.92
CA GLY A 114 12.17 -7.45 2.08
C GLY A 114 11.95 -8.15 0.73
N LEU A 115 11.89 -7.37 -0.35
CA LEU A 115 11.69 -7.96 -1.66
C LEU A 115 12.22 -7.05 -2.77
N CYS A 116 11.97 -5.75 -2.63
CA CYS A 116 12.41 -4.77 -3.62
C CYS A 116 12.49 -5.40 -5.01
N PRO A 117 13.57 -6.06 -5.39
CA PRO A 117 13.66 -6.69 -6.73
C PRO A 117 12.53 -7.70 -6.93
N PRO A 118 11.71 -7.52 -7.94
CA PRO A 118 10.58 -8.43 -8.24
C PRO A 118 11.01 -9.69 -8.99
N ASN A 119 12.29 -9.73 -9.35
CA ASN A 119 12.82 -10.87 -10.07
C ASN A 119 13.29 -11.95 -9.10
N ALA A 1 11.15 -5.57 -8.91
CA ALA A 1 11.32 -4.10 -9.03
C ALA A 1 10.14 -3.51 -9.78
N GLY A 2 9.38 -2.65 -9.11
CA GLY A 2 8.22 -2.02 -9.74
C GLY A 2 7.80 -0.77 -8.98
N HIS A 3 6.69 -0.18 -9.39
CA HIS A 3 6.19 1.03 -8.75
C HIS A 3 5.28 0.67 -7.58
N ILE A 4 5.03 1.64 -6.71
CA ILE A 4 4.20 1.42 -5.54
C ILE A 4 2.88 2.19 -5.65
N LEU A 5 1.79 1.57 -5.21
CA LEU A 5 0.48 2.20 -5.26
C LEU A 5 -0.01 2.55 -3.85
N LEU A 6 -0.32 3.82 -3.63
CA LEU A 6 -0.80 4.25 -2.32
C LEU A 6 -2.17 4.93 -2.44
N LEU A 7 -3.13 4.46 -1.65
CA LEU A 7 -4.46 5.03 -1.67
C LEU A 7 -4.72 5.77 -0.36
N GLU A 8 -4.92 7.08 -0.44
CA GLU A 8 -5.18 7.87 0.76
C GLU A 8 -5.86 9.18 0.40
N GLU A 9 -6.50 9.80 1.39
CA GLU A 9 -7.18 11.07 1.17
C GLU A 9 -6.40 12.21 1.82
N GLU A 10 -6.36 13.35 1.13
CA GLU A 10 -5.64 14.52 1.63
C GLU A 10 -4.21 14.54 1.09
N ASP A 11 -3.91 15.56 0.29
CA ASP A 11 -2.58 15.69 -0.29
C ASP A 11 -1.52 15.90 0.80
N GLU A 12 -1.94 16.51 1.91
CA GLU A 12 -1.01 16.78 3.00
C GLU A 12 -0.49 15.47 3.60
N ALA A 13 -1.40 14.54 3.87
CA ALA A 13 -1.02 13.25 4.43
C ALA A 13 -0.29 12.41 3.39
N ALA A 14 -0.82 12.41 2.17
CA ALA A 14 -0.23 11.64 1.08
C ALA A 14 1.15 12.18 0.72
N THR A 15 1.28 13.51 0.70
CA THR A 15 2.56 14.13 0.37
C THR A 15 3.64 13.72 1.36
N VAL A 16 3.32 13.78 2.64
CA VAL A 16 4.29 13.41 3.67
C VAL A 16 4.82 12.00 3.41
N VAL A 17 3.90 11.06 3.26
CA VAL A 17 4.28 9.67 3.00
C VAL A 17 5.09 9.56 1.71
N CYS A 18 4.59 10.21 0.65
CA CYS A 18 5.26 10.18 -0.63
C CYS A 18 6.57 10.95 -0.59
N GLU A 19 6.60 12.01 0.21
CA GLU A 19 7.80 12.83 0.32
C GLU A 19 8.97 12.00 0.81
N MET A 20 8.72 11.17 1.83
CA MET A 20 9.77 10.32 2.36
C MET A 20 10.14 9.22 1.38
N LEU A 21 9.12 8.64 0.74
CA LEU A 21 9.36 7.58 -0.24
C LEU A 21 10.07 8.15 -1.47
N THR A 22 9.58 9.29 -1.94
CA THR A 22 10.19 9.95 -3.09
C THR A 22 11.67 10.20 -2.82
N ALA A 23 11.95 10.65 -1.60
CA ALA A 23 13.33 10.94 -1.20
C ALA A 23 14.13 9.63 -1.08
N ALA A 24 13.43 8.56 -0.72
CA ALA A 24 14.09 7.26 -0.58
C ALA A 24 14.36 6.64 -1.94
N GLY A 25 13.95 7.34 -3.00
CA GLY A 25 14.17 6.85 -4.35
C GLY A 25 13.06 5.89 -4.76
N PHE A 26 12.02 5.83 -3.94
CA PHE A 26 10.88 4.95 -4.22
C PHE A 26 9.79 5.72 -4.95
N LYS A 27 9.22 5.10 -5.97
CA LYS A 27 8.15 5.73 -6.74
C LYS A 27 6.79 5.30 -6.24
N VAL A 28 5.98 6.27 -5.83
CA VAL A 28 4.64 5.99 -5.33
C VAL A 28 3.65 7.00 -5.90
N ILE A 29 2.46 6.51 -6.25
CA ILE A 29 1.43 7.38 -6.80
C ILE A 29 0.29 7.55 -5.80
N TRP A 30 -0.07 8.80 -5.54
CA TRP A 30 -1.15 9.10 -4.60
C TRP A 30 -2.48 9.28 -5.31
N LEU A 31 -3.43 8.41 -5.00
CA LEU A 31 -4.75 8.49 -5.60
C LEU A 31 -5.82 8.73 -4.53
N VAL A 32 -6.90 9.39 -4.90
CA VAL A 32 -7.98 9.67 -3.97
C VAL A 32 -9.16 8.74 -4.24
N ASP A 33 -8.95 7.78 -5.13
CA ASP A 33 -10.00 6.82 -5.47
C ASP A 33 -9.38 5.47 -5.82
N GLY A 34 -9.75 4.45 -5.06
CA GLY A 34 -9.23 3.10 -5.30
C GLY A 34 -9.49 2.66 -6.73
N SER A 35 -10.63 3.05 -7.28
CA SER A 35 -10.99 2.67 -8.64
C SER A 35 -9.93 3.17 -9.62
N THR A 36 -9.45 4.39 -9.39
CA THR A 36 -8.43 4.97 -10.26
C THR A 36 -7.16 4.15 -10.16
N ALA A 37 -6.85 3.69 -8.96
CA ALA A 37 -5.66 2.89 -8.75
C ALA A 37 -5.75 1.59 -9.56
N LEU A 38 -6.94 1.01 -9.57
CA LEU A 38 -7.16 -0.23 -10.32
C LEU A 38 -6.86 -0.02 -11.80
N ASP A 39 -7.21 1.15 -12.32
CA ASP A 39 -6.99 1.46 -13.73
C ASP A 39 -5.50 1.48 -14.06
N GLN A 40 -4.70 2.10 -13.20
CA GLN A 40 -3.27 2.19 -13.43
C GLN A 40 -2.55 1.00 -12.78
N LEU A 41 -2.98 0.66 -11.58
CA LEU A 41 -2.39 -0.44 -10.83
C LEU A 41 -2.23 -1.68 -11.72
N ASP A 42 -3.27 -2.01 -12.46
CA ASP A 42 -3.23 -3.17 -13.33
C ASP A 42 -2.14 -3.00 -14.39
N LEU A 43 -1.95 -1.77 -14.84
CA LEU A 43 -0.96 -1.48 -15.86
C LEU A 43 0.46 -1.47 -15.30
N LEU A 44 0.66 -0.82 -14.15
CA LEU A 44 1.99 -0.75 -13.56
C LEU A 44 2.33 -2.00 -12.75
N GLN A 45 1.32 -2.82 -12.48
CA GLN A 45 1.55 -4.05 -11.71
C GLN A 45 2.54 -3.79 -10.57
N PRO A 46 2.10 -3.12 -9.53
CA PRO A 46 2.96 -2.79 -8.37
C PRO A 46 3.25 -4.00 -7.50
N ILE A 47 4.41 -3.99 -6.84
CA ILE A 47 4.79 -5.09 -5.96
C ILE A 47 4.42 -4.79 -4.52
N VAL A 48 4.05 -3.54 -4.26
CA VAL A 48 3.65 -3.13 -2.91
C VAL A 48 2.47 -2.16 -2.98
N ILE A 49 1.48 -2.39 -2.13
CA ILE A 49 0.30 -1.55 -2.10
C ILE A 49 0.00 -1.05 -0.69
N LEU A 50 -0.08 0.26 -0.53
CA LEU A 50 -0.38 0.86 0.77
C LEU A 50 -1.83 1.31 0.81
N MET A 51 -2.47 1.16 1.98
CA MET A 51 -3.87 1.57 2.10
C MET A 51 -4.12 2.26 3.45
N ALA A 52 -4.48 3.53 3.39
CA ALA A 52 -4.76 4.30 4.60
C ALA A 52 -6.03 3.80 5.29
N TRP A 53 -6.04 3.87 6.63
CA TRP A 53 -7.20 3.42 7.38
C TRP A 53 -7.83 4.55 8.19
N PRO A 54 -7.03 5.46 8.72
CA PRO A 54 -7.55 6.60 9.53
C PRO A 54 -8.62 7.41 8.82
N PRO A 55 -8.46 7.69 7.55
CA PRO A 55 -9.44 8.48 6.77
C PRO A 55 -10.57 7.61 6.22
N PRO A 56 -11.70 8.19 5.93
CA PRO A 56 -12.86 7.45 5.38
C PRO A 56 -12.47 6.56 4.22
N ASP A 57 -12.34 7.15 3.03
CA ASP A 57 -11.95 6.39 1.86
C ASP A 57 -12.87 5.18 1.67
N GLN A 58 -14.16 5.45 1.56
CA GLN A 58 -15.13 4.37 1.39
C GLN A 58 -14.74 3.48 0.21
N SER A 59 -14.12 4.11 -0.80
CA SER A 59 -13.69 3.38 -2.00
C SER A 59 -12.56 2.40 -1.67
N CYS A 60 -11.76 2.73 -0.64
CA CYS A 60 -10.64 1.88 -0.25
C CYS A 60 -11.11 0.47 0.07
N LEU A 61 -12.34 0.34 0.55
CA LEU A 61 -12.87 -0.97 0.90
C LEU A 61 -13.02 -1.85 -0.34
N LEU A 62 -13.44 -1.23 -1.45
CA LEU A 62 -13.61 -1.97 -2.69
C LEU A 62 -12.26 -2.40 -3.26
N LEU A 63 -11.27 -1.52 -3.14
CA LEU A 63 -9.93 -1.83 -3.63
C LEU A 63 -9.41 -3.07 -2.93
N LEU A 64 -9.64 -3.14 -1.62
CA LEU A 64 -9.19 -4.27 -0.82
C LEU A 64 -9.79 -5.57 -1.34
N GLN A 65 -11.08 -5.53 -1.66
CA GLN A 65 -11.76 -6.72 -2.17
C GLN A 65 -11.10 -7.20 -3.47
N HIS A 66 -10.78 -6.26 -4.35
CA HIS A 66 -10.16 -6.62 -5.62
C HIS A 66 -8.84 -7.34 -5.40
N LEU A 67 -7.96 -6.75 -4.59
CA LEU A 67 -6.68 -7.37 -4.31
C LEU A 67 -6.88 -8.79 -3.81
N ARG A 68 -7.85 -8.93 -2.91
CA ARG A 68 -8.18 -10.22 -2.32
C ARG A 68 -8.72 -11.19 -3.38
N GLU A 69 -9.38 -10.63 -4.40
CA GLU A 69 -9.96 -11.46 -5.44
C GLU A 69 -8.88 -12.19 -6.25
N HIS A 70 -7.88 -11.43 -6.73
CA HIS A 70 -6.80 -12.02 -7.51
C HIS A 70 -5.88 -10.94 -8.06
N GLN A 71 -5.16 -10.24 -7.18
CA GLN A 71 -4.27 -9.18 -7.64
C GLN A 71 -3.25 -9.75 -8.62
N ALA A 72 -2.65 -10.88 -8.26
CA ALA A 72 -1.66 -11.53 -9.12
C ALA A 72 -1.49 -12.99 -8.73
N ASP A 73 -2.41 -13.85 -9.15
CA ASP A 73 -2.33 -15.26 -8.83
C ASP A 73 -1.93 -15.45 -7.36
N PRO A 74 -1.82 -16.66 -6.89
CA PRO A 74 -1.45 -16.94 -5.48
C PRO A 74 -0.20 -16.17 -5.06
N HIS A 75 -0.15 -15.82 -3.77
CA HIS A 75 0.98 -15.06 -3.24
C HIS A 75 1.09 -13.69 -3.92
N PRO A 76 -0.02 -13.01 -4.03
CA PRO A 76 -0.07 -11.65 -4.66
C PRO A 76 0.85 -10.66 -3.94
N PRO A 77 1.05 -9.51 -4.53
CA PRO A 77 1.91 -8.44 -3.94
C PRO A 77 1.60 -8.21 -2.47
N LEU A 78 2.58 -7.71 -1.74
CA LEU A 78 2.41 -7.43 -0.32
C LEU A 78 1.59 -6.16 -0.11
N VAL A 79 0.80 -6.14 0.94
CA VAL A 79 -0.03 -4.98 1.23
C VAL A 79 0.26 -4.43 2.63
N LEU A 80 0.37 -3.11 2.72
CA LEU A 80 0.65 -2.47 3.99
C LEU A 80 -0.45 -1.47 4.32
N PHE A 81 -0.87 -1.43 5.58
CA PHE A 81 -1.90 -0.50 6.01
C PHE A 81 -1.28 0.61 6.86
N LEU A 82 -1.59 1.84 6.52
CA LEU A 82 -1.06 2.99 7.24
C LEU A 82 -2.05 3.44 8.31
N GLY A 83 -1.54 3.75 9.51
CA GLY A 83 -2.40 4.20 10.59
C GLY A 83 -2.71 3.07 11.56
N GLU A 84 -3.99 2.92 11.90
CA GLU A 84 -4.40 1.88 12.83
C GLU A 84 -4.77 0.60 12.07
N PRO A 85 -4.55 -0.53 12.70
CA PRO A 85 -4.86 -1.85 12.08
C PRO A 85 -6.37 -2.13 12.03
N PRO A 86 -6.79 -2.90 11.06
CA PRO A 86 -8.23 -3.26 10.90
C PRO A 86 -8.77 -4.02 12.11
N VAL A 87 -10.08 -3.98 12.28
CA VAL A 87 -10.70 -4.68 13.42
C VAL A 87 -10.80 -6.18 13.14
N ASP A 88 -11.12 -6.54 11.90
CA ASP A 88 -11.24 -7.94 11.53
C ASP A 88 -9.86 -8.61 11.47
N PRO A 89 -9.72 -9.79 12.01
CA PRO A 89 -8.43 -10.54 12.00
C PRO A 89 -8.10 -11.12 10.63
N LEU A 90 -9.08 -11.13 9.74
CA LEU A 90 -8.88 -11.67 8.40
C LEU A 90 -7.98 -10.76 7.57
N LEU A 91 -8.05 -9.47 7.83
CA LEU A 91 -7.23 -8.52 7.09
C LEU A 91 -5.80 -8.57 7.60
N THR A 92 -5.65 -8.82 8.90
CA THR A 92 -4.32 -8.91 9.49
C THR A 92 -3.56 -10.08 8.87
N ALA A 93 -4.25 -11.20 8.70
CA ALA A 93 -3.63 -12.38 8.11
C ALA A 93 -3.26 -12.12 6.65
N GLN A 94 -4.15 -11.43 5.94
CA GLN A 94 -3.89 -11.11 4.53
C GLN A 94 -2.93 -9.93 4.41
N ALA A 95 -2.85 -9.12 5.45
CA ALA A 95 -1.96 -7.97 5.44
C ALA A 95 -0.51 -8.41 5.54
N SER A 96 0.35 -7.78 4.75
CA SER A 96 1.77 -8.12 4.77
C SER A 96 2.48 -7.35 5.87
N ALA A 97 1.94 -6.19 6.21
CA ALA A 97 2.53 -5.37 7.27
C ALA A 97 1.57 -4.24 7.66
N ILE A 98 1.69 -3.79 8.91
CA ILE A 98 0.84 -2.71 9.40
C ILE A 98 1.67 -1.62 10.06
N LEU A 99 1.44 -0.39 9.63
CA LEU A 99 2.16 0.75 10.18
C LEU A 99 1.27 1.54 11.13
N SER A 100 1.88 2.17 12.14
CA SER A 100 1.10 2.94 13.11
C SER A 100 2.03 3.83 13.93
N LYS A 101 3.33 3.73 13.67
CA LYS A 101 4.31 4.54 14.39
C LYS A 101 5.21 5.26 13.38
N PRO A 102 4.74 6.35 12.86
CA PRO A 102 5.49 7.16 11.85
C PRO A 102 6.93 7.45 12.29
N LEU A 103 7.81 7.54 11.30
CA LEU A 103 9.24 7.81 11.54
C LEU A 103 10.05 6.53 11.35
N ASP A 104 11.32 6.70 11.00
CA ASP A 104 12.19 5.55 10.79
C ASP A 104 11.70 4.71 9.61
N PRO A 105 11.68 5.29 8.44
CA PRO A 105 11.24 4.60 7.20
C PRO A 105 12.06 3.33 6.93
N GLN A 106 13.00 3.06 7.81
CA GLN A 106 13.87 1.89 7.66
C GLN A 106 13.08 0.61 7.90
N LEU A 107 12.06 0.69 8.74
CA LEU A 107 11.24 -0.47 9.03
C LEU A 107 10.48 -0.90 7.77
N LEU A 108 9.89 0.08 7.09
CA LEU A 108 9.17 -0.19 5.86
C LEU A 108 10.11 -0.85 4.84
N LEU A 109 11.34 -0.35 4.80
CA LEU A 109 12.34 -0.88 3.89
C LEU A 109 12.61 -2.34 4.21
N THR A 110 12.65 -2.67 5.50
CA THR A 110 12.90 -4.03 5.93
C THR A 110 11.86 -4.96 5.32
N THR A 111 10.61 -4.50 5.28
CA THR A 111 9.53 -5.28 4.72
C THR A 111 9.81 -5.57 3.25
N LEU A 112 10.31 -4.56 2.54
CA LEU A 112 10.64 -4.71 1.13
C LEU A 112 11.76 -5.73 0.92
N GLN A 113 12.72 -5.72 1.82
CA GLN A 113 13.84 -6.64 1.75
C GLN A 113 13.38 -8.08 1.89
N GLY A 114 12.37 -8.28 2.73
CA GLY A 114 11.82 -9.62 2.95
C GLY A 114 11.26 -10.19 1.65
N LEU A 115 11.13 -9.34 0.64
CA LEU A 115 10.60 -9.76 -0.64
C LEU A 115 11.68 -10.42 -1.49
N CYS A 116 12.95 -10.14 -1.18
CA CYS A 116 14.04 -10.73 -1.92
C CYS A 116 13.96 -10.35 -3.38
N PRO A 117 14.20 -9.10 -3.70
CA PRO A 117 14.16 -8.63 -5.11
C PRO A 117 15.08 -9.47 -5.97
N PRO A 118 14.55 -10.19 -6.93
CA PRO A 118 15.35 -11.06 -7.80
C PRO A 118 15.91 -10.32 -9.02
N ASN A 119 17.02 -10.83 -9.55
CA ASN A 119 17.66 -10.22 -10.71
C ASN A 119 17.04 -10.75 -12.00
N ALA A 1 11.79 -1.63 -11.68
CA ALA A 1 11.85 -0.85 -10.42
C ALA A 1 10.76 -1.34 -9.46
N GLY A 2 9.51 -1.20 -9.90
CA GLY A 2 8.37 -1.62 -9.08
C GLY A 2 7.65 -0.42 -8.51
N HIS A 3 6.37 -0.28 -8.88
CA HIS A 3 5.57 0.83 -8.40
C HIS A 3 4.84 0.46 -7.11
N ILE A 4 4.62 1.46 -6.27
CA ILE A 4 3.92 1.26 -5.01
C ILE A 4 2.57 1.97 -5.07
N LEU A 5 1.51 1.30 -4.63
CA LEU A 5 0.19 1.91 -4.66
C LEU A 5 -0.25 2.28 -3.25
N LEU A 6 -0.58 3.56 -3.07
CA LEU A 6 -1.03 4.05 -1.77
C LEU A 6 -2.31 4.86 -1.90
N LEU A 7 -3.32 4.49 -1.12
CA LEU A 7 -4.59 5.21 -1.16
C LEU A 7 -4.77 6.01 0.13
N GLU A 8 -4.82 7.33 -0.01
CA GLU A 8 -5.00 8.19 1.15
C GLU A 8 -5.52 9.56 0.72
N GLU A 9 -6.13 10.27 1.67
CA GLU A 9 -6.64 11.60 1.39
C GLU A 9 -5.66 12.63 1.94
N GLU A 10 -5.78 13.87 1.48
CA GLU A 10 -4.88 14.93 1.92
C GLU A 10 -3.58 14.91 1.12
N ASP A 11 -3.37 15.94 0.32
CA ASP A 11 -2.16 16.03 -0.50
C ASP A 11 -0.91 16.13 0.36
N GLU A 12 -1.00 16.84 1.49
CA GLU A 12 0.14 17.01 2.36
C GLU A 12 0.56 15.69 3.00
N ALA A 13 -0.42 14.86 3.35
CA ALA A 13 -0.11 13.56 3.95
C ALA A 13 0.49 12.62 2.92
N ALA A 14 -0.11 12.59 1.74
CA ALA A 14 0.37 11.72 0.66
C ALA A 14 1.73 12.19 0.17
N THR A 15 1.94 13.50 0.15
CA THR A 15 3.21 14.05 -0.31
C THR A 15 4.35 13.59 0.58
N VAL A 16 4.17 13.71 1.89
CA VAL A 16 5.19 13.29 2.83
C VAL A 16 5.56 11.83 2.60
N VAL A 17 4.53 10.98 2.48
CA VAL A 17 4.76 9.56 2.26
C VAL A 17 5.50 9.34 0.95
N CYS A 18 5.10 10.07 -0.09
CA CYS A 18 5.74 9.93 -1.40
C CYS A 18 7.21 10.32 -1.33
N GLU A 19 7.48 11.44 -0.67
CA GLU A 19 8.86 11.91 -0.55
C GLU A 19 9.72 10.91 0.21
N MET A 20 9.14 10.28 1.22
CA MET A 20 9.88 9.29 2.00
C MET A 20 10.23 8.10 1.10
N LEU A 21 9.21 7.54 0.45
CA LEU A 21 9.42 6.41 -0.44
C LEU A 21 10.20 6.85 -1.67
N THR A 22 9.78 7.98 -2.25
CA THR A 22 10.46 8.51 -3.42
C THR A 22 11.94 8.71 -3.13
N ALA A 23 12.23 9.18 -1.92
CA ALA A 23 13.61 9.38 -1.50
C ALA A 23 14.32 8.05 -1.37
N ALA A 24 13.54 7.02 -1.04
CA ALA A 24 14.09 5.68 -0.87
C ALA A 24 14.31 5.00 -2.23
N GLY A 25 13.93 5.68 -3.30
CA GLY A 25 14.09 5.13 -4.63
C GLY A 25 12.82 4.44 -5.10
N PHE A 26 11.87 4.28 -4.18
CA PHE A 26 10.60 3.64 -4.52
C PHE A 26 9.56 4.69 -4.87
N LYS A 27 8.90 4.49 -6.02
CA LYS A 27 7.88 5.42 -6.47
C LYS A 27 6.50 4.95 -6.02
N VAL A 28 5.72 5.88 -5.48
CA VAL A 28 4.38 5.54 -5.02
C VAL A 28 3.38 6.57 -5.56
N ILE A 29 2.21 6.09 -5.95
CA ILE A 29 1.18 6.97 -6.48
C ILE A 29 0.10 7.24 -5.44
N TRP A 30 -0.28 8.50 -5.30
CA TRP A 30 -1.30 8.88 -4.32
C TRP A 30 -2.68 8.91 -4.98
N LEU A 31 -3.56 8.02 -4.54
CA LEU A 31 -4.91 7.96 -5.09
C LEU A 31 -5.95 8.33 -4.02
N VAL A 32 -6.97 9.05 -4.45
CA VAL A 32 -8.03 9.48 -3.53
C VAL A 32 -9.23 8.55 -3.63
N ASP A 33 -9.14 7.56 -4.50
CA ASP A 33 -10.23 6.59 -4.69
C ASP A 33 -9.69 5.23 -5.11
N GLY A 34 -10.37 4.17 -4.68
CA GLY A 34 -9.95 2.81 -5.02
C GLY A 34 -10.16 2.49 -6.50
N SER A 35 -11.29 2.95 -7.06
CA SER A 35 -11.58 2.68 -8.46
C SER A 35 -10.51 3.26 -9.37
N THR A 36 -9.98 4.43 -9.01
CA THR A 36 -8.94 5.05 -9.81
C THR A 36 -7.71 4.16 -9.84
N ALA A 37 -7.43 3.54 -8.70
CA ALA A 37 -6.27 2.65 -8.59
C ALA A 37 -6.42 1.45 -9.51
N LEU A 38 -7.62 0.88 -9.54
CA LEU A 38 -7.85 -0.30 -10.38
C LEU A 38 -7.51 0.01 -11.84
N ASP A 39 -7.97 1.16 -12.33
CA ASP A 39 -7.71 1.56 -13.71
C ASP A 39 -6.22 1.76 -13.98
N GLN A 40 -5.54 2.43 -13.05
CA GLN A 40 -4.11 2.69 -13.22
C GLN A 40 -3.27 1.53 -12.70
N LEU A 41 -3.54 1.14 -11.47
CA LEU A 41 -2.81 0.07 -10.82
C LEU A 41 -2.64 -1.15 -11.74
N ASP A 42 -3.65 -1.44 -12.54
CA ASP A 42 -3.55 -2.60 -13.43
C ASP A 42 -2.33 -2.45 -14.33
N LEU A 43 -2.08 -1.24 -14.79
CA LEU A 43 -0.93 -0.99 -15.66
C LEU A 43 0.35 -0.88 -14.82
N LEU A 44 0.20 -0.46 -13.57
CA LEU A 44 1.36 -0.29 -12.68
C LEU A 44 1.95 -1.63 -12.27
N GLN A 45 1.08 -2.58 -11.94
CA GLN A 45 1.55 -3.89 -11.52
C GLN A 45 2.55 -3.72 -10.39
N PRO A 46 2.10 -3.26 -9.25
CA PRO A 46 2.97 -3.00 -8.07
C PRO A 46 3.30 -4.27 -7.27
N ILE A 47 4.38 -4.20 -6.49
CA ILE A 47 4.80 -5.32 -5.67
C ILE A 47 4.24 -5.18 -4.26
N VAL A 48 3.92 -3.95 -3.86
CA VAL A 48 3.36 -3.69 -2.54
C VAL A 48 2.32 -2.58 -2.61
N ILE A 49 1.22 -2.76 -1.86
CA ILE A 49 0.16 -1.76 -1.85
C ILE A 49 -0.15 -1.27 -0.44
N LEU A 50 -0.20 0.04 -0.27
CA LEU A 50 -0.50 0.64 1.02
C LEU A 50 -1.93 1.17 1.03
N MET A 51 -2.60 1.11 2.18
CA MET A 51 -3.98 1.57 2.25
C MET A 51 -4.23 2.35 3.54
N ALA A 52 -4.62 3.62 3.39
CA ALA A 52 -4.91 4.47 4.54
C ALA A 52 -6.18 4.00 5.24
N TRP A 53 -6.22 4.13 6.56
CA TRP A 53 -7.39 3.72 7.32
C TRP A 53 -8.03 4.88 8.07
N PRO A 54 -7.26 5.84 8.51
CA PRO A 54 -7.81 7.00 9.27
C PRO A 54 -9.01 7.65 8.58
N PRO A 55 -8.98 7.81 7.28
CA PRO A 55 -10.12 8.42 6.52
C PRO A 55 -11.35 7.51 6.56
N PRO A 56 -12.51 8.07 6.30
CA PRO A 56 -13.78 7.30 6.29
C PRO A 56 -13.71 6.12 5.33
N ASP A 57 -12.63 6.06 4.57
CA ASP A 57 -12.42 4.99 3.61
C ASP A 57 -13.58 4.91 2.64
N GLN A 58 -14.13 3.71 2.49
CA GLN A 58 -15.26 3.47 1.60
C GLN A 58 -14.81 2.87 0.27
N SER A 59 -14.27 3.72 -0.61
CA SER A 59 -13.81 3.25 -1.92
C SER A 59 -12.61 2.33 -1.78
N CYS A 60 -11.85 2.51 -0.71
CA CYS A 60 -10.68 1.68 -0.47
C CYS A 60 -11.06 0.21 -0.33
N LEU A 61 -12.33 -0.03 0.00
CA LEU A 61 -12.83 -1.40 0.18
C LEU A 61 -12.73 -2.15 -1.13
N LEU A 62 -12.94 -1.45 -2.24
CA LEU A 62 -12.88 -2.08 -3.55
C LEU A 62 -11.45 -2.51 -3.88
N LEU A 63 -10.49 -1.70 -3.48
CA LEU A 63 -9.08 -2.03 -3.73
C LEU A 63 -8.72 -3.35 -3.09
N LEU A 64 -9.10 -3.50 -1.82
CA LEU A 64 -8.82 -4.73 -1.09
C LEU A 64 -9.54 -5.89 -1.78
N GLN A 65 -10.70 -5.60 -2.36
CA GLN A 65 -11.47 -6.63 -3.05
C GLN A 65 -10.64 -7.19 -4.21
N HIS A 66 -9.95 -6.30 -4.91
CA HIS A 66 -9.11 -6.72 -6.02
C HIS A 66 -8.09 -7.74 -5.53
N LEU A 67 -7.41 -7.40 -4.45
CA LEU A 67 -6.42 -8.31 -3.87
C LEU A 67 -7.05 -9.66 -3.54
N ARG A 68 -8.27 -9.63 -3.01
CA ARG A 68 -8.96 -10.86 -2.65
C ARG A 68 -9.25 -11.71 -3.88
N GLU A 69 -9.61 -11.05 -4.98
CA GLU A 69 -9.91 -11.77 -6.22
C GLU A 69 -8.64 -12.36 -6.82
N HIS A 70 -7.51 -11.66 -6.62
CA HIS A 70 -6.24 -12.13 -7.15
C HIS A 70 -5.33 -12.66 -6.04
N GLN A 71 -5.91 -12.92 -4.88
CA GLN A 71 -5.13 -13.44 -3.76
C GLN A 71 -4.48 -14.76 -4.13
N ALA A 72 -5.05 -15.44 -5.12
CA ALA A 72 -4.52 -16.72 -5.57
C ALA A 72 -3.40 -16.50 -6.57
N ASP A 73 -3.08 -15.24 -6.83
CA ASP A 73 -2.02 -14.90 -7.77
C ASP A 73 -0.66 -15.29 -7.18
N PRO A 74 0.23 -15.82 -7.98
CA PRO A 74 1.57 -16.24 -7.50
C PRO A 74 2.35 -15.09 -6.86
N HIS A 75 3.13 -15.41 -5.83
CA HIS A 75 3.90 -14.39 -5.13
C HIS A 75 3.01 -13.22 -4.75
N PRO A 76 2.01 -13.48 -3.95
CA PRO A 76 1.05 -12.45 -3.48
C PRO A 76 1.76 -11.18 -3.00
N PRO A 77 1.20 -10.04 -3.27
CA PRO A 77 1.80 -8.73 -2.84
C PRO A 77 1.59 -8.47 -1.35
N LEU A 78 2.54 -7.76 -0.75
CA LEU A 78 2.43 -7.43 0.67
C LEU A 78 1.47 -6.27 0.86
N VAL A 79 0.74 -6.29 1.98
CA VAL A 79 -0.21 -5.22 2.26
C VAL A 79 0.10 -4.53 3.58
N LEU A 80 0.23 -3.21 3.53
CA LEU A 80 0.53 -2.43 4.72
C LEU A 80 -0.61 -1.46 5.02
N PHE A 81 -0.93 -1.33 6.30
CA PHE A 81 -2.00 -0.43 6.71
C PHE A 81 -1.46 0.77 7.47
N LEU A 82 -1.91 1.97 7.09
CA LEU A 82 -1.45 3.18 7.76
C LEU A 82 -2.44 3.58 8.86
N GLY A 83 -1.92 4.19 9.92
CA GLY A 83 -2.76 4.63 11.04
C GLY A 83 -3.29 3.43 11.81
N GLU A 84 -4.62 3.31 11.86
CA GLU A 84 -5.25 2.21 12.58
C GLU A 84 -5.43 0.99 11.67
N PRO A 85 -5.37 -0.18 12.23
CA PRO A 85 -5.53 -1.46 11.47
C PRO A 85 -6.99 -1.76 11.11
N PRO A 86 -7.18 -2.62 10.15
CA PRO A 86 -8.54 -3.03 9.67
C PRO A 86 -9.33 -3.75 10.76
N VAL A 87 -10.65 -3.69 10.68
CA VAL A 87 -11.50 -4.34 11.66
C VAL A 87 -11.61 -5.84 11.38
N ASP A 88 -11.61 -6.19 10.10
CA ASP A 88 -11.70 -7.60 9.72
C ASP A 88 -10.42 -8.34 10.10
N PRO A 89 -10.52 -9.44 10.81
CA PRO A 89 -9.33 -10.23 11.22
C PRO A 89 -8.66 -10.92 10.05
N LEU A 90 -9.43 -11.19 9.00
CA LEU A 90 -8.90 -11.85 7.82
C LEU A 90 -7.99 -10.91 7.04
N LEU A 91 -8.31 -9.62 7.06
CA LEU A 91 -7.49 -8.64 6.37
C LEU A 91 -6.25 -8.34 7.20
N THR A 92 -6.43 -8.32 8.51
CA THR A 92 -5.31 -8.07 9.41
C THR A 92 -4.28 -9.20 9.29
N ALA A 93 -4.78 -10.44 9.28
CA ALA A 93 -3.89 -11.60 9.16
C ALA A 93 -3.24 -11.62 7.78
N GLN A 94 -4.00 -11.21 6.78
CA GLN A 94 -3.49 -11.19 5.40
C GLN A 94 -2.58 -9.98 5.21
N ALA A 95 -2.54 -9.11 6.22
CA ALA A 95 -1.72 -7.91 6.16
C ALA A 95 -0.24 -8.28 6.33
N SER A 96 0.64 -7.57 5.63
CA SER A 96 2.07 -7.84 5.73
C SER A 96 2.67 -7.09 6.91
N ALA A 97 2.14 -5.91 7.19
CA ALA A 97 2.63 -5.10 8.29
C ALA A 97 1.73 -3.90 8.55
N ILE A 98 1.37 -3.69 9.81
CA ILE A 98 0.52 -2.56 10.18
C ILE A 98 1.37 -1.36 10.58
N LEU A 99 1.15 -0.24 9.90
CA LEU A 99 1.89 0.99 10.20
C LEU A 99 0.99 2.02 10.85
N SER A 100 1.58 2.87 11.68
CA SER A 100 0.82 3.91 12.36
C SER A 100 1.76 4.92 13.02
N LYS A 101 2.63 4.44 13.88
CA LYS A 101 3.58 5.31 14.55
C LYS A 101 4.97 5.17 13.94
N PRO A 102 5.72 6.24 13.88
CA PRO A 102 7.10 6.23 13.29
C PRO A 102 8.05 5.37 14.12
N LEU A 103 9.04 4.79 13.45
CA LEU A 103 10.01 3.95 14.14
C LEU A 103 11.05 3.42 13.16
N ASP A 104 12.09 4.22 12.93
CA ASP A 104 13.16 3.82 12.02
C ASP A 104 12.57 3.43 10.67
N PRO A 105 12.38 4.38 9.79
CA PRO A 105 11.81 4.12 8.44
C PRO A 105 12.55 2.98 7.72
N GLN A 106 13.55 2.42 8.39
CA GLN A 106 14.33 1.34 7.82
C GLN A 106 13.47 0.08 7.69
N LEU A 107 12.48 -0.06 8.57
CA LEU A 107 11.61 -1.23 8.52
C LEU A 107 10.82 -1.21 7.22
N LEU A 108 10.29 -0.05 6.86
CA LEU A 108 9.53 0.07 5.61
C LEU A 108 10.43 -0.31 4.44
N LEU A 109 11.67 0.18 4.48
CA LEU A 109 12.62 -0.13 3.42
C LEU A 109 12.87 -1.63 3.38
N THR A 110 12.96 -2.24 4.57
CA THR A 110 13.19 -3.66 4.67
C THR A 110 12.08 -4.44 3.98
N THR A 111 10.85 -3.97 4.15
CA THR A 111 9.71 -4.64 3.53
C THR A 111 9.89 -4.69 2.02
N LEU A 112 10.27 -3.56 1.44
CA LEU A 112 10.48 -3.48 -0.01
C LEU A 112 11.71 -4.30 -0.41
N GLN A 113 12.82 -4.07 0.27
CA GLN A 113 14.06 -4.79 -0.02
C GLN A 113 13.95 -6.27 0.31
N GLY A 114 13.08 -6.59 1.26
CA GLY A 114 12.90 -7.98 1.68
C GLY A 114 12.68 -8.89 0.49
N LEU A 115 12.08 -8.35 -0.58
CA LEU A 115 11.82 -9.15 -1.77
C LEU A 115 13.06 -9.19 -2.66
N CYS A 116 13.99 -8.27 -2.42
CA CYS A 116 15.22 -8.21 -3.20
C CYS A 116 14.90 -8.16 -4.69
N PRO A 117 14.21 -7.14 -5.12
CA PRO A 117 13.86 -6.98 -6.56
C PRO A 117 15.01 -6.34 -7.34
N PRO A 118 15.56 -7.06 -8.28
CA PRO A 118 16.69 -6.56 -9.11
C PRO A 118 16.24 -5.76 -10.32
N ASN A 119 17.02 -4.74 -10.69
CA ASN A 119 16.69 -3.91 -11.84
C ASN A 119 17.33 -4.47 -13.12
N ALA A 1 12.80 -2.65 -7.34
CA ALA A 1 11.37 -2.99 -7.15
C ALA A 1 10.59 -2.62 -8.42
N GLY A 2 10.08 -1.39 -8.45
CA GLY A 2 9.32 -0.92 -9.61
C GLY A 2 8.39 0.23 -9.21
N HIS A 3 7.15 0.15 -9.64
CA HIS A 3 6.17 1.18 -9.33
C HIS A 3 5.44 0.86 -8.03
N ILE A 4 5.26 1.85 -7.17
CA ILE A 4 4.57 1.65 -5.91
C ILE A 4 3.26 2.45 -5.88
N LEU A 5 2.19 1.83 -5.41
CA LEU A 5 0.90 2.51 -5.36
C LEU A 5 0.34 2.55 -3.94
N LEU A 6 0.03 3.76 -3.47
CA LEU A 6 -0.53 3.92 -2.13
C LEU A 6 -1.94 4.51 -2.22
N LEU A 7 -2.87 3.95 -1.45
CA LEU A 7 -4.24 4.45 -1.47
C LEU A 7 -4.55 5.20 -0.17
N GLU A 8 -4.73 6.51 -0.27
CA GLU A 8 -5.03 7.32 0.90
C GLU A 8 -5.67 8.65 0.48
N GLU A 9 -6.41 9.26 1.40
CA GLU A 9 -7.05 10.55 1.12
C GLU A 9 -6.39 11.65 1.94
N GLU A 10 -6.41 12.87 1.40
CA GLU A 10 -5.82 14.03 2.07
C GLU A 10 -4.49 14.37 1.41
N ASP A 11 -4.50 15.41 0.58
CA ASP A 11 -3.29 15.83 -0.12
C ASP A 11 -2.14 16.12 0.85
N GLU A 12 -2.47 16.67 2.01
CA GLU A 12 -1.44 17.01 2.99
C GLU A 12 -0.76 15.74 3.50
N ALA A 13 -1.54 14.69 3.72
CA ALA A 13 -0.99 13.44 4.20
C ALA A 13 -0.24 12.72 3.07
N ALA A 14 -0.87 12.68 1.91
CA ALA A 14 -0.27 12.01 0.75
C ALA A 14 1.01 12.74 0.31
N THR A 15 0.97 14.07 0.37
CA THR A 15 2.13 14.86 -0.04
C THR A 15 3.33 14.56 0.84
N VAL A 16 3.11 14.54 2.15
CA VAL A 16 4.19 14.26 3.09
C VAL A 16 4.85 12.93 2.76
N VAL A 17 4.05 11.87 2.68
CA VAL A 17 4.58 10.55 2.37
C VAL A 17 5.29 10.54 1.02
N CYS A 18 4.68 11.20 0.04
CA CYS A 18 5.27 11.28 -1.29
C CYS A 18 6.67 11.89 -1.22
N GLU A 19 6.81 12.93 -0.40
CA GLU A 19 8.10 13.59 -0.26
C GLU A 19 9.13 12.62 0.30
N MET A 20 8.70 11.78 1.23
CA MET A 20 9.58 10.80 1.83
C MET A 20 9.99 9.74 0.81
N LEU A 21 9.00 9.19 0.11
CA LEU A 21 9.26 8.19 -0.91
C LEU A 21 9.99 8.82 -2.09
N THR A 22 9.53 9.99 -2.49
CA THR A 22 10.15 10.71 -3.59
C THR A 22 11.64 10.91 -3.32
N ALA A 23 11.94 11.24 -2.07
CA ALA A 23 13.32 11.46 -1.65
C ALA A 23 14.11 10.15 -1.70
N ALA A 24 13.41 9.05 -1.48
CA ALA A 24 14.06 7.74 -1.48
C ALA A 24 14.38 7.30 -2.91
N GLY A 25 13.94 8.10 -3.89
CA GLY A 25 14.19 7.78 -5.28
C GLY A 25 13.13 6.84 -5.84
N PHE A 26 12.12 6.56 -5.04
CA PHE A 26 11.03 5.66 -5.47
C PHE A 26 9.86 6.44 -6.03
N LYS A 27 9.33 5.99 -7.15
CA LYS A 27 8.20 6.64 -7.78
C LYS A 27 6.89 5.99 -7.30
N VAL A 28 6.01 6.78 -6.72
CA VAL A 28 4.76 6.26 -6.22
C VAL A 28 3.57 7.06 -6.75
N ILE A 29 2.43 6.38 -6.90
CA ILE A 29 1.22 7.03 -7.38
C ILE A 29 0.16 7.03 -6.29
N TRP A 30 -0.43 8.20 -6.04
CA TRP A 30 -1.44 8.31 -4.99
C TRP A 30 -2.86 8.23 -5.58
N LEU A 31 -3.70 7.43 -4.93
CA LEU A 31 -5.08 7.26 -5.37
C LEU A 31 -6.05 7.69 -4.27
N VAL A 32 -7.13 8.34 -4.67
CA VAL A 32 -8.14 8.78 -3.72
C VAL A 32 -9.39 7.93 -3.84
N ASP A 33 -9.31 6.89 -4.65
CA ASP A 33 -10.44 5.99 -4.87
C ASP A 33 -9.93 4.60 -5.27
N GLY A 34 -10.85 3.75 -5.72
CA GLY A 34 -10.49 2.40 -6.13
C GLY A 34 -10.69 2.20 -7.62
N SER A 35 -11.74 2.80 -8.17
CA SER A 35 -12.03 2.67 -9.60
C SER A 35 -10.86 3.17 -10.44
N THR A 36 -10.33 4.34 -10.08
CA THR A 36 -9.21 4.91 -10.81
C THR A 36 -7.97 4.02 -10.66
N ALA A 37 -7.82 3.44 -9.47
CA ALA A 37 -6.68 2.58 -9.21
C ALA A 37 -6.70 1.36 -10.12
N LEU A 38 -7.86 0.73 -10.25
CA LEU A 38 -7.99 -0.45 -11.10
C LEU A 38 -7.58 -0.14 -12.53
N ASP A 39 -8.05 0.99 -13.06
CA ASP A 39 -7.75 1.38 -14.43
C ASP A 39 -6.24 1.61 -14.63
N GLN A 40 -5.60 2.26 -13.66
CA GLN A 40 -4.17 2.54 -13.78
C GLN A 40 -3.32 1.46 -13.12
N LEU A 41 -3.72 1.07 -11.91
CA LEU A 41 -2.98 0.05 -11.17
C LEU A 41 -2.69 -1.16 -12.04
N ASP A 42 -3.67 -1.56 -12.84
CA ASP A 42 -3.50 -2.70 -13.73
C ASP A 42 -2.39 -2.44 -14.73
N LEU A 43 -2.27 -1.19 -15.16
CA LEU A 43 -1.24 -0.82 -16.14
C LEU A 43 0.15 -0.72 -15.51
N LEU A 44 0.24 -0.09 -14.34
CA LEU A 44 1.54 0.07 -13.69
C LEU A 44 1.95 -1.18 -12.91
N GLN A 45 0.99 -2.08 -12.67
CA GLN A 45 1.30 -3.30 -11.95
C GLN A 45 2.30 -3.02 -10.83
N PRO A 46 1.85 -2.47 -9.72
CA PRO A 46 2.74 -2.14 -8.58
C PRO A 46 3.26 -3.38 -7.85
N ILE A 47 4.38 -3.23 -7.17
CA ILE A 47 4.98 -4.35 -6.44
C ILE A 47 4.49 -4.36 -4.99
N VAL A 48 4.09 -3.19 -4.50
CA VAL A 48 3.59 -3.08 -3.13
C VAL A 48 2.45 -2.06 -3.07
N ILE A 49 1.45 -2.36 -2.24
CA ILE A 49 0.30 -1.46 -2.11
C ILE A 49 0.02 -1.12 -0.65
N LEU A 50 -0.06 0.18 -0.37
CA LEU A 50 -0.35 0.66 0.97
C LEU A 50 -1.73 1.32 0.98
N MET A 51 -2.57 0.94 1.95
CA MET A 51 -3.90 1.53 2.02
C MET A 51 -4.31 1.81 3.46
N ALA A 52 -4.73 3.04 3.70
CA ALA A 52 -5.17 3.46 5.03
C ALA A 52 -6.43 2.70 5.41
N TRP A 53 -6.65 2.50 6.71
CA TRP A 53 -7.84 1.79 7.16
C TRP A 53 -8.61 2.63 8.17
N PRO A 54 -9.27 3.66 7.70
CA PRO A 54 -10.07 4.57 8.54
C PRO A 54 -11.52 4.07 8.72
N PRO A 55 -12.09 4.27 9.88
CA PRO A 55 -13.48 3.83 10.17
C PRO A 55 -14.50 4.29 9.11
N PRO A 56 -14.51 5.56 8.77
CA PRO A 56 -15.45 6.11 7.75
C PRO A 56 -15.68 5.13 6.60
N ASP A 57 -14.85 4.10 6.54
CA ASP A 57 -14.96 3.11 5.48
C ASP A 57 -14.46 3.68 4.16
N GLN A 58 -13.14 3.72 4.01
CA GLN A 58 -12.55 4.25 2.79
C GLN A 58 -12.99 3.42 1.58
N SER A 59 -13.28 4.10 0.48
CA SER A 59 -13.72 3.43 -0.75
C SER A 59 -12.64 2.51 -1.27
N CYS A 60 -11.39 2.86 -1.00
CA CYS A 60 -10.27 2.04 -1.43
C CYS A 60 -10.46 0.61 -0.96
N LEU A 61 -11.40 0.44 -0.03
CA LEU A 61 -11.70 -0.89 0.51
C LEU A 61 -12.22 -1.79 -0.60
N LEU A 62 -12.92 -1.22 -1.57
CA LEU A 62 -13.45 -2.00 -2.67
C LEU A 62 -12.29 -2.59 -3.47
N LEU A 63 -11.25 -1.78 -3.64
CA LEU A 63 -10.06 -2.21 -4.37
C LEU A 63 -9.42 -3.41 -3.68
N LEU A 64 -9.33 -3.34 -2.36
CA LEU A 64 -8.75 -4.42 -1.58
C LEU A 64 -9.51 -5.72 -1.80
N GLN A 65 -10.84 -5.62 -1.88
CA GLN A 65 -11.67 -6.81 -2.09
C GLN A 65 -11.30 -7.47 -3.41
N HIS A 66 -11.02 -6.64 -4.42
CA HIS A 66 -10.65 -7.18 -5.72
C HIS A 66 -9.41 -8.06 -5.59
N LEU A 67 -8.39 -7.53 -4.92
CA LEU A 67 -7.15 -8.27 -4.70
C LEU A 67 -7.44 -9.60 -4.02
N ARG A 68 -8.42 -9.61 -3.13
CA ARG A 68 -8.78 -10.82 -2.41
C ARG A 68 -9.26 -11.89 -3.38
N GLU A 69 -9.97 -11.46 -4.41
CA GLU A 69 -10.47 -12.39 -5.42
C GLU A 69 -9.31 -12.96 -6.24
N HIS A 70 -8.28 -12.15 -6.45
CA HIS A 70 -7.12 -12.58 -7.22
C HIS A 70 -5.88 -12.67 -6.34
N GLN A 71 -6.09 -12.84 -5.03
CA GLN A 71 -4.97 -12.94 -4.10
C GLN A 71 -4.02 -14.06 -4.51
N ALA A 72 -4.50 -14.97 -5.36
CA ALA A 72 -3.68 -16.09 -5.80
C ALA A 72 -3.28 -16.96 -4.62
N ASP A 73 -2.39 -16.43 -3.77
CA ASP A 73 -1.92 -17.15 -2.58
C ASP A 73 -0.48 -17.65 -2.72
N PRO A 74 -0.08 -18.17 -3.85
CA PRO A 74 1.32 -18.67 -4.03
C PRO A 74 2.35 -17.59 -3.73
N HIS A 75 2.23 -16.46 -4.43
CA HIS A 75 3.17 -15.35 -4.24
C HIS A 75 2.43 -14.02 -4.21
N PRO A 76 1.64 -13.79 -3.18
CA PRO A 76 0.86 -12.54 -3.04
C PRO A 76 1.76 -11.31 -2.85
N PRO A 77 1.37 -10.19 -3.40
CA PRO A 77 2.15 -8.92 -3.28
C PRO A 77 2.24 -8.45 -1.84
N LEU A 78 3.21 -7.57 -1.57
CA LEU A 78 3.40 -7.07 -0.21
C LEU A 78 2.33 -6.01 0.10
N VAL A 79 1.59 -6.21 1.19
CA VAL A 79 0.54 -5.27 1.57
C VAL A 79 0.75 -4.72 2.97
N LEU A 80 0.63 -3.40 3.10
CA LEU A 80 0.80 -2.73 4.39
C LEU A 80 -0.43 -1.89 4.71
N PHE A 81 -0.79 -1.81 5.99
CA PHE A 81 -1.95 -1.02 6.40
C PHE A 81 -1.50 0.26 7.09
N LEU A 82 -1.95 1.40 6.56
CA LEU A 82 -1.60 2.69 7.13
C LEU A 82 -2.71 3.19 8.06
N GLY A 83 -2.32 3.97 9.06
CA GLY A 83 -3.28 4.50 10.01
C GLY A 83 -3.55 3.51 11.14
N GLU A 84 -4.81 3.15 11.33
CA GLU A 84 -5.18 2.21 12.38
C GLU A 84 -5.14 0.78 11.87
N PRO A 85 -4.98 -0.16 12.76
CA PRO A 85 -4.92 -1.61 12.42
C PRO A 85 -6.28 -2.17 12.00
N PRO A 86 -6.28 -3.22 11.25
CA PRO A 86 -7.54 -3.88 10.76
C PRO A 86 -8.32 -4.52 11.91
N VAL A 87 -9.11 -5.55 11.59
CA VAL A 87 -9.90 -6.23 12.62
C VAL A 87 -10.00 -7.72 12.31
N ASP A 88 -10.41 -8.05 11.10
CA ASP A 88 -10.54 -9.45 10.70
C ASP A 88 -9.16 -10.07 10.53
N PRO A 89 -9.02 -11.32 10.88
CA PRO A 89 -7.72 -12.05 10.77
C PRO A 89 -7.32 -12.31 9.32
N LEU A 90 -8.28 -12.21 8.41
CA LEU A 90 -8.01 -12.44 7.00
C LEU A 90 -7.16 -11.30 6.42
N LEU A 91 -7.39 -10.09 6.91
CA LEU A 91 -6.63 -8.95 6.44
C LEU A 91 -5.25 -8.96 7.07
N THR A 92 -5.19 -9.36 8.34
CA THR A 92 -3.92 -9.44 9.06
C THR A 92 -3.04 -10.52 8.43
N ALA A 93 -3.65 -11.66 8.11
CA ALA A 93 -2.90 -12.77 7.52
C ALA A 93 -2.40 -12.37 6.13
N GLN A 94 -3.23 -11.69 5.37
CA GLN A 94 -2.87 -11.27 4.02
C GLN A 94 -1.98 -10.03 4.08
N ALA A 95 -2.05 -9.29 5.18
CA ALA A 95 -1.24 -8.09 5.35
C ALA A 95 0.22 -8.46 5.61
N SER A 96 1.14 -7.72 4.99
CA SER A 96 2.56 -7.99 5.17
C SER A 96 3.09 -7.26 6.40
N ALA A 97 2.50 -6.11 6.71
CA ALA A 97 2.93 -5.34 7.87
C ALA A 97 1.95 -4.21 8.16
N ILE A 98 1.43 -4.18 9.39
CA ILE A 98 0.49 -3.15 9.77
C ILE A 98 1.21 -1.95 10.39
N LEU A 99 0.95 -0.77 9.84
CA LEU A 99 1.58 0.45 10.35
C LEU A 99 0.56 1.30 11.10
N SER A 100 1.02 2.02 12.12
CA SER A 100 0.15 2.87 12.92
C SER A 100 0.96 3.81 13.79
N LYS A 101 2.28 3.66 13.73
CA LYS A 101 3.17 4.51 14.51
C LYS A 101 4.32 5.02 13.64
N PRO A 102 4.06 6.04 12.86
CA PRO A 102 5.08 6.63 11.95
C PRO A 102 6.38 6.94 12.68
N LEU A 103 7.51 6.71 12.00
CA LEU A 103 8.81 6.96 12.60
C LEU A 103 9.93 6.63 11.62
N ASP A 104 10.69 7.65 11.23
CA ASP A 104 11.80 7.45 10.30
C ASP A 104 11.31 6.81 9.00
N PRO A 105 11.51 7.46 7.87
CA PRO A 105 11.07 6.91 6.56
C PRO A 105 11.90 5.70 6.12
N GLN A 106 13.00 5.47 6.82
CA GLN A 106 13.87 4.35 6.49
C GLN A 106 13.22 3.04 6.89
N LEU A 107 12.35 3.09 7.89
CA LEU A 107 11.66 1.89 8.33
C LEU A 107 10.72 1.37 7.25
N LEU A 108 9.90 2.26 6.70
CA LEU A 108 8.98 1.87 5.64
C LEU A 108 9.76 1.31 4.45
N LEU A 109 10.86 1.97 4.11
CA LEU A 109 11.70 1.54 3.00
C LEU A 109 12.26 0.15 3.28
N THR A 110 12.67 -0.07 4.53
CA THR A 110 13.24 -1.35 4.93
C THR A 110 12.22 -2.47 4.72
N THR A 111 10.95 -2.18 5.04
CA THR A 111 9.89 -3.17 4.89
C THR A 111 9.75 -3.59 3.44
N LEU A 112 9.78 -2.62 2.53
CA LEU A 112 9.66 -2.91 1.11
C LEU A 112 10.87 -3.71 0.64
N GLN A 113 12.03 -3.37 1.19
CA GLN A 113 13.27 -4.05 0.84
C GLN A 113 13.21 -5.51 1.27
N GLY A 114 12.47 -5.76 2.36
CA GLY A 114 12.34 -7.12 2.88
C GLY A 114 12.12 -8.13 1.77
N LEU A 115 11.93 -7.65 0.55
CA LEU A 115 11.71 -8.55 -0.59
C LEU A 115 13.03 -9.17 -1.03
N CYS A 116 14.07 -8.35 -1.09
CA CYS A 116 15.38 -8.84 -1.51
C CYS A 116 15.25 -9.66 -2.78
N PRO A 117 14.72 -9.07 -3.82
CA PRO A 117 14.54 -9.77 -5.11
C PRO A 117 15.83 -9.75 -5.93
N PRO A 118 16.41 -10.89 -6.19
CA PRO A 118 17.67 -11.00 -6.99
C PRO A 118 17.42 -11.01 -8.48
N ASN A 119 18.22 -10.25 -9.22
CA ASN A 119 18.06 -10.18 -10.67
C ASN A 119 18.92 -11.25 -11.35
N ALA A 1 9.64 0.32 -13.43
CA ALA A 1 10.09 -0.57 -12.32
C ALA A 1 10.26 0.26 -11.04
N GLY A 2 9.87 -0.33 -9.91
CA GLY A 2 9.99 0.36 -8.64
C GLY A 2 8.82 1.32 -8.42
N HIS A 3 7.70 1.03 -9.07
CA HIS A 3 6.53 1.89 -8.93
C HIS A 3 5.65 1.40 -7.78
N ILE A 4 5.30 2.32 -6.89
CA ILE A 4 4.48 1.97 -5.73
C ILE A 4 3.16 2.73 -5.76
N LEU A 5 2.09 2.08 -5.34
CA LEU A 5 0.77 2.71 -5.33
C LEU A 5 0.35 3.03 -3.90
N LEU A 6 -0.14 4.25 -3.69
CA LEU A 6 -0.56 4.66 -2.36
C LEU A 6 -1.96 5.29 -2.39
N LEU A 7 -2.89 4.68 -1.65
CA LEU A 7 -4.25 5.19 -1.56
C LEU A 7 -4.46 5.81 -0.19
N GLU A 8 -4.77 7.10 -0.15
CA GLU A 8 -4.97 7.78 1.11
C GLU A 8 -5.78 9.06 0.93
N GLU A 9 -6.40 9.52 2.00
CA GLU A 9 -7.18 10.74 1.97
C GLU A 9 -6.46 11.85 2.73
N GLU A 10 -6.39 13.03 2.13
CA GLU A 10 -5.72 14.18 2.73
C GLU A 10 -4.39 14.42 2.03
N ASP A 11 -4.27 15.54 1.32
CA ASP A 11 -3.05 15.87 0.60
C ASP A 11 -1.87 16.01 1.56
N GLU A 12 -2.13 16.52 2.77
CA GLU A 12 -1.07 16.70 3.75
C GLU A 12 -0.49 15.36 4.18
N ALA A 13 -1.37 14.38 4.38
CA ALA A 13 -0.94 13.06 4.81
C ALA A 13 -0.34 12.27 3.64
N ALA A 14 -1.03 12.30 2.50
CA ALA A 14 -0.55 11.59 1.33
C ALA A 14 0.79 12.14 0.87
N THR A 15 0.94 13.46 0.91
CA THR A 15 2.18 14.10 0.51
C THR A 15 3.34 13.69 1.41
N VAL A 16 3.08 13.68 2.72
CA VAL A 16 4.12 13.32 3.67
C VAL A 16 4.73 11.96 3.34
N VAL A 17 3.89 10.96 3.19
CA VAL A 17 4.37 9.61 2.87
C VAL A 17 5.16 9.63 1.57
N CYS A 18 4.67 10.37 0.58
CA CYS A 18 5.33 10.46 -0.71
C CYS A 18 6.74 11.03 -0.56
N GLU A 19 6.90 12.01 0.32
CA GLU A 19 8.22 12.61 0.53
C GLU A 19 9.18 11.56 1.07
N MET A 20 8.68 10.68 1.92
CA MET A 20 9.50 9.64 2.50
C MET A 20 9.91 8.63 1.42
N LEU A 21 8.93 8.17 0.65
CA LEU A 21 9.20 7.21 -0.42
C LEU A 21 9.99 7.87 -1.54
N THR A 22 9.60 9.09 -1.90
CA THR A 22 10.29 9.82 -2.95
C THR A 22 11.78 9.92 -2.61
N ALA A 23 12.05 10.19 -1.34
CA ALA A 23 13.43 10.31 -0.88
C ALA A 23 14.13 8.96 -0.95
N ALA A 24 13.36 7.88 -0.79
CA ALA A 24 13.92 6.54 -0.85
C ALA A 24 14.34 6.17 -2.26
N GLY A 25 14.03 7.06 -3.21
CA GLY A 25 14.39 6.83 -4.60
C GLY A 25 13.24 6.20 -5.37
N PHE A 26 12.19 5.81 -4.66
CA PHE A 26 11.02 5.19 -5.29
C PHE A 26 9.93 6.21 -5.52
N LYS A 27 9.29 6.13 -6.69
CA LYS A 27 8.21 7.05 -7.02
C LYS A 27 6.87 6.45 -6.61
N VAL A 28 6.05 7.24 -5.94
CA VAL A 28 4.74 6.76 -5.50
C VAL A 28 3.62 7.67 -5.99
N ILE A 29 2.50 7.05 -6.37
CA ILE A 29 1.35 7.80 -6.86
C ILE A 29 0.24 7.80 -5.82
N TRP A 30 -0.27 8.98 -5.51
CA TRP A 30 -1.34 9.10 -4.52
C TRP A 30 -2.71 9.07 -5.19
N LEU A 31 -3.51 8.07 -4.83
CA LEU A 31 -4.85 7.94 -5.39
C LEU A 31 -5.91 8.27 -4.35
N VAL A 32 -6.98 8.91 -4.79
CA VAL A 32 -8.07 9.28 -3.90
C VAL A 32 -9.27 8.35 -4.08
N ASP A 33 -9.08 7.33 -4.93
CA ASP A 33 -10.14 6.37 -5.19
C ASP A 33 -9.54 4.98 -5.42
N GLY A 34 -9.94 4.02 -4.60
CA GLY A 34 -9.43 2.66 -4.73
C GLY A 34 -9.68 2.11 -6.13
N SER A 35 -10.89 2.33 -6.64
CA SER A 35 -11.24 1.84 -7.97
C SER A 35 -10.32 2.43 -9.04
N THR A 36 -10.01 3.71 -8.92
CA THR A 36 -9.15 4.37 -9.87
C THR A 36 -7.75 3.76 -9.85
N ALA A 37 -7.30 3.42 -8.64
CA ALA A 37 -5.99 2.84 -8.46
C ALA A 37 -5.88 1.48 -9.16
N LEU A 38 -6.91 0.65 -8.99
CA LEU A 38 -6.89 -0.68 -9.60
C LEU A 38 -6.74 -0.58 -11.12
N ASP A 39 -7.49 0.33 -11.73
CA ASP A 39 -7.45 0.50 -13.17
C ASP A 39 -6.03 0.86 -13.62
N GLN A 40 -5.37 1.71 -12.86
CA GLN A 40 -4.01 2.11 -13.19
C GLN A 40 -3.02 1.12 -12.59
N LEU A 41 -3.45 0.44 -11.53
CA LEU A 41 -2.60 -0.54 -10.87
C LEU A 41 -2.03 -1.51 -11.88
N ASP A 42 -2.87 -1.98 -12.78
CA ASP A 42 -2.44 -2.92 -13.81
C ASP A 42 -1.39 -2.28 -14.72
N LEU A 43 -1.50 -0.97 -14.89
CA LEU A 43 -0.56 -0.24 -15.76
C LEU A 43 0.82 -0.11 -15.12
N LEU A 44 0.86 0.30 -13.85
CA LEU A 44 2.15 0.48 -13.18
C LEU A 44 2.67 -0.85 -12.63
N GLN A 45 1.79 -1.83 -12.50
CA GLN A 45 2.20 -3.13 -11.97
C GLN A 45 3.16 -2.94 -10.80
N PRO A 46 2.67 -2.35 -9.74
CA PRO A 46 3.48 -2.08 -8.52
C PRO A 46 3.79 -3.34 -7.72
N ILE A 47 4.88 -3.29 -6.95
CA ILE A 47 5.28 -4.43 -6.13
C ILE A 47 4.71 -4.28 -4.72
N VAL A 48 4.39 -3.05 -4.35
CA VAL A 48 3.84 -2.78 -3.03
C VAL A 48 2.71 -1.77 -3.12
N ILE A 49 1.62 -2.04 -2.40
CA ILE A 49 0.47 -1.14 -2.40
C ILE A 49 0.18 -0.64 -0.98
N LEU A 50 0.16 0.68 -0.81
CA LEU A 50 -0.11 1.26 0.49
C LEU A 50 -1.51 1.89 0.51
N MET A 51 -2.30 1.54 1.51
CA MET A 51 -3.65 2.08 1.60
C MET A 51 -4.02 2.38 3.05
N ALA A 52 -4.72 3.49 3.25
CA ALA A 52 -5.16 3.88 4.58
C ALA A 52 -6.16 2.86 5.11
N TRP A 53 -6.26 2.75 6.42
CA TRP A 53 -7.19 1.78 7.01
C TRP A 53 -8.49 2.49 7.46
N PRO A 54 -8.42 3.76 7.76
CA PRO A 54 -9.64 4.53 8.14
C PRO A 54 -10.55 4.71 6.94
N PRO A 55 -11.83 4.79 7.15
CA PRO A 55 -12.82 4.97 6.05
C PRO A 55 -12.78 6.38 5.45
N PRO A 56 -12.32 6.51 4.23
CA PRO A 56 -12.24 7.82 3.53
C PRO A 56 -13.49 8.10 2.72
N ASP A 57 -14.08 7.04 2.19
CA ASP A 57 -15.29 7.13 1.40
C ASP A 57 -16.03 5.80 1.41
N GLN A 58 -15.58 4.87 0.57
CA GLN A 58 -16.18 3.55 0.49
C GLN A 58 -15.48 2.68 -0.55
N SER A 59 -14.86 3.33 -1.54
CA SER A 59 -14.16 2.62 -2.59
C SER A 59 -12.97 1.83 -2.03
N CYS A 60 -12.33 2.40 -1.00
CA CYS A 60 -11.17 1.74 -0.40
C CYS A 60 -11.55 0.37 0.15
N LEU A 61 -12.78 0.24 0.64
CA LEU A 61 -13.25 -1.02 1.18
C LEU A 61 -13.35 -2.08 0.08
N LEU A 62 -13.81 -1.66 -1.08
CA LEU A 62 -13.94 -2.60 -2.20
C LEU A 62 -12.55 -2.98 -2.70
N LEU A 63 -11.62 -2.03 -2.64
CA LEU A 63 -10.26 -2.29 -3.07
C LEU A 63 -9.68 -3.43 -2.23
N LEU A 64 -9.97 -3.40 -0.94
CA LEU A 64 -9.50 -4.45 -0.04
C LEU A 64 -10.03 -5.80 -0.49
N GLN A 65 -11.31 -5.84 -0.86
CA GLN A 65 -11.92 -7.09 -1.31
C GLN A 65 -11.23 -7.61 -2.57
N HIS A 66 -10.94 -6.70 -3.50
CA HIS A 66 -10.28 -7.09 -4.74
C HIS A 66 -8.95 -7.77 -4.45
N LEU A 67 -8.16 -7.15 -3.58
CA LEU A 67 -6.86 -7.70 -3.21
C LEU A 67 -7.00 -9.12 -2.68
N ARG A 68 -8.07 -9.37 -1.92
CA ARG A 68 -8.29 -10.71 -1.36
C ARG A 68 -8.48 -11.73 -2.47
N GLU A 69 -9.23 -11.36 -3.51
CA GLU A 69 -9.48 -12.26 -4.62
C GLU A 69 -8.19 -12.52 -5.41
N HIS A 70 -7.34 -11.51 -5.49
CA HIS A 70 -6.08 -11.63 -6.21
C HIS A 70 -4.94 -11.97 -5.25
N GLN A 71 -5.27 -12.10 -3.97
CA GLN A 71 -4.27 -12.43 -2.96
C GLN A 71 -3.60 -13.77 -3.26
N ALA A 72 -4.37 -14.70 -3.81
CA ALA A 72 -3.83 -16.02 -4.13
C ALA A 72 -3.10 -15.99 -5.47
N ASP A 73 -3.06 -14.83 -6.11
CA ASP A 73 -2.38 -14.72 -7.39
C ASP A 73 -0.87 -14.83 -7.17
N PRO A 74 -0.17 -15.40 -8.11
CA PRO A 74 1.30 -15.60 -8.02
C PRO A 74 2.05 -14.29 -7.79
N HIS A 75 3.12 -14.37 -7.01
CA HIS A 75 3.93 -13.20 -6.71
C HIS A 75 3.05 -12.07 -6.18
N PRO A 76 2.32 -12.32 -5.14
CA PRO A 76 1.42 -11.31 -4.52
C PRO A 76 2.19 -10.12 -3.95
N PRO A 77 1.76 -8.92 -4.20
CA PRO A 77 2.44 -7.69 -3.69
C PRO A 77 2.18 -7.49 -2.20
N LEU A 78 3.14 -6.86 -1.52
CA LEU A 78 2.99 -6.61 -0.09
C LEU A 78 2.08 -5.42 0.14
N VAL A 79 1.21 -5.53 1.13
CA VAL A 79 0.27 -4.45 1.43
C VAL A 79 0.54 -3.85 2.81
N LEU A 80 0.65 -2.53 2.87
CA LEU A 80 0.87 -1.83 4.12
C LEU A 80 -0.31 -0.91 4.42
N PHE A 81 -0.77 -0.91 5.67
CA PHE A 81 -1.89 -0.07 6.05
C PHE A 81 -1.48 1.08 6.96
N LEU A 82 -2.02 2.26 6.67
CA LEU A 82 -1.72 3.45 7.47
C LEU A 82 -2.81 3.68 8.52
N GLY A 83 -2.46 4.38 9.60
CA GLY A 83 -3.42 4.65 10.66
C GLY A 83 -3.49 3.51 11.66
N GLU A 84 -4.69 3.20 12.11
CA GLU A 84 -4.87 2.13 13.09
C GLU A 84 -5.03 0.78 12.40
N PRO A 85 -4.61 -0.27 13.05
CA PRO A 85 -4.69 -1.66 12.49
C PRO A 85 -6.11 -2.21 12.53
N PRO A 86 -6.48 -3.02 11.55
CA PRO A 86 -7.83 -3.64 11.50
C PRO A 86 -8.18 -4.32 12.82
N VAL A 87 -9.47 -4.44 13.11
CA VAL A 87 -9.89 -5.08 14.35
C VAL A 87 -9.79 -6.60 14.24
N ASP A 88 -10.21 -7.13 13.09
CA ASP A 88 -10.14 -8.57 12.87
C ASP A 88 -8.69 -8.98 12.64
N PRO A 89 -8.25 -10.08 13.22
CA PRO A 89 -6.86 -10.57 13.06
C PRO A 89 -6.63 -11.24 11.70
N LEU A 90 -7.71 -11.52 11.00
CA LEU A 90 -7.62 -12.16 9.69
C LEU A 90 -7.04 -11.20 8.66
N LEU A 91 -7.41 -9.92 8.78
CA LEU A 91 -6.91 -8.92 7.85
C LEU A 91 -5.46 -8.59 8.18
N THR A 92 -5.14 -8.62 9.47
CA THR A 92 -3.78 -8.35 9.92
C THR A 92 -2.82 -9.40 9.37
N ALA A 93 -3.25 -10.66 9.44
CA ALA A 93 -2.42 -11.76 8.94
C ALA A 93 -2.23 -11.66 7.43
N GLN A 94 -3.28 -11.23 6.74
CA GLN A 94 -3.21 -11.08 5.29
C GLN A 94 -2.37 -9.87 4.93
N ALA A 95 -2.33 -8.89 5.83
CA ALA A 95 -1.55 -7.68 5.60
C ALA A 95 -0.07 -7.98 5.70
N SER A 96 0.74 -7.23 4.94
CA SER A 96 2.18 -7.42 4.95
C SER A 96 2.80 -6.63 6.10
N ALA A 97 2.20 -5.50 6.43
CA ALA A 97 2.71 -4.66 7.51
C ALA A 97 1.73 -3.53 7.82
N ILE A 98 1.85 -2.95 9.00
CA ILE A 98 0.95 -1.86 9.41
C ILE A 98 1.68 -0.86 10.30
N LEU A 99 1.74 0.39 9.87
CA LEU A 99 2.41 1.43 10.64
C LEU A 99 1.40 2.45 11.16
N SER A 100 1.46 2.74 12.45
CA SER A 100 0.56 3.72 13.04
C SER A 100 0.87 5.11 12.53
N LYS A 101 2.18 5.39 12.42
CA LYS A 101 2.63 6.69 11.92
C LYS A 101 3.90 6.52 11.10
N PRO A 102 4.07 7.31 10.07
CA PRO A 102 5.28 7.23 9.21
C PRO A 102 6.56 7.49 10.00
N LEU A 103 7.54 6.60 9.85
CA LEU A 103 8.80 6.74 10.55
C LEU A 103 9.74 5.59 10.19
N ASP A 104 11.04 5.87 10.22
CA ASP A 104 12.04 4.86 9.90
C ASP A 104 11.81 4.29 8.51
N PRO A 105 12.02 5.09 7.50
CA PRO A 105 11.84 4.68 6.08
C PRO A 105 12.65 3.43 5.74
N GLN A 106 13.60 3.09 6.61
CA GLN A 106 14.44 1.92 6.38
C GLN A 106 13.61 0.65 6.56
N LEU A 107 12.65 0.70 7.47
CA LEU A 107 11.80 -0.46 7.70
C LEU A 107 10.92 -0.73 6.49
N LEU A 108 10.39 0.34 5.91
CA LEU A 108 9.55 0.20 4.72
C LEU A 108 10.31 -0.52 3.63
N LEU A 109 11.57 -0.13 3.43
CA LEU A 109 12.40 -0.77 2.42
C LEU A 109 12.59 -2.25 2.74
N THR A 110 12.76 -2.55 4.02
CA THR A 110 12.95 -3.94 4.45
C THR A 110 11.75 -4.79 4.04
N THR A 111 10.56 -4.21 4.19
CA THR A 111 9.33 -4.91 3.84
C THR A 111 9.29 -5.24 2.35
N LEU A 112 9.73 -4.30 1.53
CA LEU A 112 9.71 -4.50 0.07
C LEU A 112 10.63 -5.65 -0.33
N GLN A 113 11.85 -5.64 0.18
CA GLN A 113 12.81 -6.70 -0.15
C GLN A 113 12.38 -8.02 0.47
N GLY A 114 11.55 -7.95 1.51
CA GLY A 114 11.08 -9.16 2.19
C GLY A 114 10.43 -10.12 1.20
N LEU A 115 10.40 -9.73 -0.08
CA LEU A 115 9.82 -10.57 -1.11
C LEU A 115 10.85 -11.59 -1.62
N CYS A 116 12.07 -11.48 -1.13
CA CYS A 116 13.13 -12.39 -1.55
C CYS A 116 13.44 -12.21 -3.03
N PRO A 117 13.93 -11.07 -3.40
CA PRO A 117 14.28 -10.78 -4.82
C PRO A 117 15.58 -11.49 -5.21
N PRO A 118 15.52 -12.39 -6.15
CA PRO A 118 16.71 -13.16 -6.60
C PRO A 118 17.49 -12.42 -7.68
N ASN A 119 17.02 -11.23 -8.03
CA ASN A 119 17.69 -10.42 -9.06
C ASN A 119 18.78 -9.55 -8.42
N ALA A 1 9.76 -0.34 -13.04
CA ALA A 1 10.32 -0.94 -11.80
C ALA A 1 10.60 0.17 -10.78
N GLY A 2 10.31 -0.10 -9.52
CA GLY A 2 10.54 0.88 -8.46
C GLY A 2 9.28 1.71 -8.21
N HIS A 3 8.18 1.33 -8.85
CA HIS A 3 6.92 2.05 -8.69
C HIS A 3 6.11 1.47 -7.53
N ILE A 4 5.60 2.36 -6.68
CA ILE A 4 4.80 1.95 -5.53
C ILE A 4 3.40 2.54 -5.65
N LEU A 5 2.38 1.77 -5.27
CA LEU A 5 1.01 2.26 -5.35
C LEU A 5 0.48 2.59 -3.96
N LEU A 6 -0.06 3.79 -3.81
CA LEU A 6 -0.60 4.23 -2.53
C LEU A 6 -1.97 4.87 -2.70
N LEU A 7 -2.97 4.30 -2.05
CA LEU A 7 -4.32 4.83 -2.13
C LEU A 7 -4.70 5.49 -0.81
N GLU A 8 -5.01 6.78 -0.85
CA GLU A 8 -5.37 7.50 0.36
C GLU A 8 -6.14 8.78 0.01
N GLU A 9 -6.86 9.32 0.99
CA GLU A 9 -7.62 10.54 0.77
C GLU A 9 -7.04 11.68 1.60
N GLU A 10 -7.28 12.91 1.16
CA GLU A 10 -6.77 14.09 1.85
C GLU A 10 -5.41 14.48 1.27
N ASP A 11 -5.36 15.63 0.62
CA ASP A 11 -4.13 16.11 0.02
C ASP A 11 -3.02 16.25 1.06
N GLU A 12 -3.39 16.70 2.25
CA GLU A 12 -2.41 16.88 3.32
C GLU A 12 -1.84 15.55 3.79
N ALA A 13 -2.71 14.55 3.91
CA ALA A 13 -2.27 13.23 4.35
C ALA A 13 -1.56 12.49 3.22
N ALA A 14 -2.14 12.53 2.03
CA ALA A 14 -1.56 11.85 0.87
C ALA A 14 -0.21 12.46 0.51
N THR A 15 -0.17 13.79 0.45
CA THR A 15 1.08 14.48 0.11
C THR A 15 2.16 14.22 1.14
N VAL A 16 1.79 14.30 2.41
CA VAL A 16 2.74 14.07 3.49
C VAL A 16 3.41 12.71 3.34
N VAL A 17 2.60 11.67 3.22
CA VAL A 17 3.12 10.32 3.07
C VAL A 17 3.98 10.21 1.82
N CYS A 18 3.49 10.76 0.72
CA CYS A 18 4.23 10.72 -0.54
C CYS A 18 5.56 11.44 -0.42
N GLU A 19 5.57 12.54 0.33
CA GLU A 19 6.80 13.31 0.51
C GLU A 19 7.86 12.48 1.21
N MET A 20 7.43 11.69 2.20
CA MET A 20 8.37 10.85 2.93
C MET A 20 8.94 9.75 2.04
N LEU A 21 8.04 9.03 1.35
CA LEU A 21 8.48 7.96 0.46
C LEU A 21 9.21 8.53 -0.75
N THR A 22 8.63 9.59 -1.33
CA THR A 22 9.26 10.22 -2.49
C THR A 22 10.68 10.64 -2.15
N ALA A 23 10.85 11.22 -0.97
CA ALA A 23 12.16 11.66 -0.51
C ALA A 23 13.06 10.47 -0.22
N ALA A 24 12.44 9.33 0.06
CA ALA A 24 13.20 8.11 0.36
C ALA A 24 13.85 7.56 -0.90
N GLY A 25 13.58 8.21 -2.04
CA GLY A 25 14.15 7.78 -3.30
C GLY A 25 13.18 6.88 -4.06
N PHE A 26 12.11 6.48 -3.39
CA PHE A 26 11.11 5.62 -4.00
C PHE A 26 9.96 6.45 -4.56
N LYS A 27 9.49 6.09 -5.75
CA LYS A 27 8.38 6.81 -6.36
C LYS A 27 7.06 6.16 -5.99
N VAL A 28 6.13 6.97 -5.53
CA VAL A 28 4.82 6.47 -5.14
C VAL A 28 3.73 7.28 -5.81
N ILE A 29 2.69 6.60 -6.29
CA ILE A 29 1.60 7.29 -6.94
C ILE A 29 0.37 7.30 -6.03
N TRP A 30 -0.23 8.48 -5.88
CA TRP A 30 -1.39 8.63 -5.02
C TRP A 30 -2.68 8.40 -5.79
N LEU A 31 -3.47 7.45 -5.32
CA LEU A 31 -4.74 7.13 -5.97
C LEU A 31 -5.92 7.54 -5.08
N VAL A 32 -6.96 8.07 -5.70
CA VAL A 32 -8.14 8.50 -4.96
C VAL A 32 -9.31 7.57 -5.27
N ASP A 33 -9.04 6.50 -6.02
CA ASP A 33 -10.08 5.55 -6.38
C ASP A 33 -9.48 4.13 -6.49
N GLY A 34 -10.20 3.15 -5.97
CA GLY A 34 -9.73 1.78 -6.01
C GLY A 34 -9.66 1.25 -7.44
N SER A 35 -10.71 1.48 -8.22
CA SER A 35 -10.74 1.02 -9.60
C SER A 35 -9.60 1.62 -10.41
N THR A 36 -9.29 2.88 -10.14
CA THR A 36 -8.23 3.56 -10.85
C THR A 36 -6.89 2.91 -10.55
N ALA A 37 -6.73 2.46 -9.31
CA ALA A 37 -5.48 1.82 -8.90
C ALA A 37 -5.22 0.56 -9.70
N LEU A 38 -6.23 -0.29 -9.81
CA LEU A 38 -6.09 -1.53 -10.55
C LEU A 38 -5.70 -1.26 -12.01
N ASP A 39 -6.31 -0.23 -12.60
CA ASP A 39 -6.03 0.12 -13.98
C ASP A 39 -4.57 0.52 -14.16
N GLN A 40 -4.04 1.29 -13.22
CA GLN A 40 -2.64 1.73 -13.31
C GLN A 40 -1.72 0.71 -12.66
N LEU A 41 -2.18 0.09 -11.58
CA LEU A 41 -1.39 -0.90 -10.86
C LEU A 41 -0.80 -1.93 -11.82
N ASP A 42 -1.62 -2.39 -12.76
CA ASP A 42 -1.17 -3.40 -13.72
C ASP A 42 -0.06 -2.83 -14.62
N LEU A 43 -0.12 -1.53 -14.89
CA LEU A 43 0.89 -0.90 -15.75
C LEU A 43 2.24 -0.78 -15.05
N LEU A 44 2.24 -0.30 -13.81
CA LEU A 44 3.50 -0.13 -13.08
C LEU A 44 3.95 -1.45 -12.43
N GLN A 45 3.05 -2.41 -12.33
CA GLN A 45 3.40 -3.69 -11.72
C GLN A 45 4.28 -3.46 -10.49
N PRO A 46 3.75 -2.77 -9.52
CA PRO A 46 4.47 -2.45 -8.25
C PRO A 46 4.65 -3.68 -7.36
N ILE A 47 5.72 -3.66 -6.57
CA ILE A 47 5.99 -4.77 -5.66
C ILE A 47 5.44 -4.49 -4.27
N VAL A 48 5.04 -3.23 -4.04
CA VAL A 48 4.49 -2.84 -2.74
C VAL A 48 3.29 -1.92 -2.92
N ILE A 49 2.23 -2.18 -2.17
CA ILE A 49 1.04 -1.36 -2.26
C ILE A 49 0.60 -0.86 -0.88
N LEU A 50 0.48 0.45 -0.75
CA LEU A 50 0.05 1.03 0.52
C LEU A 50 -1.41 1.44 0.43
N MET A 51 -2.18 1.17 1.48
CA MET A 51 -3.60 1.52 1.45
C MET A 51 -4.06 2.10 2.79
N ALA A 52 -4.81 3.19 2.73
CA ALA A 52 -5.33 3.84 3.92
C ALA A 52 -6.37 2.94 4.60
N TRP A 53 -6.48 3.07 5.92
CA TRP A 53 -7.44 2.27 6.67
C TRP A 53 -8.55 3.13 7.31
N PRO A 54 -8.32 4.41 7.51
CA PRO A 54 -9.34 5.30 8.12
C PRO A 54 -10.72 5.12 7.49
N PRO A 55 -11.76 5.50 8.20
CA PRO A 55 -13.16 5.37 7.70
C PRO A 55 -13.36 5.96 6.30
N PRO A 56 -13.02 7.19 6.07
CA PRO A 56 -13.18 7.83 4.73
C PRO A 56 -12.63 6.96 3.61
N ASP A 57 -12.09 5.80 3.98
CA ASP A 57 -11.53 4.88 3.01
C ASP A 57 -12.63 4.03 2.36
N GLN A 58 -13.72 4.68 1.97
CA GLN A 58 -14.83 3.95 1.35
C GLN A 58 -14.37 3.22 0.08
N SER A 59 -13.49 3.85 -0.68
CA SER A 59 -13.00 3.26 -1.92
C SER A 59 -12.13 2.04 -1.62
N CYS A 60 -11.47 2.04 -0.47
CA CYS A 60 -10.61 0.92 -0.09
C CYS A 60 -11.41 -0.37 0.05
N LEU A 61 -12.70 -0.24 0.33
CA LEU A 61 -13.56 -1.40 0.50
C LEU A 61 -13.70 -2.19 -0.79
N LEU A 62 -13.84 -1.49 -1.92
CA LEU A 62 -13.99 -2.16 -3.19
C LEU A 62 -12.68 -2.81 -3.64
N LEU A 63 -11.58 -2.06 -3.48
CA LEU A 63 -10.28 -2.58 -3.86
C LEU A 63 -9.96 -3.82 -3.03
N LEU A 64 -10.29 -3.77 -1.74
CA LEU A 64 -10.05 -4.89 -0.85
C LEU A 64 -10.78 -6.13 -1.33
N GLN A 65 -12.02 -5.95 -1.77
CA GLN A 65 -12.81 -7.08 -2.26
C GLN A 65 -12.14 -7.70 -3.48
N HIS A 66 -11.59 -6.86 -4.35
CA HIS A 66 -10.92 -7.34 -5.54
C HIS A 66 -9.78 -8.28 -5.16
N LEU A 67 -8.97 -7.84 -4.20
CA LEU A 67 -7.84 -8.65 -3.75
C LEU A 67 -8.33 -10.03 -3.32
N ARG A 68 -9.48 -10.07 -2.67
CA ARG A 68 -10.05 -11.33 -2.22
C ARG A 68 -10.39 -12.20 -3.42
N GLU A 69 -10.81 -11.56 -4.50
CA GLU A 69 -11.18 -12.28 -5.72
C GLU A 69 -9.97 -12.94 -6.35
N HIS A 70 -8.80 -12.33 -6.20
CA HIS A 70 -7.58 -12.89 -6.76
C HIS A 70 -6.35 -12.16 -6.25
N GLN A 71 -6.12 -12.25 -4.95
CA GLN A 71 -4.95 -11.60 -4.35
C GLN A 71 -3.67 -12.18 -4.92
N ALA A 72 -3.82 -13.05 -5.92
CA ALA A 72 -2.67 -13.68 -6.55
C ALA A 72 -1.96 -14.61 -5.57
N ASP A 73 -1.97 -15.89 -5.88
CA ASP A 73 -1.32 -16.88 -5.02
C ASP A 73 0.20 -16.70 -5.05
N PRO A 74 0.76 -16.58 -6.22
CA PRO A 74 2.23 -16.40 -6.38
C PRO A 74 2.74 -15.13 -5.68
N HIS A 75 3.86 -15.27 -4.99
CA HIS A 75 4.47 -14.14 -4.27
C HIS A 75 3.66 -12.86 -4.45
N PRO A 76 2.50 -12.78 -3.86
CA PRO A 76 1.62 -11.58 -3.96
C PRO A 76 2.32 -10.33 -3.46
N PRO A 77 2.03 -9.19 -4.03
CA PRO A 77 2.63 -7.90 -3.63
C PRO A 77 2.46 -7.60 -2.15
N LEU A 78 3.38 -6.83 -1.58
CA LEU A 78 3.32 -6.48 -0.17
C LEU A 78 2.28 -5.40 0.06
N VAL A 79 1.50 -5.52 1.14
CA VAL A 79 0.47 -4.54 1.44
C VAL A 79 0.66 -3.92 2.82
N LEU A 80 0.61 -2.60 2.87
CA LEU A 80 0.75 -1.88 4.13
C LEU A 80 -0.51 -1.07 4.43
N PHE A 81 -0.94 -1.07 5.68
CA PHE A 81 -2.14 -0.33 6.06
C PHE A 81 -1.78 0.90 6.89
N LEU A 82 -2.27 2.05 6.46
CA LEU A 82 -2.01 3.30 7.17
C LEU A 82 -3.19 3.65 8.09
N GLY A 83 -2.88 4.26 9.23
CA GLY A 83 -3.93 4.65 10.17
C GLY A 83 -4.10 3.62 11.29
N GLU A 84 -5.34 3.17 11.49
CA GLU A 84 -5.65 2.20 12.53
C GLU A 84 -5.45 0.77 12.04
N PRO A 85 -5.17 -0.13 12.96
CA PRO A 85 -4.95 -1.57 12.63
C PRO A 85 -6.18 -2.23 12.02
N PRO A 86 -6.00 -3.34 11.37
CA PRO A 86 -7.10 -4.10 10.71
C PRO A 86 -8.16 -4.61 11.70
N VAL A 87 -9.39 -4.73 11.21
CA VAL A 87 -10.48 -5.21 12.04
C VAL A 87 -10.55 -6.73 12.03
N ASP A 88 -9.46 -7.36 11.58
CA ASP A 88 -9.41 -8.82 11.51
C ASP A 88 -7.97 -9.32 11.41
N PRO A 89 -7.67 -10.42 12.04
CA PRO A 89 -6.31 -11.02 12.01
C PRO A 89 -5.96 -11.60 10.64
N LEU A 90 -6.99 -11.88 9.85
CA LEU A 90 -6.78 -12.43 8.52
C LEU A 90 -6.18 -11.37 7.60
N LEU A 91 -6.57 -10.11 7.83
CA LEU A 91 -6.05 -9.01 7.04
C LEU A 91 -4.62 -8.70 7.48
N THR A 92 -4.37 -8.84 8.77
CA THR A 92 -3.04 -8.58 9.30
C THR A 92 -2.04 -9.56 8.68
N ALA A 93 -2.46 -10.81 8.56
CA ALA A 93 -1.61 -11.84 7.98
C ALA A 93 -1.32 -11.52 6.52
N GLN A 94 -2.34 -11.01 5.82
CA GLN A 94 -2.20 -10.67 4.42
C GLN A 94 -1.42 -9.36 4.28
N ALA A 95 -1.51 -8.51 5.30
CA ALA A 95 -0.81 -7.24 5.27
C ALA A 95 0.69 -7.45 5.42
N SER A 96 1.47 -6.61 4.74
CA SER A 96 2.92 -6.71 4.81
C SER A 96 3.47 -5.94 6.00
N ALA A 97 2.73 -4.91 6.41
CA ALA A 97 3.15 -4.10 7.55
C ALA A 97 2.04 -3.13 7.96
N ILE A 98 1.62 -3.21 9.23
CA ILE A 98 0.57 -2.33 9.73
C ILE A 98 1.18 -1.05 10.30
N LEU A 99 0.75 0.09 9.77
CA LEU A 99 1.26 1.38 10.24
C LEU A 99 0.19 2.13 11.03
N SER A 100 0.62 2.88 12.04
CA SER A 100 -0.30 3.64 12.86
C SER A 100 0.48 4.62 13.73
N LYS A 101 1.75 4.31 13.95
CA LYS A 101 2.62 5.16 14.76
C LYS A 101 3.93 5.40 14.02
N PRO A 102 3.94 6.31 13.10
CA PRO A 102 5.15 6.63 12.29
C PRO A 102 6.40 6.77 13.14
N LEU A 103 7.41 5.96 12.82
CA LEU A 103 8.67 5.98 13.54
C LEU A 103 9.62 4.94 12.98
N ASP A 104 10.90 5.28 12.90
CA ASP A 104 11.90 4.36 12.37
C ASP A 104 11.57 3.99 10.92
N PRO A 105 11.70 4.93 10.03
CA PRO A 105 11.43 4.72 8.58
C PRO A 105 12.18 3.51 8.03
N GLN A 106 12.97 2.86 8.89
CA GLN A 106 13.75 1.70 8.48
C GLN A 106 12.85 0.49 8.27
N LEU A 107 11.77 0.42 9.04
CA LEU A 107 10.84 -0.71 8.90
C LEU A 107 10.18 -0.67 7.54
N LEU A 108 9.72 0.50 7.12
CA LEU A 108 9.09 0.63 5.82
C LEU A 108 10.06 0.19 4.75
N LEU A 109 11.29 0.69 4.83
CA LEU A 109 12.33 0.32 3.87
C LEU A 109 12.68 -1.14 3.99
N THR A 110 12.77 -1.63 5.23
CA THR A 110 13.10 -3.02 5.47
C THR A 110 12.08 -3.94 4.83
N THR A 111 10.81 -3.56 4.94
CA THR A 111 9.74 -4.37 4.36
C THR A 111 9.93 -4.48 2.85
N LEU A 112 10.23 -3.36 2.21
CA LEU A 112 10.45 -3.35 0.77
C LEU A 112 11.72 -4.13 0.44
N GLN A 113 12.75 -3.91 1.24
CA GLN A 113 14.02 -4.60 1.03
C GLN A 113 13.85 -6.10 1.22
N GLY A 114 13.00 -6.47 2.17
CA GLY A 114 12.74 -7.89 2.45
C GLY A 114 12.35 -8.60 1.16
N LEU A 115 12.07 -7.83 0.12
CA LEU A 115 11.67 -8.39 -1.15
C LEU A 115 12.05 -7.46 -2.29
N CYS A 116 13.24 -7.65 -2.84
CA CYS A 116 13.71 -6.81 -3.94
C CYS A 116 14.41 -7.65 -4.99
N PRO A 117 13.78 -8.70 -5.45
CA PRO A 117 14.36 -9.59 -6.48
C PRO A 117 14.23 -8.96 -7.87
N PRO A 118 15.33 -8.68 -8.52
CA PRO A 118 15.31 -8.07 -9.87
C PRO A 118 15.15 -9.12 -10.98
N ASN A 119 14.17 -8.90 -11.84
CA ASN A 119 13.91 -9.84 -12.94
C ASN A 119 14.71 -9.45 -14.17
N ALA A 1 14.19 -0.34 -7.24
CA ALA A 1 13.10 0.34 -6.50
C ALA A 1 11.76 -0.09 -7.07
N GLY A 2 11.50 0.29 -8.32
CA GLY A 2 10.25 -0.06 -8.97
C GLY A 2 9.17 0.99 -8.68
N HIS A 3 7.98 0.77 -9.24
CA HIS A 3 6.88 1.70 -9.03
C HIS A 3 6.01 1.25 -7.86
N ILE A 4 5.68 2.20 -6.98
CA ILE A 4 4.85 1.89 -5.82
C ILE A 4 3.52 2.62 -5.91
N LEU A 5 2.44 1.94 -5.52
CA LEU A 5 1.12 2.55 -5.57
C LEU A 5 0.57 2.76 -4.16
N LEU A 6 0.11 3.99 -3.89
CA LEU A 6 -0.43 4.30 -2.58
C LEU A 6 -1.78 5.01 -2.70
N LEU A 7 -2.80 4.42 -2.10
CA LEU A 7 -4.15 4.99 -2.13
C LEU A 7 -4.50 5.56 -0.76
N GLU A 8 -4.87 6.83 -0.72
CA GLU A 8 -5.24 7.47 0.54
C GLU A 8 -6.11 8.70 0.30
N GLU A 9 -6.67 9.24 1.38
CA GLU A 9 -7.51 10.41 1.29
C GLU A 9 -6.85 11.59 2.01
N GLU A 10 -7.31 12.80 1.72
CA GLU A 10 -6.74 13.99 2.34
C GLU A 10 -5.33 14.24 1.83
N ASP A 11 -5.10 15.42 1.28
CA ASP A 11 -3.79 15.78 0.75
C ASP A 11 -2.72 15.70 1.83
N GLU A 12 -3.10 16.03 3.06
CA GLU A 12 -2.13 16.00 4.17
C GLU A 12 -1.63 14.58 4.42
N ALA A 13 -2.54 13.61 4.37
CA ALA A 13 -2.17 12.22 4.59
C ALA A 13 -1.41 11.66 3.39
N ALA A 14 -1.92 11.92 2.20
CA ALA A 14 -1.30 11.43 0.98
C ALA A 14 0.07 12.07 0.77
N THR A 15 0.17 13.36 1.07
CA THR A 15 1.42 14.07 0.90
C THR A 15 2.51 13.51 1.80
N VAL A 16 2.16 13.26 3.06
CA VAL A 16 3.12 12.72 4.01
C VAL A 16 3.71 11.40 3.50
N VAL A 17 2.84 10.47 3.14
CA VAL A 17 3.28 9.18 2.63
C VAL A 17 4.13 9.35 1.37
N CYS A 18 3.64 10.18 0.45
CA CYS A 18 4.35 10.43 -0.79
C CYS A 18 5.65 11.18 -0.53
N GLU A 19 5.62 12.09 0.45
CA GLU A 19 6.80 12.86 0.78
C GLU A 19 7.92 11.95 1.26
N MET A 20 7.57 10.92 2.02
CA MET A 20 8.55 9.98 2.52
C MET A 20 9.16 9.16 1.38
N LEU A 21 8.28 8.59 0.56
CA LEU A 21 8.73 7.77 -0.57
C LEU A 21 9.41 8.64 -1.62
N THR A 22 8.80 9.79 -1.90
CA THR A 22 9.36 10.71 -2.89
C THR A 22 10.79 11.08 -2.51
N ALA A 23 11.00 11.33 -1.22
CA ALA A 23 12.32 11.70 -0.72
C ALA A 23 13.30 10.53 -0.87
N ALA A 24 12.78 9.31 -0.77
CA ALA A 24 13.62 8.13 -0.90
C ALA A 24 14.04 7.92 -2.35
N GLY A 25 13.56 8.79 -3.23
CA GLY A 25 13.88 8.69 -4.65
C GLY A 25 12.99 7.68 -5.33
N PHE A 26 11.96 7.23 -4.63
CA PHE A 26 11.03 6.26 -5.17
C PHE A 26 9.86 6.96 -5.85
N LYS A 27 9.42 6.42 -6.99
CA LYS A 27 8.31 7.02 -7.72
C LYS A 27 7.00 6.34 -7.30
N VAL A 28 6.08 7.14 -6.78
CA VAL A 28 4.79 6.61 -6.33
C VAL A 28 3.64 7.41 -6.93
N ILE A 29 2.51 6.73 -7.13
CA ILE A 29 1.34 7.40 -7.67
C ILE A 29 0.25 7.48 -6.61
N TRP A 30 -0.28 8.67 -6.38
CA TRP A 30 -1.31 8.87 -5.38
C TRP A 30 -2.71 8.79 -5.99
N LEU A 31 -3.49 7.81 -5.54
CA LEU A 31 -4.84 7.63 -6.04
C LEU A 31 -5.86 7.87 -4.93
N VAL A 32 -7.00 8.44 -5.28
CA VAL A 32 -8.05 8.72 -4.31
C VAL A 32 -9.28 7.87 -4.59
N ASP A 33 -9.13 6.88 -5.47
CA ASP A 33 -10.23 6.00 -5.83
C ASP A 33 -9.72 4.60 -6.15
N GLY A 34 -10.23 3.61 -5.44
CA GLY A 34 -9.82 2.23 -5.65
C GLY A 34 -10.13 1.77 -7.07
N SER A 35 -11.31 2.09 -7.56
CA SER A 35 -11.69 1.69 -8.91
C SER A 35 -10.73 2.25 -9.95
N THR A 36 -10.45 3.55 -9.85
CA THR A 36 -9.55 4.19 -10.79
C THR A 36 -8.14 3.63 -10.64
N ALA A 37 -7.76 3.34 -9.41
CA ALA A 37 -6.44 2.79 -9.15
C ALA A 37 -6.26 1.43 -9.81
N LEU A 38 -7.30 0.59 -9.70
CA LEU A 38 -7.23 -0.75 -10.30
C LEU A 38 -7.00 -0.67 -11.80
N ASP A 39 -7.70 0.25 -12.46
CA ASP A 39 -7.56 0.41 -13.91
C ASP A 39 -6.13 0.80 -14.27
N GLN A 40 -5.54 1.69 -13.49
CA GLN A 40 -4.18 2.15 -13.76
C GLN A 40 -3.15 1.21 -13.13
N LEU A 41 -3.43 0.78 -11.90
CA LEU A 41 -2.51 -0.10 -11.19
C LEU A 41 -2.07 -1.26 -12.08
N ASP A 42 -2.99 -1.77 -12.89
CA ASP A 42 -2.66 -2.87 -13.77
C ASP A 42 -1.49 -2.47 -14.67
N LEU A 43 -1.49 -1.21 -15.07
CA LEU A 43 -0.41 -0.68 -15.91
C LEU A 43 0.84 -0.40 -15.08
N LEU A 44 0.63 -0.06 -13.81
CA LEU A 44 1.75 0.26 -12.92
C LEU A 44 2.53 -0.99 -12.54
N GLN A 45 1.84 -2.10 -12.37
CA GLN A 45 2.51 -3.35 -11.98
C GLN A 45 3.46 -3.05 -10.83
N PRO A 46 2.93 -2.62 -9.72
CA PRO A 46 3.73 -2.26 -8.51
C PRO A 46 4.10 -3.47 -7.67
N ILE A 47 5.17 -3.34 -6.90
CA ILE A 47 5.64 -4.42 -6.04
C ILE A 47 5.11 -4.25 -4.62
N VAL A 48 4.78 -3.00 -4.25
CA VAL A 48 4.27 -2.72 -2.92
C VAL A 48 3.12 -1.71 -2.98
N ILE A 49 2.09 -1.96 -2.17
CA ILE A 49 0.94 -1.07 -2.15
C ILE A 49 0.59 -0.63 -0.74
N LEU A 50 0.56 0.69 -0.52
CA LEU A 50 0.20 1.24 0.78
C LEU A 50 -1.22 1.81 0.72
N MET A 51 -2.05 1.47 1.68
CA MET A 51 -3.42 1.97 1.68
C MET A 51 -3.86 2.40 3.09
N ALA A 52 -4.57 3.52 3.15
CA ALA A 52 -5.07 4.02 4.43
C ALA A 52 -6.12 3.06 4.98
N TRP A 53 -6.25 2.99 6.29
CA TRP A 53 -7.23 2.10 6.90
C TRP A 53 -8.35 2.85 7.60
N PRO A 54 -8.16 4.09 7.98
CA PRO A 54 -9.23 4.88 8.67
C PRO A 54 -10.58 4.70 7.97
N PRO A 55 -11.66 5.00 8.66
CA PRO A 55 -13.02 4.83 8.08
C PRO A 55 -13.19 5.53 6.74
N PRO A 56 -12.72 6.75 6.61
CA PRO A 56 -12.83 7.50 5.32
C PRO A 56 -12.33 6.65 4.17
N ASP A 57 -11.75 5.50 4.52
CA ASP A 57 -11.22 4.59 3.52
C ASP A 57 -12.32 3.69 2.96
N GLN A 58 -13.56 4.16 3.03
CA GLN A 58 -14.68 3.39 2.53
C GLN A 58 -14.43 2.94 1.09
N SER A 59 -13.88 3.84 0.28
CA SER A 59 -13.59 3.51 -1.11
C SER A 59 -12.45 2.50 -1.19
N CYS A 60 -11.50 2.62 -0.28
CA CYS A 60 -10.36 1.70 -0.25
C CYS A 60 -10.85 0.28 0.00
N LEU A 61 -12.07 0.17 0.53
CA LEU A 61 -12.65 -1.14 0.82
C LEU A 61 -12.87 -1.92 -0.46
N LEU A 62 -13.19 -1.22 -1.54
CA LEU A 62 -13.45 -1.90 -2.81
C LEU A 62 -12.14 -2.47 -3.39
N LEU A 63 -11.08 -1.67 -3.34
CA LEU A 63 -9.78 -2.14 -3.83
C LEU A 63 -9.35 -3.37 -3.04
N LEU A 64 -9.57 -3.31 -1.74
CA LEU A 64 -9.23 -4.41 -0.85
C LEU A 64 -10.00 -5.66 -1.25
N GLN A 65 -11.23 -5.47 -1.69
CA GLN A 65 -12.07 -6.60 -2.10
C GLN A 65 -11.42 -7.36 -3.26
N HIS A 66 -10.92 -6.63 -4.24
CA HIS A 66 -10.27 -7.26 -5.38
C HIS A 66 -9.12 -8.14 -4.91
N LEU A 67 -8.25 -7.56 -4.08
CA LEU A 67 -7.11 -8.30 -3.54
C LEU A 67 -7.59 -9.55 -2.82
N ARG A 68 -8.74 -9.44 -2.16
CA ARG A 68 -9.30 -10.55 -1.41
C ARG A 68 -9.56 -11.75 -2.34
N GLU A 69 -10.07 -11.46 -3.54
CA GLU A 69 -10.34 -12.52 -4.50
C GLU A 69 -9.03 -13.11 -5.02
N HIS A 70 -8.00 -12.27 -5.09
CA HIS A 70 -6.70 -12.71 -5.55
C HIS A 70 -5.79 -13.03 -4.38
N GLN A 71 -6.36 -13.06 -3.18
CA GLN A 71 -5.59 -13.35 -1.98
C GLN A 71 -4.84 -14.67 -2.12
N ALA A 72 -5.22 -15.47 -3.10
CA ALA A 72 -4.56 -16.75 -3.32
C ALA A 72 -3.26 -16.55 -4.09
N ASP A 73 -2.19 -17.16 -3.60
CA ASP A 73 -0.89 -17.04 -4.25
C ASP A 73 -0.15 -15.81 -3.71
N PRO A 74 1.08 -15.95 -3.28
CA PRO A 74 1.88 -14.82 -2.74
C PRO A 74 2.51 -13.96 -3.83
N HIS A 75 2.49 -14.45 -5.07
CA HIS A 75 3.08 -13.72 -6.18
C HIS A 75 2.72 -12.23 -6.11
N PRO A 76 1.45 -11.92 -6.01
CA PRO A 76 0.98 -10.52 -5.93
C PRO A 76 1.80 -9.67 -4.96
N PRO A 77 1.79 -8.39 -5.15
CA PRO A 77 2.54 -7.43 -4.28
C PRO A 77 2.08 -7.46 -2.82
N LEU A 78 2.95 -7.00 -1.92
CA LEU A 78 2.63 -6.99 -0.50
C LEU A 78 1.70 -5.82 -0.19
N VAL A 79 0.85 -6.01 0.83
CA VAL A 79 -0.09 -4.95 1.22
C VAL A 79 0.21 -4.42 2.62
N LEU A 80 0.30 -3.10 2.72
CA LEU A 80 0.57 -2.45 3.99
C LEU A 80 -0.55 -1.48 4.34
N PHE A 81 -0.99 -1.49 5.59
CA PHE A 81 -2.06 -0.60 6.01
C PHE A 81 -1.55 0.47 6.98
N LEU A 82 -1.84 1.73 6.66
CA LEU A 82 -1.42 2.84 7.49
C LEU A 82 -2.55 3.27 8.43
N GLY A 83 -2.19 3.76 9.62
CA GLY A 83 -3.20 4.21 10.58
C GLY A 83 -3.31 3.22 11.73
N GLU A 84 -4.55 2.86 12.07
CA GLU A 84 -4.79 1.92 13.16
C GLU A 84 -4.80 0.48 12.64
N PRO A 85 -4.91 -0.48 13.52
CA PRO A 85 -4.92 -1.92 13.14
C PRO A 85 -6.32 -2.39 12.69
N PRO A 86 -6.40 -3.14 11.61
CA PRO A 86 -7.70 -3.66 11.11
C PRO A 86 -8.48 -4.36 12.21
N VAL A 87 -9.81 -4.34 12.10
CA VAL A 87 -10.66 -4.97 13.11
C VAL A 87 -10.71 -6.48 12.88
N ASP A 88 -10.76 -6.89 11.62
CA ASP A 88 -10.82 -8.31 11.29
C ASP A 88 -9.46 -8.96 11.51
N PRO A 89 -9.41 -10.08 12.18
CA PRO A 89 -8.13 -10.81 12.46
C PRO A 89 -7.58 -11.46 11.19
N LEU A 90 -8.46 -11.82 10.28
CA LEU A 90 -8.06 -12.45 9.03
C LEU A 90 -7.38 -11.44 8.12
N LEU A 91 -7.76 -10.18 8.25
CA LEU A 91 -7.18 -9.13 7.43
C LEU A 91 -5.78 -8.81 7.91
N THR A 92 -5.62 -8.72 9.22
CA THR A 92 -4.32 -8.45 9.81
C THR A 92 -3.35 -9.59 9.51
N ALA A 93 -3.83 -10.82 9.69
CA ALA A 93 -3.00 -12.00 9.44
C ALA A 93 -2.71 -12.13 7.94
N GLN A 94 -3.70 -11.79 7.13
CA GLN A 94 -3.55 -11.88 5.68
C GLN A 94 -2.74 -10.69 5.16
N ALA A 95 -2.64 -9.65 5.98
CA ALA A 95 -1.89 -8.45 5.60
C ALA A 95 -0.40 -8.74 5.58
N SER A 96 0.32 -8.08 4.69
CA SER A 96 1.76 -8.28 4.59
C SER A 96 2.48 -7.42 5.62
N ALA A 97 1.84 -6.33 6.03
CA ALA A 97 2.42 -5.44 7.02
C ALA A 97 1.41 -4.39 7.46
N ILE A 98 1.63 -3.82 8.64
CA ILE A 98 0.72 -2.81 9.17
C ILE A 98 1.48 -1.80 10.03
N LEU A 99 1.38 -0.53 9.67
CA LEU A 99 2.07 0.52 10.41
C LEU A 99 1.09 1.26 11.31
N SER A 100 1.57 1.74 12.45
CA SER A 100 0.73 2.45 13.39
C SER A 100 1.57 3.15 14.46
N LYS A 101 2.83 2.74 14.57
CA LYS A 101 3.73 3.33 15.56
C LYS A 101 5.06 3.69 14.92
N PRO A 102 5.11 4.78 14.21
CA PRO A 102 6.34 5.25 13.53
C PRO A 102 7.51 5.37 14.51
N LEU A 103 8.72 5.12 14.01
CA LEU A 103 9.91 5.20 14.85
C LEU A 103 11.15 4.92 14.00
N ASP A 104 11.03 3.97 13.09
CA ASP A 104 12.14 3.60 12.23
C ASP A 104 11.65 3.27 10.81
N PRO A 105 11.44 4.28 10.02
CA PRO A 105 10.98 4.11 8.61
C PRO A 105 11.83 3.09 7.86
N GLN A 106 12.80 2.50 8.55
CA GLN A 106 13.68 1.52 7.95
C GLN A 106 12.93 0.23 7.66
N LEU A 107 11.92 -0.06 8.47
CA LEU A 107 11.14 -1.28 8.27
C LEU A 107 10.37 -1.21 6.96
N LEU A 108 9.72 -0.07 6.71
CA LEU A 108 8.98 0.10 5.47
C LEU A 108 9.91 -0.09 4.28
N LEU A 109 11.09 0.55 4.35
CA LEU A 109 12.07 0.43 3.30
C LEU A 109 12.56 -1.00 3.18
N THR A 110 12.76 -1.63 4.33
CA THR A 110 13.22 -3.01 4.37
C THR A 110 12.24 -3.93 3.65
N THR A 111 10.95 -3.66 3.83
CA THR A 111 9.92 -4.48 3.19
C THR A 111 10.01 -4.40 1.67
N LEU A 112 10.13 -3.19 1.15
CA LEU A 112 10.23 -2.99 -0.30
C LEU A 112 11.54 -3.59 -0.82
N GLN A 113 12.62 -3.39 -0.08
CA GLN A 113 13.92 -3.90 -0.47
C GLN A 113 13.92 -5.43 -0.49
N GLY A 114 13.08 -6.04 0.33
CA GLY A 114 13.01 -7.49 0.39
C GLY A 114 12.99 -8.09 -1.01
N LEU A 115 12.18 -7.51 -1.89
CA LEU A 115 12.10 -7.99 -3.26
C LEU A 115 13.16 -7.31 -4.14
N CYS A 116 12.76 -6.22 -4.80
CA CYS A 116 13.69 -5.49 -5.65
C CYS A 116 14.36 -6.40 -6.66
N PRO A 117 13.60 -6.99 -7.53
CA PRO A 117 14.14 -7.89 -8.59
C PRO A 117 14.71 -7.08 -9.76
N PRO A 118 15.99 -7.17 -10.00
CA PRO A 118 16.66 -6.44 -11.11
C PRO A 118 16.60 -7.21 -12.43
N ASN A 119 16.67 -6.47 -13.53
CA ASN A 119 16.62 -7.10 -14.85
C ASN A 119 18.03 -7.49 -15.30
N ALA A 1 13.13 -0.77 -6.37
CA ALA A 1 13.23 -0.81 -7.86
C ALA A 1 11.93 -1.33 -8.45
N GLY A 2 10.85 -0.59 -8.23
CA GLY A 2 9.54 -0.99 -8.74
C GLY A 2 8.50 0.10 -8.50
N HIS A 3 7.26 -0.17 -8.92
CA HIS A 3 6.19 0.80 -8.74
C HIS A 3 5.42 0.54 -7.44
N ILE A 4 5.17 1.60 -6.70
CA ILE A 4 4.44 1.49 -5.44
C ILE A 4 3.15 2.29 -5.51
N LEU A 5 2.07 1.72 -4.97
CA LEU A 5 0.78 2.40 -4.99
C LEU A 5 0.39 2.85 -3.58
N LEU A 6 0.14 4.14 -3.43
CA LEU A 6 -0.26 4.69 -2.14
C LEU A 6 -1.69 5.19 -2.18
N LEU A 7 -2.53 4.64 -1.30
CA LEU A 7 -3.93 5.05 -1.23
C LEU A 7 -4.15 5.86 0.05
N GLU A 8 -4.55 7.13 -0.11
CA GLU A 8 -4.77 7.99 1.07
C GLU A 8 -5.69 9.16 0.73
N GLU A 9 -6.07 9.91 1.77
CA GLU A 9 -6.93 11.06 1.59
C GLU A 9 -6.13 12.35 1.78
N GLU A 10 -6.58 13.43 1.13
CA GLU A 10 -5.90 14.72 1.21
C GLU A 10 -4.56 14.66 0.50
N ASP A 11 -4.35 15.60 -0.42
CA ASP A 11 -3.12 15.66 -1.20
C ASP A 11 -1.89 15.97 -0.34
N GLU A 12 -2.06 16.78 0.70
CA GLU A 12 -0.93 17.14 1.56
C GLU A 12 -0.39 15.94 2.32
N ALA A 13 -1.28 15.11 2.84
CA ALA A 13 -0.86 13.93 3.59
C ALA A 13 -0.25 12.88 2.67
N ALA A 14 -0.93 12.64 1.56
CA ALA A 14 -0.47 11.65 0.59
C ALA A 14 0.87 12.07 -0.03
N THR A 15 0.99 13.36 -0.34
CA THR A 15 2.21 13.87 -0.94
C THR A 15 3.38 13.69 0.01
N VAL A 16 3.18 14.00 1.29
CA VAL A 16 4.24 13.86 2.27
C VAL A 16 4.80 12.45 2.22
N VAL A 17 3.91 11.47 2.25
CA VAL A 17 4.33 10.07 2.20
C VAL A 17 5.12 9.81 0.92
N CYS A 18 4.63 10.37 -0.18
CA CYS A 18 5.28 10.19 -1.48
C CYS A 18 6.66 10.84 -1.50
N GLU A 19 6.78 11.98 -0.84
CA GLU A 19 8.06 12.68 -0.81
C GLU A 19 9.14 11.84 -0.15
N MET A 20 8.77 11.12 0.91
CA MET A 20 9.74 10.27 1.59
C MET A 20 10.15 9.10 0.70
N LEU A 21 9.15 8.43 0.11
CA LEU A 21 9.44 7.30 -0.76
C LEU A 21 10.08 7.79 -2.06
N THR A 22 9.54 8.87 -2.60
CA THR A 22 10.08 9.45 -3.84
C THR A 22 11.56 9.76 -3.65
N ALA A 23 11.89 10.28 -2.48
CA ALA A 23 13.27 10.63 -2.17
C ALA A 23 14.13 9.37 -2.08
N ALA A 24 13.52 8.27 -1.64
CA ALA A 24 14.25 7.02 -1.51
C ALA A 24 14.51 6.38 -2.88
N GLY A 25 13.98 7.00 -3.93
CA GLY A 25 14.19 6.48 -5.27
C GLY A 25 13.01 5.62 -5.73
N PHE A 26 12.01 5.47 -4.86
CA PHE A 26 10.84 4.67 -5.20
C PHE A 26 9.73 5.56 -5.76
N LYS A 27 9.02 5.05 -6.77
CA LYS A 27 7.94 5.80 -7.38
C LYS A 27 6.62 5.48 -6.69
N VAL A 28 5.96 6.52 -6.16
CA VAL A 28 4.70 6.32 -5.46
C VAL A 28 3.57 7.11 -6.12
N ILE A 29 2.43 6.46 -6.28
CA ILE A 29 1.28 7.11 -6.90
C ILE A 29 0.19 7.34 -5.85
N TRP A 30 -0.35 8.56 -5.82
CA TRP A 30 -1.38 8.90 -4.86
C TRP A 30 -2.78 8.74 -5.46
N LEU A 31 -3.58 7.87 -4.85
CA LEU A 31 -4.94 7.64 -5.32
C LEU A 31 -5.96 8.07 -4.26
N VAL A 32 -7.00 8.77 -4.69
CA VAL A 32 -8.03 9.23 -3.78
C VAL A 32 -9.25 8.32 -3.86
N ASP A 33 -9.15 7.28 -4.68
CA ASP A 33 -10.24 6.33 -4.85
C ASP A 33 -9.69 4.93 -5.10
N GLY A 34 -10.53 3.92 -4.90
CA GLY A 34 -10.11 2.54 -5.10
C GLY A 34 -10.27 2.09 -6.55
N SER A 35 -11.44 2.34 -7.12
CA SER A 35 -11.72 1.95 -8.50
C SER A 35 -10.69 2.58 -9.45
N THR A 36 -10.36 3.83 -9.23
CA THR A 36 -9.39 4.52 -10.08
C THR A 36 -8.04 3.81 -9.99
N ALA A 37 -7.69 3.36 -8.79
CA ALA A 37 -6.43 2.68 -8.57
C ALA A 37 -6.35 1.39 -9.39
N LEU A 38 -7.47 0.66 -9.44
CA LEU A 38 -7.51 -0.59 -10.18
C LEU A 38 -7.20 -0.37 -11.66
N ASP A 39 -7.77 0.68 -12.23
CA ASP A 39 -7.54 1.00 -13.64
C ASP A 39 -6.07 1.31 -13.90
N GLN A 40 -5.44 2.02 -12.97
CA GLN A 40 -4.03 2.40 -13.12
C GLN A 40 -3.11 1.33 -12.54
N LEU A 41 -3.40 0.91 -11.32
CA LEU A 41 -2.59 -0.10 -10.64
C LEU A 41 -2.29 -1.28 -11.56
N ASP A 42 -3.31 -1.71 -12.30
CA ASP A 42 -3.15 -2.84 -13.21
C ASP A 42 -2.10 -2.53 -14.27
N LEU A 43 -2.03 -1.27 -14.67
CA LEU A 43 -1.09 -0.86 -15.70
C LEU A 43 0.34 -0.81 -15.16
N LEU A 44 0.53 -0.23 -13.97
CA LEU A 44 1.86 -0.12 -13.40
C LEU A 44 2.28 -1.40 -12.67
N GLN A 45 1.31 -2.25 -12.34
CA GLN A 45 1.64 -3.50 -11.64
C GLN A 45 2.70 -3.25 -10.58
N PRO A 46 2.31 -2.70 -9.45
CA PRO A 46 3.24 -2.38 -8.34
C PRO A 46 3.68 -3.62 -7.55
N ILE A 47 4.87 -3.54 -6.95
CA ILE A 47 5.39 -4.65 -6.16
C ILE A 47 5.00 -4.47 -4.70
N VAL A 48 4.66 -3.24 -4.33
CA VAL A 48 4.26 -2.94 -2.96
C VAL A 48 3.08 -1.97 -2.97
N ILE A 49 2.09 -2.24 -2.14
CA ILE A 49 0.91 -1.38 -2.09
C ILE A 49 0.66 -0.87 -0.68
N LEU A 50 0.66 0.45 -0.54
CA LEU A 50 0.39 1.06 0.76
C LEU A 50 -1.02 1.65 0.77
N MET A 51 -1.82 1.29 1.77
CA MET A 51 -3.19 1.79 1.81
C MET A 51 -3.61 2.15 3.23
N ALA A 52 -4.22 3.32 3.37
CA ALA A 52 -4.70 3.78 4.66
C ALA A 52 -5.87 2.92 5.13
N TRP A 53 -6.05 2.83 6.45
CA TRP A 53 -7.13 2.02 7.00
C TRP A 53 -8.21 2.90 7.63
N PRO A 54 -7.85 4.06 8.13
CA PRO A 54 -8.80 5.01 8.75
C PRO A 54 -9.29 6.16 7.84
N PRO A 55 -9.32 6.00 6.53
CA PRO A 55 -9.79 7.09 5.62
C PRO A 55 -11.32 7.15 5.55
N PRO A 56 -11.83 8.31 5.25
CA PRO A 56 -13.31 8.52 5.15
C PRO A 56 -13.94 7.71 4.03
N ASP A 57 -13.21 7.55 2.93
CA ASP A 57 -13.70 6.79 1.79
C ASP A 57 -13.40 5.30 1.95
N GLN A 58 -14.46 4.51 2.12
CA GLN A 58 -14.30 3.06 2.28
C GLN A 58 -13.73 2.44 1.01
N SER A 59 -13.23 3.28 0.11
CA SER A 59 -12.67 2.78 -1.15
C SER A 59 -11.50 1.83 -0.89
N CYS A 60 -10.79 2.05 0.21
CA CYS A 60 -9.66 1.21 0.56
C CYS A 60 -10.10 -0.25 0.72
N LEU A 61 -11.28 -0.45 1.30
CA LEU A 61 -11.81 -1.79 1.50
C LEU A 61 -12.13 -2.46 0.16
N LEU A 62 -12.60 -1.66 -0.79
CA LEU A 62 -12.94 -2.19 -2.11
C LEU A 62 -11.69 -2.65 -2.84
N LEU A 63 -10.63 -1.85 -2.74
CA LEU A 63 -9.37 -2.21 -3.39
C LEU A 63 -8.86 -3.52 -2.83
N LEU A 64 -9.02 -3.70 -1.52
CA LEU A 64 -8.57 -4.91 -0.86
C LEU A 64 -9.27 -6.13 -1.45
N GLN A 65 -10.56 -6.01 -1.70
CA GLN A 65 -11.33 -7.11 -2.27
C GLN A 65 -10.77 -7.52 -3.62
N HIS A 66 -10.39 -6.53 -4.42
CA HIS A 66 -9.83 -6.80 -5.74
C HIS A 66 -8.60 -7.69 -5.61
N LEU A 67 -7.71 -7.36 -4.68
CA LEU A 67 -6.52 -8.17 -4.49
C LEU A 67 -6.92 -9.62 -4.28
N ARG A 68 -7.86 -9.82 -3.37
CA ARG A 68 -8.37 -11.15 -3.08
C ARG A 68 -9.17 -11.70 -4.25
N GLU A 69 -9.75 -10.79 -5.03
CA GLU A 69 -10.57 -11.19 -6.17
C GLU A 69 -9.73 -11.96 -7.21
N HIS A 70 -8.46 -11.56 -7.35
CA HIS A 70 -7.54 -12.24 -8.28
C HIS A 70 -6.58 -11.26 -8.95
N GLN A 71 -6.09 -10.27 -8.20
CA GLN A 71 -5.16 -9.31 -8.79
C GLN A 71 -3.89 -10.00 -9.27
N ALA A 72 -3.38 -10.91 -8.43
CA ALA A 72 -2.16 -11.63 -8.78
C ALA A 72 -2.10 -12.96 -8.03
N ASP A 73 -2.68 -14.00 -8.62
CA ASP A 73 -2.70 -15.32 -8.00
C ASP A 73 -3.07 -15.21 -6.52
N PRO A 74 -3.23 -16.34 -5.86
CA PRO A 74 -3.59 -16.36 -4.41
C PRO A 74 -2.56 -15.63 -3.54
N HIS A 75 -1.43 -15.25 -4.13
CA HIS A 75 -0.39 -14.56 -3.40
C HIS A 75 -0.05 -13.23 -4.07
N PRO A 76 -0.94 -12.28 -4.00
CA PRO A 76 -0.74 -10.93 -4.61
C PRO A 76 0.39 -10.15 -3.93
N PRO A 77 0.84 -9.10 -4.57
CA PRO A 77 1.93 -8.23 -4.04
C PRO A 77 1.80 -7.97 -2.53
N LEU A 78 2.85 -7.41 -1.94
CA LEU A 78 2.84 -7.11 -0.51
C LEU A 78 2.02 -5.85 -0.25
N VAL A 79 1.29 -5.83 0.85
CA VAL A 79 0.47 -4.68 1.20
C VAL A 79 0.77 -4.16 2.60
N LEU A 80 0.89 -2.84 2.70
CA LEU A 80 1.15 -2.21 3.99
C LEU A 80 -0.09 -1.43 4.43
N PHE A 81 -0.49 -1.61 5.69
CA PHE A 81 -1.67 -0.90 6.19
C PHE A 81 -1.27 0.15 7.22
N LEU A 82 -1.72 1.38 6.98
CA LEU A 82 -1.42 2.49 7.89
C LEU A 82 -2.57 2.69 8.88
N GLY A 83 -2.23 3.18 10.06
CA GLY A 83 -3.24 3.42 11.08
C GLY A 83 -3.36 2.24 12.04
N GLU A 84 -4.60 1.85 12.33
CA GLU A 84 -4.84 0.73 13.24
C GLU A 84 -4.93 -0.59 12.48
N PRO A 85 -4.69 -1.68 13.15
CA PRO A 85 -4.73 -3.04 12.55
C PRO A 85 -6.16 -3.55 12.37
N PRO A 86 -6.39 -4.34 11.36
CA PRO A 86 -7.74 -4.92 11.08
C PRO A 86 -8.17 -5.88 12.18
N VAL A 87 -9.48 -5.99 12.40
CA VAL A 87 -10.00 -6.87 13.43
C VAL A 87 -9.97 -8.33 12.97
N ASP A 88 -10.38 -8.56 11.73
CA ASP A 88 -10.38 -9.92 11.19
C ASP A 88 -8.95 -10.40 10.91
N PRO A 89 -8.66 -11.65 11.19
CA PRO A 89 -7.31 -12.24 10.96
C PRO A 89 -7.03 -12.53 9.49
N LEU A 90 -8.08 -12.48 8.66
CA LEU A 90 -7.94 -12.76 7.24
C LEU A 90 -7.15 -11.64 6.54
N LEU A 91 -7.35 -10.41 6.99
CA LEU A 91 -6.65 -9.28 6.41
C LEU A 91 -5.21 -9.26 6.88
N THR A 92 -5.00 -9.68 8.12
CA THR A 92 -3.67 -9.73 8.69
C THR A 92 -2.81 -10.74 7.92
N ALA A 93 -3.39 -11.88 7.59
CA ALA A 93 -2.68 -12.90 6.85
C ALA A 93 -2.31 -12.38 5.46
N GLN A 94 -3.23 -11.63 4.85
CA GLN A 94 -2.99 -11.08 3.53
C GLN A 94 -2.09 -9.86 3.62
N ALA A 95 -2.02 -9.29 4.82
CA ALA A 95 -1.18 -8.11 5.05
C ALA A 95 0.29 -8.50 5.10
N SER A 96 1.12 -7.75 4.37
CA SER A 96 2.54 -8.01 4.36
C SER A 96 3.22 -7.31 5.53
N ALA A 97 2.61 -6.21 5.98
CA ALA A 97 3.15 -5.46 7.11
C ALA A 97 2.18 -4.37 7.56
N ILE A 98 1.63 -4.53 8.75
CA ILE A 98 0.69 -3.55 9.28
C ILE A 98 1.43 -2.49 10.10
N LEU A 99 1.11 -1.23 9.87
CA LEU A 99 1.77 -0.14 10.58
C LEU A 99 0.83 0.48 11.61
N SER A 100 1.39 0.94 12.73
CA SER A 100 0.60 1.55 13.79
C SER A 100 1.50 2.23 14.81
N LYS A 101 2.81 2.25 14.51
CA LYS A 101 3.78 2.86 15.41
C LYS A 101 4.76 3.72 14.61
N PRO A 102 4.37 4.92 14.23
CA PRO A 102 5.25 5.82 13.45
C PRO A 102 6.53 6.17 14.19
N LEU A 103 7.65 6.15 13.47
CA LEU A 103 8.94 6.47 14.06
C LEU A 103 10.05 6.41 13.01
N ASP A 104 10.64 7.56 12.70
CA ASP A 104 11.70 7.61 11.72
C ASP A 104 11.26 6.92 10.43
N PRO A 105 10.85 7.66 9.43
CA PRO A 105 10.40 7.11 8.14
C PRO A 105 11.34 6.03 7.60
N GLN A 106 12.47 5.87 8.26
CA GLN A 106 13.45 4.87 7.85
C GLN A 106 12.93 3.48 8.15
N LEU A 107 12.09 3.37 9.18
CA LEU A 107 11.52 2.08 9.55
C LEU A 107 10.59 1.60 8.44
N LEU A 108 9.76 2.50 7.94
CA LEU A 108 8.84 2.17 6.86
C LEU A 108 9.63 1.66 5.67
N LEU A 109 10.68 2.39 5.32
CA LEU A 109 11.53 2.00 4.20
C LEU A 109 12.19 0.67 4.50
N THR A 110 12.56 0.47 5.77
CA THR A 110 13.18 -0.78 6.18
C THR A 110 12.25 -1.94 5.87
N THR A 111 10.96 -1.71 6.09
CA THR A 111 9.97 -2.74 5.81
C THR A 111 10.01 -3.11 4.34
N LEU A 112 10.15 -2.10 3.49
CA LEU A 112 10.22 -2.33 2.06
C LEU A 112 11.48 -3.12 1.71
N GLN A 113 12.54 -2.86 2.45
CA GLN A 113 13.82 -3.55 2.22
C GLN A 113 13.65 -5.05 2.46
N GLY A 114 12.81 -5.39 3.43
CA GLY A 114 12.57 -6.79 3.75
C GLY A 114 12.29 -7.60 2.49
N LEU A 115 12.05 -6.91 1.39
CA LEU A 115 11.77 -7.58 0.12
C LEU A 115 13.07 -8.07 -0.52
N CYS A 116 14.17 -7.40 -0.17
CA CYS A 116 15.50 -7.74 -0.71
C CYS A 116 15.38 -8.33 -2.12
N PRO A 117 15.16 -9.63 -2.29
CA PRO A 117 15.06 -10.20 -3.66
C PRO A 117 13.97 -9.49 -4.48
N PRO A 118 14.34 -8.88 -5.58
CA PRO A 118 13.37 -8.15 -6.45
C PRO A 118 12.55 -9.10 -7.32
N ASN A 119 12.83 -10.39 -7.19
CA ASN A 119 12.12 -11.39 -7.98
C ASN A 119 12.06 -12.72 -7.21
N ALA A 1 7.29 -3.78 -11.97
CA ALA A 1 8.63 -4.28 -11.56
C ALA A 1 9.22 -3.33 -10.52
N GLY A 2 8.88 -3.54 -9.26
CA GLY A 2 9.38 -2.69 -8.18
C GLY A 2 8.55 -1.41 -8.07
N HIS A 3 7.32 -1.45 -8.57
CA HIS A 3 6.46 -0.29 -8.52
C HIS A 3 5.64 -0.30 -7.23
N ILE A 4 5.57 0.84 -6.55
CA ILE A 4 4.82 0.93 -5.30
C ILE A 4 3.63 1.86 -5.47
N LEU A 5 2.48 1.43 -4.96
CA LEU A 5 1.27 2.24 -5.04
C LEU A 5 0.87 2.78 -3.67
N LEU A 6 0.48 4.05 -3.62
CA LEU A 6 0.09 4.67 -2.37
C LEU A 6 -1.30 5.31 -2.46
N LEU A 7 -2.18 4.91 -1.55
CA LEU A 7 -3.52 5.48 -1.51
C LEU A 7 -3.66 6.35 -0.27
N GLU A 8 -3.86 7.65 -0.47
CA GLU A 8 -4.00 8.56 0.66
C GLU A 8 -4.70 9.84 0.24
N GLU A 9 -5.22 10.57 1.22
CA GLU A 9 -5.92 11.82 0.94
C GLU A 9 -5.14 13.01 1.50
N GLU A 10 -5.42 14.20 0.94
CA GLU A 10 -4.74 15.42 1.37
C GLU A 10 -3.31 15.45 0.85
N ASP A 11 -3.02 16.45 0.03
CA ASP A 11 -1.68 16.59 -0.56
C ASP A 11 -0.61 16.67 0.52
N GLU A 12 -0.91 17.32 1.63
CA GLU A 12 0.07 17.44 2.71
C GLU A 12 0.42 16.06 3.28
N ALA A 13 -0.60 15.24 3.49
CA ALA A 13 -0.38 13.90 4.03
C ALA A 13 0.15 12.97 2.95
N ALA A 14 -0.48 13.03 1.77
CA ALA A 14 -0.07 12.19 0.66
C ALA A 14 1.33 12.55 0.19
N THR A 15 1.60 13.84 0.08
CA THR A 15 2.91 14.30 -0.37
C THR A 15 4.01 13.89 0.61
N VAL A 16 3.74 14.03 1.90
CA VAL A 16 4.72 13.67 2.91
C VAL A 16 5.18 12.23 2.75
N VAL A 17 4.22 11.30 2.70
CA VAL A 17 4.56 9.90 2.55
C VAL A 17 5.31 9.67 1.24
N CYS A 18 4.84 10.32 0.17
CA CYS A 18 5.48 10.19 -1.13
C CYS A 18 6.93 10.67 -1.08
N GLU A 19 7.14 11.78 -0.38
CA GLU A 19 8.48 12.33 -0.26
C GLU A 19 9.42 11.35 0.45
N MET A 20 8.88 10.66 1.45
CA MET A 20 9.69 9.69 2.19
C MET A 20 9.99 8.47 1.33
N LEU A 21 8.94 7.88 0.74
CA LEU A 21 9.12 6.71 -0.11
C LEU A 21 9.93 7.08 -1.34
N THR A 22 9.57 8.21 -1.95
CA THR A 22 10.30 8.67 -3.13
C THR A 22 11.78 8.83 -2.83
N ALA A 23 12.08 9.34 -1.64
CA ALA A 23 13.46 9.54 -1.23
C ALA A 23 14.19 8.20 -1.10
N ALA A 24 13.44 7.16 -0.78
CA ALA A 24 14.04 5.84 -0.62
C ALA A 24 14.59 5.33 -1.95
N GLY A 25 14.35 6.09 -3.01
CA GLY A 25 14.85 5.71 -4.34
C GLY A 25 13.79 4.94 -5.14
N PHE A 26 12.69 4.59 -4.46
CA PHE A 26 11.61 3.86 -5.11
C PHE A 26 10.54 4.82 -5.61
N LYS A 27 9.89 4.47 -6.71
CA LYS A 27 8.84 5.31 -7.26
C LYS A 27 7.48 4.91 -6.71
N VAL A 28 6.74 5.90 -6.22
CA VAL A 28 5.42 5.65 -5.66
C VAL A 28 4.40 6.58 -6.29
N ILE A 29 3.21 6.05 -6.57
CA ILE A 29 2.15 6.84 -7.17
C ILE A 29 1.05 7.11 -6.15
N TRP A 30 0.61 8.36 -6.07
CA TRP A 30 -0.44 8.73 -5.12
C TRP A 30 -1.81 8.62 -5.76
N LEU A 31 -2.70 7.86 -5.12
CA LEU A 31 -4.05 7.69 -5.62
C LEU A 31 -5.06 8.35 -4.69
N VAL A 32 -6.13 8.89 -5.28
CA VAL A 32 -7.16 9.57 -4.50
C VAL A 32 -8.42 8.71 -4.42
N ASP A 33 -8.41 7.57 -5.11
CA ASP A 33 -9.56 6.67 -5.11
C ASP A 33 -9.12 5.23 -5.34
N GLY A 34 -9.62 4.32 -4.51
CA GLY A 34 -9.27 2.91 -4.64
C GLY A 34 -9.68 2.37 -6.00
N SER A 35 -10.86 2.78 -6.47
CA SER A 35 -11.36 2.31 -7.76
C SER A 35 -10.42 2.77 -8.88
N THR A 36 -9.93 3.99 -8.78
CA THR A 36 -9.03 4.53 -9.79
C THR A 36 -7.73 3.72 -9.81
N ALA A 37 -7.29 3.32 -8.63
CA ALA A 37 -6.06 2.54 -8.52
C ALA A 37 -6.20 1.21 -9.25
N LEU A 38 -7.37 0.59 -9.12
CA LEU A 38 -7.63 -0.69 -9.78
C LEU A 38 -7.49 -0.54 -11.29
N ASP A 39 -8.01 0.55 -11.83
CA ASP A 39 -7.94 0.79 -13.27
C ASP A 39 -6.50 0.93 -13.75
N GLN A 40 -5.69 1.66 -12.99
CA GLN A 40 -4.29 1.87 -13.35
C GLN A 40 -3.40 0.78 -12.75
N LEU A 41 -3.53 0.58 -11.45
CA LEU A 41 -2.74 -0.40 -10.73
C LEU A 41 -2.74 -1.76 -11.43
N ASP A 42 -3.84 -2.10 -12.07
CA ASP A 42 -3.91 -3.39 -12.74
C ASP A 42 -2.81 -3.52 -13.78
N LEU A 43 -2.53 -2.42 -14.48
CA LEU A 43 -1.47 -2.42 -15.49
C LEU A 43 -0.09 -2.28 -14.83
N LEU A 44 -0.06 -1.70 -13.63
CA LEU A 44 1.21 -1.50 -12.92
C LEU A 44 1.78 -2.81 -12.40
N GLN A 45 0.91 -3.70 -11.91
CA GLN A 45 1.38 -4.96 -11.37
C GLN A 45 2.52 -4.72 -10.39
N PRO A 46 2.25 -4.01 -9.32
CA PRO A 46 3.25 -3.66 -8.29
C PRO A 46 3.52 -4.81 -7.32
N ILE A 47 4.66 -4.76 -6.65
CA ILE A 47 5.03 -5.79 -5.71
C ILE A 47 4.61 -5.39 -4.28
N VAL A 48 4.47 -4.08 -4.06
CA VAL A 48 4.07 -3.59 -2.75
C VAL A 48 3.07 -2.46 -2.88
N ILE A 49 2.00 -2.53 -2.09
CA ILE A 49 0.96 -1.51 -2.13
C ILE A 49 0.67 -0.98 -0.73
N LEU A 50 0.84 0.32 -0.55
CA LEU A 50 0.57 0.95 0.74
C LEU A 50 -0.73 1.72 0.66
N MET A 51 -1.64 1.48 1.60
CA MET A 51 -2.92 2.17 1.58
C MET A 51 -3.38 2.53 2.98
N ALA A 52 -4.00 3.70 3.10
CA ALA A 52 -4.51 4.16 4.39
C ALA A 52 -5.65 3.26 4.84
N TRP A 53 -5.85 3.16 6.15
CA TRP A 53 -6.91 2.32 6.68
C TRP A 53 -8.08 3.16 7.20
N PRO A 54 -7.85 4.40 7.55
CA PRO A 54 -8.92 5.32 8.03
C PRO A 54 -9.43 6.30 6.97
N PRO A 55 -9.41 5.98 5.70
CA PRO A 55 -9.90 6.92 4.64
C PRO A 55 -11.43 6.96 4.58
N PRO A 56 -11.99 8.11 4.32
CA PRO A 56 -13.46 8.28 4.23
C PRO A 56 -14.06 7.53 3.03
N ASP A 57 -13.22 7.24 2.05
CA ASP A 57 -13.67 6.53 0.86
C ASP A 57 -13.61 5.03 1.05
N GLN A 58 -14.78 4.38 1.00
CA GLN A 58 -14.85 2.93 1.15
C GLN A 58 -14.14 2.24 -0.01
N SER A 59 -13.63 3.04 -0.95
CA SER A 59 -12.94 2.50 -2.12
C SER A 59 -11.74 1.66 -1.72
N CYS A 60 -11.06 2.04 -0.65
CA CYS A 60 -9.90 1.29 -0.19
C CYS A 60 -10.31 -0.15 0.14
N LEU A 61 -11.46 -0.28 0.79
CA LEU A 61 -11.97 -1.59 1.15
C LEU A 61 -12.32 -2.36 -0.11
N LEU A 62 -12.75 -1.65 -1.14
CA LEU A 62 -13.10 -2.27 -2.40
C LEU A 62 -11.84 -2.83 -3.07
N LEU A 63 -10.74 -2.10 -2.95
CA LEU A 63 -9.48 -2.55 -3.53
C LEU A 63 -9.13 -3.92 -2.98
N LEU A 64 -9.26 -4.07 -1.66
CA LEU A 64 -8.98 -5.34 -1.01
C LEU A 64 -9.93 -6.41 -1.54
N GLN A 65 -11.20 -6.03 -1.73
CA GLN A 65 -12.20 -6.93 -2.24
C GLN A 65 -11.86 -7.43 -3.63
N HIS A 66 -11.48 -6.51 -4.51
CA HIS A 66 -11.13 -6.87 -5.88
C HIS A 66 -10.04 -7.93 -5.88
N LEU A 67 -8.94 -7.64 -5.23
CA LEU A 67 -7.84 -8.58 -5.15
C LEU A 67 -8.33 -9.91 -4.58
N ARG A 68 -9.23 -9.82 -3.60
CA ARG A 68 -9.79 -11.00 -2.95
C ARG A 68 -10.58 -11.84 -3.94
N GLU A 69 -11.26 -11.18 -4.88
CA GLU A 69 -12.06 -11.89 -5.87
C GLU A 69 -11.19 -12.74 -6.79
N HIS A 70 -9.99 -12.23 -7.11
CA HIS A 70 -9.09 -12.97 -7.98
C HIS A 70 -7.67 -12.98 -7.41
N GLN A 71 -7.56 -13.11 -6.09
CA GLN A 71 -6.25 -13.12 -5.44
C GLN A 71 -5.40 -14.32 -5.88
N ALA A 72 -6.06 -15.39 -6.29
CA ALA A 72 -5.33 -16.60 -6.70
C ALA A 72 -4.91 -16.57 -8.17
N ASP A 73 -5.46 -15.66 -8.96
CA ASP A 73 -5.09 -15.58 -10.37
C ASP A 73 -3.68 -15.00 -10.54
N PRO A 74 -3.44 -13.82 -10.02
CA PRO A 74 -2.11 -13.15 -10.12
C PRO A 74 -1.18 -13.55 -8.98
N HIS A 75 -0.18 -12.71 -8.73
CA HIS A 75 0.77 -12.97 -7.67
C HIS A 75 0.49 -12.05 -6.48
N PRO A 76 -0.12 -12.55 -5.45
CA PRO A 76 -0.46 -11.74 -4.24
C PRO A 76 0.69 -10.82 -3.82
N PRO A 77 0.52 -9.54 -4.01
CA PRO A 77 1.56 -8.53 -3.64
C PRO A 77 1.48 -8.15 -2.15
N LEU A 78 2.55 -7.55 -1.64
CA LEU A 78 2.59 -7.15 -0.24
C LEU A 78 1.79 -5.88 -0.04
N VAL A 79 0.96 -5.86 1.01
CA VAL A 79 0.13 -4.68 1.28
C VAL A 79 0.34 -4.19 2.72
N LEU A 80 0.54 -2.89 2.86
CA LEU A 80 0.73 -2.29 4.18
C LEU A 80 -0.40 -1.30 4.48
N PHE A 81 -0.96 -1.38 5.68
CA PHE A 81 -2.05 -0.48 6.06
C PHE A 81 -1.58 0.51 7.13
N LEU A 82 -1.81 1.79 6.86
CA LEU A 82 -1.42 2.84 7.81
C LEU A 82 -2.61 3.25 8.68
N GLY A 83 -2.34 3.59 9.94
CA GLY A 83 -3.40 3.99 10.84
C GLY A 83 -3.72 2.90 11.86
N GLU A 84 -5.00 2.57 11.97
CA GLU A 84 -5.43 1.53 12.91
C GLU A 84 -5.45 0.17 12.23
N PRO A 85 -5.49 -0.88 13.00
CA PRO A 85 -5.51 -2.28 12.47
C PRO A 85 -6.84 -2.65 11.84
N PRO A 86 -6.85 -3.67 11.03
CA PRO A 86 -8.08 -4.15 10.33
C PRO A 86 -9.14 -4.64 11.31
N VAL A 87 -10.39 -4.61 10.86
CA VAL A 87 -11.50 -5.06 11.70
C VAL A 87 -11.65 -6.58 11.63
N ASP A 88 -10.67 -7.24 11.04
CA ASP A 88 -10.70 -8.69 10.91
C ASP A 88 -9.30 -9.23 10.62
N PRO A 89 -8.95 -10.34 11.19
CA PRO A 89 -7.60 -10.97 11.00
C PRO A 89 -7.39 -11.47 9.57
N LEU A 90 -8.45 -11.47 8.77
CA LEU A 90 -8.35 -11.92 7.39
C LEU A 90 -7.50 -10.95 6.58
N LEU A 91 -7.63 -9.66 6.89
CA LEU A 91 -6.86 -8.65 6.18
C LEU A 91 -5.42 -8.66 6.66
N THR A 92 -5.23 -9.02 7.94
CA THR A 92 -3.90 -9.09 8.50
C THR A 92 -3.09 -10.16 7.77
N ALA A 93 -3.71 -11.30 7.50
CA ALA A 93 -3.04 -12.37 6.79
C ALA A 93 -2.72 -11.91 5.38
N GLN A 94 -3.67 -11.21 4.77
CA GLN A 94 -3.49 -10.69 3.42
C GLN A 94 -2.54 -9.50 3.45
N ALA A 95 -2.59 -8.76 4.56
CA ALA A 95 -1.74 -7.59 4.72
C ALA A 95 -0.30 -7.99 4.95
N SER A 96 0.63 -7.23 4.38
CA SER A 96 2.05 -7.51 4.54
C SER A 96 2.58 -6.88 5.83
N ALA A 97 1.88 -5.85 6.30
CA ALA A 97 2.28 -5.16 7.52
C ALA A 97 1.23 -4.13 7.91
N ILE A 98 1.29 -3.68 9.16
CA ILE A 98 0.33 -2.69 9.65
C ILE A 98 1.01 -1.72 10.61
N LEU A 99 0.90 -0.43 10.29
CA LEU A 99 1.50 0.62 11.12
C LEU A 99 0.43 1.32 11.94
N SER A 100 0.83 1.88 13.08
CA SER A 100 -0.10 2.60 13.95
C SER A 100 0.65 3.42 14.97
N LYS A 101 1.93 3.67 14.71
CA LYS A 101 2.75 4.46 15.61
C LYS A 101 3.65 5.40 14.82
N PRO A 102 3.17 6.58 14.53
CA PRO A 102 3.95 7.59 13.76
C PRO A 102 5.36 7.77 14.32
N LEU A 103 6.32 8.01 13.43
CA LEU A 103 7.71 8.21 13.81
C LEU A 103 8.53 6.95 13.49
N ASP A 104 9.83 7.12 13.32
CA ASP A 104 10.71 6.00 13.03
C ASP A 104 10.33 5.35 11.70
N PRO A 105 10.45 6.08 10.62
CA PRO A 105 10.13 5.57 9.26
C PRO A 105 11.11 4.48 8.81
N GLN A 106 12.12 4.23 9.64
CA GLN A 106 13.12 3.22 9.32
C GLN A 106 12.52 1.83 9.38
N LEU A 107 11.51 1.64 10.22
CA LEU A 107 10.88 0.33 10.33
C LEU A 107 10.19 -0.02 9.02
N LEU A 108 9.47 0.95 8.45
CA LEU A 108 8.80 0.72 7.17
C LEU A 108 9.82 0.35 6.10
N LEU A 109 10.95 1.04 6.10
CA LEU A 109 12.01 0.77 5.14
C LEU A 109 12.52 -0.65 5.31
N THR A 110 12.68 -1.05 6.57
CA THR A 110 13.17 -2.39 6.87
C THR A 110 12.24 -3.43 6.27
N THR A 111 10.94 -3.16 6.34
CA THR A 111 9.94 -4.08 5.81
C THR A 111 10.13 -4.25 4.30
N LEU A 112 10.37 -3.16 3.59
CA LEU A 112 10.57 -3.23 2.15
C LEU A 112 11.81 -4.05 1.83
N GLN A 113 12.86 -3.85 2.61
CA GLN A 113 14.11 -4.57 2.42
C GLN A 113 13.90 -6.06 2.69
N GLY A 114 12.88 -6.36 3.50
CA GLY A 114 12.57 -7.75 3.86
C GLY A 114 12.58 -8.65 2.62
N LEU A 115 12.43 -8.06 1.45
CA LEU A 115 12.43 -8.84 0.22
C LEU A 115 13.86 -9.17 -0.22
N CYS A 116 14.83 -8.54 0.44
CA CYS A 116 16.23 -8.77 0.12
C CYS A 116 16.49 -8.56 -1.36
N PRO A 117 16.28 -7.36 -1.84
CA PRO A 117 16.53 -7.03 -3.27
C PRO A 117 18.01 -6.83 -3.54
N PRO A 118 18.59 -7.67 -4.37
CA PRO A 118 20.04 -7.58 -4.72
C PRO A 118 20.30 -6.63 -5.89
N ASN A 119 21.49 -6.05 -5.91
CA ASN A 119 21.86 -5.12 -6.98
C ASN A 119 22.46 -5.88 -8.16
N ALA A 1 9.71 -1.29 -13.10
CA ALA A 1 10.49 -0.24 -12.40
C ALA A 1 10.31 -0.38 -10.90
N GLY A 2 9.18 -0.94 -10.49
CA GLY A 2 8.88 -1.13 -9.08
C GLY A 2 8.36 0.16 -8.45
N HIS A 3 7.21 0.63 -8.92
CA HIS A 3 6.62 1.85 -8.38
C HIS A 3 5.80 1.52 -7.14
N ILE A 4 5.48 2.55 -6.36
CA ILE A 4 4.72 2.35 -5.14
C ILE A 4 3.33 2.98 -5.22
N LEU A 5 2.34 2.28 -4.67
CA LEU A 5 0.97 2.77 -4.67
C LEU A 5 0.57 3.23 -3.27
N LEU A 6 -0.07 4.39 -3.19
CA LEU A 6 -0.49 4.91 -1.90
C LEU A 6 -1.93 5.41 -1.95
N LEU A 7 -2.79 4.80 -1.13
CA LEU A 7 -4.20 5.21 -1.07
C LEU A 7 -4.48 5.84 0.28
N GLU A 8 -4.85 7.11 0.27
CA GLU A 8 -5.12 7.82 1.52
C GLU A 8 -6.00 9.06 1.28
N GLU A 9 -6.60 9.57 2.35
CA GLU A 9 -7.43 10.75 2.24
C GLU A 9 -6.64 12.00 2.63
N GLU A 10 -7.19 13.17 2.35
CA GLU A 10 -6.50 14.42 2.66
C GLU A 10 -5.19 14.50 1.89
N ASP A 11 -5.15 15.38 0.90
CA ASP A 11 -3.97 15.56 0.08
C ASP A 11 -2.74 15.93 0.91
N GLU A 12 -2.94 16.73 1.94
CA GLU A 12 -1.82 17.17 2.78
C GLU A 12 -1.19 15.99 3.53
N ALA A 13 -2.01 15.12 4.09
CA ALA A 13 -1.51 13.97 4.82
C ALA A 13 -0.92 12.94 3.86
N ALA A 14 -1.65 12.68 2.78
CA ALA A 14 -1.21 11.71 1.79
C ALA A 14 0.07 12.17 1.09
N THR A 15 0.16 13.47 0.80
CA THR A 15 1.33 14.00 0.13
C THR A 15 2.58 13.83 1.01
N VAL A 16 2.43 14.10 2.30
CA VAL A 16 3.56 13.96 3.21
C VAL A 16 4.12 12.55 3.14
N VAL A 17 3.25 11.55 3.28
CA VAL A 17 3.66 10.16 3.21
C VAL A 17 4.28 9.85 1.85
N CYS A 18 3.59 10.29 0.80
CA CYS A 18 4.07 10.06 -0.56
C CYS A 18 5.36 10.83 -0.82
N GLU A 19 5.48 12.00 -0.21
CA GLU A 19 6.68 12.82 -0.38
C GLU A 19 7.91 12.06 0.10
N MET A 20 7.77 11.33 1.20
CA MET A 20 8.88 10.56 1.73
C MET A 20 9.25 9.45 0.76
N LEU A 21 8.26 8.69 0.33
CA LEU A 21 8.49 7.60 -0.62
C LEU A 21 8.90 8.18 -1.97
N THR A 22 8.19 9.21 -2.42
CA THR A 22 8.50 9.84 -3.69
C THR A 22 9.94 10.31 -3.73
N ALA A 23 10.38 10.92 -2.62
CA ALA A 23 11.75 11.42 -2.53
C ALA A 23 12.76 10.28 -2.46
N ALA A 24 12.31 9.11 -2.01
CA ALA A 24 13.19 7.97 -1.90
C ALA A 24 13.72 7.53 -3.26
N GLY A 25 13.35 8.27 -4.30
CA GLY A 25 13.79 7.96 -5.65
C GLY A 25 12.74 7.16 -6.40
N PHE A 26 11.78 6.61 -5.66
CA PHE A 26 10.71 5.83 -6.27
C PHE A 26 9.51 6.72 -6.53
N LYS A 27 8.72 6.37 -7.54
CA LYS A 27 7.54 7.15 -7.88
C LYS A 27 6.31 6.59 -7.17
N VAL A 28 5.62 7.45 -6.43
CA VAL A 28 4.42 7.03 -5.71
C VAL A 28 3.20 7.78 -6.21
N ILE A 29 2.11 7.04 -6.43
CA ILE A 29 0.88 7.66 -6.89
C ILE A 29 -0.17 7.67 -5.78
N TRP A 30 -0.78 8.82 -5.55
CA TRP A 30 -1.79 8.95 -4.52
C TRP A 30 -3.20 8.78 -5.08
N LEU A 31 -3.92 7.79 -4.53
CA LEU A 31 -5.28 7.52 -4.98
C LEU A 31 -6.28 7.77 -3.84
N VAL A 32 -7.48 8.23 -4.19
CA VAL A 32 -8.51 8.50 -3.20
C VAL A 32 -9.77 7.71 -3.51
N ASP A 33 -9.62 6.64 -4.28
CA ASP A 33 -10.76 5.81 -4.65
C ASP A 33 -10.32 4.37 -4.90
N GLY A 34 -11.28 3.45 -4.91
CA GLY A 34 -10.97 2.04 -5.14
C GLY A 34 -11.25 1.61 -6.58
N SER A 35 -12.48 1.85 -7.03
CA SER A 35 -12.85 1.46 -8.39
C SER A 35 -11.92 2.12 -9.40
N THR A 36 -11.61 3.40 -9.18
CA THR A 36 -10.71 4.10 -10.08
C THR A 36 -9.33 3.47 -10.04
N ALA A 37 -8.95 3.00 -8.85
CA ALA A 37 -7.66 2.36 -8.67
C ALA A 37 -7.55 1.10 -9.53
N LEU A 38 -8.62 0.32 -9.56
CA LEU A 38 -8.64 -0.92 -10.34
C LEU A 38 -8.40 -0.62 -11.82
N ASP A 39 -9.07 0.42 -12.32
CA ASP A 39 -8.92 0.79 -13.73
C ASP A 39 -7.50 1.21 -14.06
N GLN A 40 -6.88 1.97 -13.17
CA GLN A 40 -5.50 2.43 -13.39
C GLN A 40 -4.49 1.43 -12.84
N LEU A 41 -4.68 1.05 -11.59
CA LEU A 41 -3.77 0.12 -10.93
C LEU A 41 -3.43 -1.08 -11.80
N ASP A 42 -4.40 -1.57 -12.56
CA ASP A 42 -4.14 -2.73 -13.41
C ASP A 42 -2.97 -2.43 -14.35
N LEU A 43 -2.93 -1.21 -14.84
CA LEU A 43 -1.85 -0.79 -15.73
C LEU A 43 -0.56 -0.50 -14.96
N LEU A 44 -0.71 -0.04 -13.72
CA LEU A 44 0.46 0.28 -12.89
C LEU A 44 1.17 -0.98 -12.43
N GLN A 45 0.41 -2.01 -12.09
CA GLN A 45 0.99 -3.27 -11.63
C GLN A 45 2.07 -2.99 -10.58
N PRO A 46 1.66 -2.46 -9.45
CA PRO A 46 2.60 -2.13 -8.33
C PRO A 46 3.21 -3.35 -7.67
N ILE A 47 4.39 -3.18 -7.09
CA ILE A 47 5.07 -4.26 -6.40
C ILE A 47 4.77 -4.18 -4.90
N VAL A 48 4.40 -2.99 -4.45
CA VAL A 48 4.07 -2.76 -3.05
C VAL A 48 2.88 -1.83 -2.95
N ILE A 49 1.91 -2.18 -2.11
CA ILE A 49 0.72 -1.36 -1.96
C ILE A 49 0.50 -0.94 -0.52
N LEU A 50 0.45 0.38 -0.30
CA LEU A 50 0.22 0.91 1.03
C LEU A 50 -1.20 1.46 1.14
N MET A 51 -1.86 1.22 2.26
CA MET A 51 -3.23 1.70 2.43
C MET A 51 -3.45 2.24 3.83
N ALA A 52 -3.98 3.45 3.91
CA ALA A 52 -4.26 4.09 5.19
C ALA A 52 -5.42 3.39 5.89
N TRP A 53 -5.35 3.30 7.21
CA TRP A 53 -6.40 2.66 7.98
C TRP A 53 -7.13 3.67 8.87
N PRO A 54 -6.44 4.70 9.32
CA PRO A 54 -7.06 5.74 10.20
C PRO A 54 -8.38 6.30 9.64
N PRO A 55 -8.47 6.54 8.36
CA PRO A 55 -9.73 7.08 7.74
C PRO A 55 -10.92 6.16 7.96
N PRO A 56 -12.11 6.64 7.72
CA PRO A 56 -13.36 5.84 7.89
C PRO A 56 -13.28 4.51 7.16
N ASP A 57 -12.36 4.41 6.21
CA ASP A 57 -12.20 3.19 5.44
C ASP A 57 -13.50 2.85 4.72
N GLN A 58 -13.41 2.54 3.43
CA GLN A 58 -14.60 2.22 2.65
C GLN A 58 -14.22 1.83 1.22
N SER A 59 -13.93 2.83 0.39
CA SER A 59 -13.54 2.57 -0.99
C SER A 59 -12.24 1.78 -1.03
N CYS A 60 -11.39 2.02 -0.03
CA CYS A 60 -10.12 1.32 0.06
C CYS A 60 -10.34 -0.17 0.20
N LEU A 61 -11.44 -0.53 0.87
CA LEU A 61 -11.78 -1.94 1.09
C LEU A 61 -12.07 -2.61 -0.23
N LEU A 62 -12.61 -1.86 -1.19
CA LEU A 62 -12.94 -2.42 -2.50
C LEU A 62 -11.67 -2.90 -3.19
N LEU A 63 -10.61 -2.10 -3.11
CA LEU A 63 -9.35 -2.46 -3.71
C LEU A 63 -8.84 -3.76 -3.11
N LEU A 64 -8.96 -3.87 -1.78
CA LEU A 64 -8.52 -5.06 -1.07
C LEU A 64 -9.31 -6.28 -1.54
N GLN A 65 -10.61 -6.11 -1.75
CA GLN A 65 -11.46 -7.22 -2.19
C GLN A 65 -11.03 -7.72 -3.57
N HIS A 66 -10.68 -6.78 -4.46
CA HIS A 66 -10.25 -7.15 -5.79
C HIS A 66 -9.06 -8.09 -5.74
N LEU A 67 -8.03 -7.70 -4.99
CA LEU A 67 -6.84 -8.52 -4.87
C LEU A 67 -7.21 -9.91 -4.37
N ARG A 68 -8.11 -9.96 -3.39
CA ARG A 68 -8.55 -11.23 -2.82
C ARG A 68 -9.29 -12.07 -3.87
N GLU A 69 -10.04 -11.39 -4.73
CA GLU A 69 -10.81 -12.08 -5.75
C GLU A 69 -9.89 -12.76 -6.76
N HIS A 70 -8.73 -12.18 -7.01
CA HIS A 70 -7.79 -12.76 -7.97
C HIS A 70 -6.34 -12.44 -7.59
N GLN A 71 -5.98 -12.66 -6.33
CA GLN A 71 -4.62 -12.38 -5.89
C GLN A 71 -3.62 -13.21 -6.69
N ALA A 72 -3.90 -14.52 -6.79
CA ALA A 72 -3.04 -15.42 -7.55
C ALA A 72 -1.56 -15.04 -7.42
N ASP A 73 -0.82 -15.29 -8.50
CA ASP A 73 0.61 -14.98 -8.54
C ASP A 73 1.28 -15.29 -7.21
N PRO A 74 2.01 -16.38 -7.14
CA PRO A 74 2.72 -16.77 -5.88
C PRO A 74 3.49 -15.60 -5.28
N HIS A 75 3.57 -15.58 -3.95
CA HIS A 75 4.26 -14.49 -3.28
C HIS A 75 3.79 -13.16 -3.85
N PRO A 76 2.49 -12.96 -3.85
CA PRO A 76 1.87 -11.72 -4.38
C PRO A 76 2.49 -10.46 -3.78
N PRO A 77 2.14 -9.31 -4.29
CA PRO A 77 2.68 -8.01 -3.80
C PRO A 77 2.49 -7.86 -2.28
N LEU A 78 3.45 -7.22 -1.63
CA LEU A 78 3.37 -7.02 -0.19
C LEU A 78 2.46 -5.85 0.13
N VAL A 79 1.63 -6.00 1.16
CA VAL A 79 0.71 -4.94 1.54
C VAL A 79 1.00 -4.46 2.95
N LEU A 80 1.19 -3.15 3.09
CA LEU A 80 1.46 -2.56 4.40
C LEU A 80 0.32 -1.63 4.80
N PHE A 81 -0.19 -1.81 6.01
CA PHE A 81 -1.29 -0.97 6.49
C PHE A 81 -0.81 -0.02 7.58
N LEU A 82 -1.10 1.26 7.39
CA LEU A 82 -0.70 2.28 8.36
C LEU A 82 -1.83 2.57 9.33
N GLY A 83 -1.48 2.94 10.56
CA GLY A 83 -2.48 3.24 11.58
C GLY A 83 -2.63 2.08 12.55
N GLU A 84 -3.87 1.76 12.90
CA GLU A 84 -4.13 0.66 13.82
C GLU A 84 -4.34 -0.65 13.05
N PRO A 85 -4.33 -1.76 13.74
CA PRO A 85 -4.52 -3.10 13.11
C PRO A 85 -5.82 -3.19 12.32
N PRO A 86 -5.86 -4.07 11.36
CA PRO A 86 -7.06 -4.30 10.50
C PRO A 86 -8.25 -4.80 11.30
N VAL A 87 -9.45 -4.66 10.74
CA VAL A 87 -10.66 -5.11 11.41
C VAL A 87 -10.86 -6.61 11.21
N ASP A 88 -11.22 -7.00 10.00
CA ASP A 88 -11.45 -8.40 9.69
C ASP A 88 -10.13 -9.17 9.67
N PRO A 89 -10.15 -10.42 10.05
CA PRO A 89 -8.93 -11.28 10.08
C PRO A 89 -8.44 -11.64 8.68
N LEU A 90 -9.29 -11.40 7.68
CA LEU A 90 -8.93 -11.70 6.29
C LEU A 90 -7.87 -10.72 5.79
N LEU A 91 -7.92 -9.49 6.31
CA LEU A 91 -6.95 -8.48 5.90
C LEU A 91 -5.62 -8.74 6.60
N THR A 92 -5.70 -9.27 7.81
CA THR A 92 -4.49 -9.58 8.57
C THR A 92 -3.70 -10.68 7.86
N ALA A 93 -4.42 -11.70 7.39
CA ALA A 93 -3.78 -12.81 6.69
C ALA A 93 -3.17 -12.36 5.38
N GLN A 94 -3.88 -11.48 4.67
CA GLN A 94 -3.38 -10.98 3.39
C GLN A 94 -2.39 -9.85 3.60
N ALA A 95 -2.33 -9.35 4.82
CA ALA A 95 -1.42 -8.26 5.15
C ALA A 95 0.00 -8.77 5.26
N SER A 96 0.92 -8.11 4.56
CA SER A 96 2.32 -8.50 4.59
C SER A 96 3.03 -7.85 5.77
N ALA A 97 2.46 -6.76 6.26
CA ALA A 97 3.03 -6.05 7.39
C ALA A 97 2.05 -5.01 7.91
N ILE A 98 1.97 -4.90 9.24
CA ILE A 98 1.06 -3.93 9.85
C ILE A 98 1.83 -3.00 10.78
N LEU A 99 1.66 -1.70 10.56
CA LEU A 99 2.34 -0.70 11.38
C LEU A 99 1.35 -0.01 12.31
N SER A 100 1.85 0.45 13.45
CA SER A 100 1.00 1.12 14.43
C SER A 100 1.86 1.82 15.48
N LYS A 101 3.18 1.65 15.35
CA LYS A 101 4.12 2.27 16.28
C LYS A 101 5.22 2.96 15.50
N PRO A 102 4.92 4.11 14.92
CA PRO A 102 5.92 4.88 14.13
C PRO A 102 7.23 5.06 14.87
N LEU A 103 8.32 4.66 14.24
CA LEU A 103 9.64 4.76 14.85
C LEU A 103 10.71 4.24 13.89
N ASP A 104 11.80 4.99 13.76
CA ASP A 104 12.89 4.59 12.88
C ASP A 104 12.38 4.35 11.47
N PRO A 105 12.11 5.40 10.75
CA PRO A 105 11.60 5.30 9.34
C PRO A 105 12.43 4.34 8.51
N GLN A 106 13.52 3.86 9.09
CA GLN A 106 14.40 2.92 8.41
C GLN A 106 13.72 1.56 8.28
N LEU A 107 12.81 1.27 9.20
CA LEU A 107 12.10 0.00 9.16
C LEU A 107 11.22 -0.07 7.91
N LEU A 108 10.47 0.99 7.66
CA LEU A 108 9.61 1.04 6.48
C LEU A 108 10.47 0.86 5.23
N LEU A 109 11.57 1.60 5.17
CA LEU A 109 12.48 1.51 4.02
C LEU A 109 13.07 0.11 3.94
N THR A 110 13.38 -0.46 5.10
CA THR A 110 13.96 -1.80 5.16
C THR A 110 13.02 -2.80 4.50
N THR A 111 11.72 -2.67 4.76
CA THR A 111 10.75 -3.57 4.17
C THR A 111 10.79 -3.47 2.65
N LEU A 112 10.91 -2.24 2.15
CA LEU A 112 10.98 -2.03 0.71
C LEU A 112 12.23 -2.68 0.12
N GLN A 113 13.33 -2.60 0.87
CA GLN A 113 14.59 -3.18 0.43
C GLN A 113 14.49 -4.71 0.36
N GLY A 114 13.69 -5.28 1.25
CA GLY A 114 13.52 -6.73 1.30
C GLY A 114 13.30 -7.33 -0.08
N LEU A 115 13.06 -6.48 -1.07
CA LEU A 115 12.83 -6.97 -2.43
C LEU A 115 14.14 -7.31 -3.11
N CYS A 116 15.10 -6.38 -3.05
CA CYS A 116 16.40 -6.59 -3.65
C CYS A 116 16.27 -7.05 -5.10
N PRO A 117 15.65 -6.25 -5.93
CA PRO A 117 15.46 -6.59 -7.36
C PRO A 117 16.72 -6.29 -8.17
N PRO A 118 17.34 -7.30 -8.74
CA PRO A 118 18.57 -7.14 -9.55
C PRO A 118 18.26 -6.80 -11.01
N ASN A 119 19.17 -6.06 -11.64
CA ASN A 119 18.98 -5.67 -13.04
C ASN A 119 19.55 -6.75 -13.97
N ALA A 1 10.55 -1.45 -13.07
CA ALA A 1 9.22 -1.59 -12.42
C ALA A 1 9.34 -1.24 -10.94
N GLY A 2 8.67 -2.01 -10.09
CA GLY A 2 8.72 -1.76 -8.65
C GLY A 2 7.91 -0.51 -8.31
N HIS A 3 6.66 -0.48 -8.76
CA HIS A 3 5.79 0.66 -8.51
C HIS A 3 5.06 0.50 -7.17
N ILE A 4 4.86 1.61 -6.46
CA ILE A 4 4.16 1.57 -5.19
C ILE A 4 2.89 2.42 -5.24
N LEU A 5 1.79 1.86 -4.77
CA LEU A 5 0.51 2.57 -4.77
C LEU A 5 0.03 2.82 -3.35
N LEU A 6 -0.43 4.04 -3.08
CA LEU A 6 -0.92 4.37 -1.75
C LEU A 6 -2.22 5.18 -1.81
N LEU A 7 -3.19 4.79 -0.98
CA LEU A 7 -4.47 5.50 -0.92
C LEU A 7 -4.56 6.26 0.39
N GLU A 8 -4.77 7.56 0.31
CA GLU A 8 -4.84 8.37 1.52
C GLU A 8 -5.57 9.68 1.28
N GLU A 9 -6.14 10.24 2.34
CA GLU A 9 -6.84 11.50 2.24
C GLU A 9 -5.90 12.65 2.64
N GLU A 10 -6.31 13.87 2.36
CA GLU A 10 -5.47 15.02 2.68
C GLU A 10 -4.16 14.94 1.90
N ASP A 11 -3.97 15.87 0.96
CA ASP A 11 -2.77 15.87 0.14
C ASP A 11 -1.52 16.15 0.98
N GLU A 12 -1.70 16.84 2.11
CA GLU A 12 -0.56 17.15 2.97
C GLU A 12 0.05 15.86 3.52
N ALA A 13 -0.80 14.92 3.90
CA ALA A 13 -0.32 13.64 4.43
C ALA A 13 0.29 12.80 3.32
N ALA A 14 -0.36 12.81 2.16
CA ALA A 14 0.12 12.05 1.01
C ALA A 14 1.43 12.62 0.48
N THR A 15 1.53 13.94 0.45
CA THR A 15 2.75 14.58 -0.05
C THR A 15 3.94 14.21 0.81
N VAL A 16 3.75 14.25 2.13
CA VAL A 16 4.83 13.93 3.05
C VAL A 16 5.36 12.52 2.79
N VAL A 17 4.46 11.55 2.72
CA VAL A 17 4.85 10.17 2.46
C VAL A 17 5.60 10.08 1.14
N CYS A 18 5.12 10.82 0.14
CA CYS A 18 5.74 10.83 -1.17
C CYS A 18 7.20 11.27 -1.07
N GLU A 19 7.45 12.27 -0.23
CA GLU A 19 8.82 12.77 -0.07
C GLU A 19 9.72 11.68 0.51
N MET A 20 9.19 10.87 1.42
CA MET A 20 9.98 9.80 2.02
C MET A 20 10.31 8.71 1.00
N LEU A 21 9.29 8.17 0.35
CA LEU A 21 9.50 7.12 -0.63
C LEU A 21 10.25 7.65 -1.85
N THR A 22 9.87 8.83 -2.33
CA THR A 22 10.53 9.41 -3.49
C THR A 22 12.03 9.49 -3.26
N ALA A 23 12.43 9.91 -2.06
CA ALA A 23 13.85 10.02 -1.74
C ALA A 23 14.48 8.64 -1.59
N ALA A 24 13.66 7.64 -1.26
CA ALA A 24 14.16 6.28 -1.08
C ALA A 24 14.44 5.64 -2.43
N GLY A 25 14.12 6.33 -3.51
CA GLY A 25 14.37 5.80 -4.85
C GLY A 25 13.13 5.11 -5.41
N PHE A 26 12.13 4.91 -4.56
CA PHE A 26 10.90 4.25 -4.98
C PHE A 26 9.83 5.29 -5.30
N LYS A 27 9.15 5.11 -6.43
CA LYS A 27 8.10 6.05 -6.83
C LYS A 27 6.75 5.57 -6.32
N VAL A 28 6.05 6.45 -5.62
CA VAL A 28 4.74 6.12 -5.07
C VAL A 28 3.69 7.09 -5.59
N ILE A 29 2.51 6.57 -5.91
CA ILE A 29 1.44 7.41 -6.42
C ILE A 29 0.35 7.60 -5.37
N TRP A 30 -0.04 8.84 -5.15
CA TRP A 30 -1.08 9.15 -4.18
C TRP A 30 -2.44 9.24 -4.85
N LEU A 31 -3.35 8.36 -4.46
CA LEU A 31 -4.69 8.35 -5.04
C LEU A 31 -5.73 8.66 -3.98
N VAL A 32 -6.84 9.27 -4.39
CA VAL A 32 -7.90 9.62 -3.47
C VAL A 32 -9.15 8.76 -3.73
N ASP A 33 -8.93 7.56 -4.26
CA ASP A 33 -10.04 6.66 -4.56
C ASP A 33 -9.62 5.19 -4.41
N GLY A 34 -10.62 4.30 -4.34
CA GLY A 34 -10.35 2.88 -4.19
C GLY A 34 -10.68 2.12 -5.48
N SER A 35 -11.96 2.13 -5.84
CA SER A 35 -12.40 1.44 -7.05
C SER A 35 -11.67 1.97 -8.28
N THR A 36 -11.49 3.28 -8.33
CA THR A 36 -10.80 3.89 -9.46
C THR A 36 -9.37 3.39 -9.51
N ALA A 37 -8.79 3.18 -8.33
CA ALA A 37 -7.42 2.70 -8.23
C ALA A 37 -7.29 1.35 -8.91
N LEU A 38 -8.25 0.46 -8.64
CA LEU A 38 -8.22 -0.88 -9.22
C LEU A 38 -8.22 -0.81 -10.75
N ASP A 39 -9.03 0.07 -11.30
CA ASP A 39 -9.11 0.20 -12.75
C ASP A 39 -7.73 0.52 -13.33
N GLN A 40 -6.98 1.36 -12.63
CA GLN A 40 -5.65 1.72 -13.08
C GLN A 40 -4.59 0.84 -12.43
N LEU A 41 -4.90 0.31 -11.24
CA LEU A 41 -3.94 -0.54 -10.53
C LEU A 41 -3.45 -1.67 -11.41
N ASP A 42 -4.33 -2.18 -12.26
CA ASP A 42 -3.95 -3.28 -13.13
C ASP A 42 -2.71 -2.88 -13.94
N LEU A 43 -2.67 -1.60 -14.33
CA LEU A 43 -1.53 -1.09 -15.09
C LEU A 43 -0.34 -0.84 -14.18
N LEU A 44 -0.59 -0.39 -12.95
CA LEU A 44 0.48 -0.10 -12.02
C LEU A 44 1.17 -1.37 -11.55
N GLN A 45 0.38 -2.41 -11.27
CA GLN A 45 0.94 -3.67 -10.80
C GLN A 45 2.04 -3.38 -9.80
N PRO A 46 1.68 -2.81 -8.68
CA PRO A 46 2.65 -2.44 -7.61
C PRO A 46 3.08 -3.62 -6.75
N ILE A 47 4.23 -3.46 -6.10
CA ILE A 47 4.77 -4.50 -5.23
C ILE A 47 4.34 -4.27 -3.78
N VAL A 48 3.98 -3.03 -3.47
CA VAL A 48 3.54 -2.70 -2.13
C VAL A 48 2.39 -1.69 -2.16
N ILE A 49 1.39 -1.90 -1.33
CA ILE A 49 0.25 -1.00 -1.29
C ILE A 49 -0.02 -0.51 0.13
N LEU A 50 0.03 0.81 0.32
CA LEU A 50 -0.21 1.40 1.64
C LEU A 50 -1.57 2.10 1.64
N MET A 51 -2.36 1.86 2.68
CA MET A 51 -3.67 2.48 2.77
C MET A 51 -3.96 2.94 4.20
N ALA A 52 -4.51 4.15 4.31
CA ALA A 52 -4.85 4.72 5.61
C ALA A 52 -5.99 3.93 6.25
N TRP A 53 -5.95 3.79 7.58
CA TRP A 53 -6.99 3.04 8.27
C TRP A 53 -7.85 3.95 9.16
N PRO A 54 -7.27 4.98 9.72
CA PRO A 54 -8.02 5.91 10.61
C PRO A 54 -9.24 6.54 9.93
N PRO A 55 -9.11 6.94 8.69
CA PRO A 55 -10.23 7.56 7.92
C PRO A 55 -11.12 6.50 7.28
N PRO A 56 -12.29 6.88 6.83
CA PRO A 56 -13.24 5.94 6.20
C PRO A 56 -12.56 5.11 5.10
N ASP A 57 -12.45 5.70 3.92
CA ASP A 57 -11.81 5.00 2.80
C ASP A 57 -12.53 3.67 2.55
N GLN A 58 -13.85 3.72 2.58
CA GLN A 58 -14.66 2.52 2.36
C GLN A 58 -14.33 1.91 1.01
N SER A 59 -13.96 2.75 0.05
CA SER A 59 -13.61 2.28 -1.28
C SER A 59 -12.38 1.39 -1.23
N CYS A 60 -11.54 1.60 -0.23
CA CYS A 60 -10.32 0.80 -0.09
C CYS A 60 -10.65 -0.67 0.06
N LEU A 61 -11.83 -0.95 0.61
CA LEU A 61 -12.25 -2.33 0.80
C LEU A 61 -12.38 -3.02 -0.55
N LEU A 62 -12.83 -2.29 -1.55
CA LEU A 62 -12.98 -2.85 -2.89
C LEU A 62 -11.62 -3.17 -3.50
N LEU A 63 -10.64 -2.30 -3.26
CA LEU A 63 -9.31 -2.52 -3.80
C LEU A 63 -8.79 -3.88 -3.35
N LEU A 64 -8.95 -4.16 -2.06
CA LEU A 64 -8.50 -5.43 -1.52
C LEU A 64 -9.26 -6.60 -2.17
N GLN A 65 -10.55 -6.41 -2.41
CA GLN A 65 -11.35 -7.46 -3.03
C GLN A 65 -10.82 -7.78 -4.42
N HIS A 66 -10.45 -6.74 -5.16
CA HIS A 66 -9.92 -6.92 -6.51
C HIS A 66 -8.66 -7.78 -6.48
N LEU A 67 -7.73 -7.45 -5.58
CA LEU A 67 -6.49 -8.21 -5.48
C LEU A 67 -6.81 -9.68 -5.28
N ARG A 68 -7.80 -9.97 -4.45
CA ARG A 68 -8.19 -11.33 -4.17
C ARG A 68 -8.78 -11.98 -5.43
N GLU A 69 -9.36 -11.14 -6.28
CA GLU A 69 -9.98 -11.62 -7.52
C GLU A 69 -8.96 -12.21 -8.50
N HIS A 70 -7.78 -11.59 -8.60
CA HIS A 70 -6.77 -12.10 -9.52
C HIS A 70 -5.36 -12.02 -8.93
N GLN A 71 -5.06 -10.94 -8.22
CA GLN A 71 -3.74 -10.77 -7.63
C GLN A 71 -3.41 -11.91 -6.67
N ALA A 72 -4.44 -12.54 -6.11
CA ALA A 72 -4.24 -13.64 -5.17
C ALA A 72 -4.06 -14.97 -5.89
N ASP A 73 -3.20 -15.83 -5.32
CA ASP A 73 -2.90 -17.15 -5.87
C ASP A 73 -1.50 -17.22 -6.49
N PRO A 74 -1.05 -16.19 -7.17
CA PRO A 74 0.32 -16.18 -7.78
C PRO A 74 1.37 -15.72 -6.78
N HIS A 75 1.68 -14.43 -6.81
CA HIS A 75 2.66 -13.86 -5.91
C HIS A 75 2.08 -12.61 -5.24
N PRO A 76 1.22 -12.79 -4.29
CA PRO A 76 0.56 -11.67 -3.56
C PRO A 76 1.57 -10.62 -3.08
N PRO A 77 1.33 -9.37 -3.40
CA PRO A 77 2.24 -8.25 -2.99
C PRO A 77 2.11 -7.93 -1.50
N LEU A 78 3.09 -7.21 -0.97
CA LEU A 78 3.07 -6.84 0.44
C LEU A 78 2.12 -5.66 0.66
N VAL A 79 1.38 -5.70 1.77
CA VAL A 79 0.42 -4.63 2.06
C VAL A 79 0.73 -3.98 3.41
N LEU A 80 0.70 -2.65 3.44
CA LEU A 80 0.96 -1.92 4.67
C LEU A 80 -0.27 -1.15 5.13
N PHE A 81 -0.60 -1.28 6.41
CA PHE A 81 -1.74 -0.55 6.96
C PHE A 81 -1.28 0.51 7.93
N LEU A 82 -1.71 1.74 7.71
CA LEU A 82 -1.32 2.85 8.57
C LEU A 82 -2.38 3.07 9.66
N GLY A 83 -1.94 3.53 10.82
CA GLY A 83 -2.88 3.78 11.93
C GLY A 83 -3.04 2.54 12.80
N GLU A 84 -4.30 2.18 13.04
CA GLU A 84 -4.59 1.01 13.88
C GLU A 84 -4.63 -0.27 13.04
N PRO A 85 -4.55 -1.43 13.66
CA PRO A 85 -4.58 -2.72 12.92
C PRO A 85 -5.95 -3.00 12.31
N PRO A 86 -5.99 -3.52 11.10
CA PRO A 86 -7.28 -3.83 10.40
C PRO A 86 -8.25 -4.60 11.29
N VAL A 87 -9.54 -4.43 11.03
CA VAL A 87 -10.57 -5.12 11.81
C VAL A 87 -10.81 -6.53 11.30
N ASP A 88 -10.94 -6.68 9.98
CA ASP A 88 -11.18 -8.00 9.39
C ASP A 88 -9.91 -8.84 9.45
N PRO A 89 -10.04 -10.14 9.61
CA PRO A 89 -8.88 -11.07 9.70
C PRO A 89 -8.18 -11.30 8.36
N LEU A 90 -8.90 -11.10 7.27
CA LEU A 90 -8.32 -11.29 5.95
C LEU A 90 -7.30 -10.20 5.63
N LEU A 91 -7.50 -9.02 6.19
CA LEU A 91 -6.58 -7.91 5.96
C LEU A 91 -5.33 -8.11 6.81
N THR A 92 -5.52 -8.52 8.06
CA THR A 92 -4.39 -8.76 8.94
C THR A 92 -3.54 -9.89 8.39
N ALA A 93 -4.20 -10.94 7.93
CA ALA A 93 -3.51 -12.09 7.35
C ALA A 93 -2.79 -11.68 6.07
N GLN A 94 -3.45 -10.82 5.29
CA GLN A 94 -2.87 -10.36 4.03
C GLN A 94 -1.94 -9.18 4.27
N ALA A 95 -2.01 -8.59 5.45
CA ALA A 95 -1.17 -7.44 5.78
C ALA A 95 0.28 -7.87 5.96
N SER A 96 1.18 -7.19 5.26
CA SER A 96 2.61 -7.51 5.35
C SER A 96 3.24 -6.78 6.52
N ALA A 97 2.62 -5.67 6.92
CA ALA A 97 3.13 -4.88 8.03
C ALA A 97 2.12 -3.80 8.41
N ILE A 98 2.23 -3.29 9.63
CA ILE A 98 1.32 -2.27 10.11
C ILE A 98 2.08 -1.17 10.84
N LEU A 99 1.89 0.07 10.41
CA LEU A 99 2.54 1.20 11.04
C LEU A 99 1.54 2.01 11.85
N SER A 100 1.84 2.24 13.12
CA SER A 100 0.95 3.01 13.99
C SER A 100 0.93 4.47 13.55
N LYS A 101 1.85 5.24 14.11
CA LYS A 101 1.94 6.66 13.79
C LYS A 101 3.39 7.11 13.52
N PRO A 102 4.35 6.53 14.20
CA PRO A 102 5.79 6.91 14.03
C PRO A 102 6.27 6.73 12.59
N LEU A 103 7.22 7.56 12.19
CA LEU A 103 7.78 7.51 10.85
C LEU A 103 8.45 6.16 10.59
N ASP A 104 9.69 6.03 11.07
CA ASP A 104 10.44 4.79 10.89
C ASP A 104 10.51 4.38 9.42
N PRO A 105 11.04 5.23 8.59
CA PRO A 105 11.17 4.95 7.12
C PRO A 105 12.10 3.78 6.85
N GLN A 106 12.89 3.39 7.85
CA GLN A 106 13.81 2.27 7.68
C GLN A 106 13.04 0.96 7.61
N LEU A 107 11.94 0.87 8.34
CA LEU A 107 11.13 -0.34 8.33
C LEU A 107 10.44 -0.50 6.98
N LEU A 108 9.90 0.60 6.46
CA LEU A 108 9.23 0.57 5.17
C LEU A 108 10.16 -0.02 4.13
N LEU A 109 11.41 0.43 4.15
CA LEU A 109 12.40 -0.08 3.20
C LEU A 109 12.62 -1.57 3.42
N THR A 110 12.65 -1.97 4.69
CA THR A 110 12.84 -3.38 5.01
C THR A 110 11.75 -4.22 4.38
N THR A 111 10.53 -3.69 4.38
CA THR A 111 9.40 -4.40 3.80
C THR A 111 9.66 -4.63 2.32
N LEU A 112 10.24 -3.63 1.65
CA LEU A 112 10.53 -3.74 0.23
C LEU A 112 11.55 -4.84 -0.03
N GLN A 113 12.57 -4.91 0.83
CA GLN A 113 13.62 -5.91 0.68
C GLN A 113 13.08 -7.31 0.91
N GLY A 114 12.03 -7.41 1.72
CA GLY A 114 11.42 -8.71 2.03
C GLY A 114 11.73 -9.74 0.96
N LEU A 115 11.58 -9.36 -0.30
CA LEU A 115 11.86 -10.28 -1.40
C LEU A 115 13.34 -10.22 -1.77
N CYS A 116 13.64 -9.67 -2.94
CA CYS A 116 15.03 -9.57 -3.38
C CYS A 116 15.68 -10.95 -3.46
N PRO A 117 15.16 -11.82 -4.27
CA PRO A 117 15.72 -13.18 -4.44
C PRO A 117 16.92 -13.17 -5.40
N PRO A 118 18.09 -13.51 -4.92
CA PRO A 118 19.32 -13.53 -5.75
C PRO A 118 19.51 -14.83 -6.51
N ASN A 119 20.01 -14.72 -7.75
CA ASN A 119 20.25 -15.89 -8.58
C ASN A 119 21.51 -15.70 -9.43
N ALA A 1 13.34 1.97 -10.20
CA ALA A 1 12.40 2.65 -9.27
C ALA A 1 11.08 1.91 -9.22
N GLY A 2 10.85 1.18 -8.13
CA GLY A 2 9.61 0.42 -7.96
C GLY A 2 8.41 1.35 -7.93
N HIS A 3 7.32 0.94 -8.57
CA HIS A 3 6.11 1.74 -8.60
C HIS A 3 5.26 1.47 -7.36
N ILE A 4 5.00 2.52 -6.58
CA ILE A 4 4.20 2.37 -5.36
C ILE A 4 2.92 3.20 -5.43
N LEU A 5 1.80 2.59 -5.03
CA LEU A 5 0.52 3.31 -5.05
C LEU A 5 0.07 3.63 -3.63
N LEU A 6 -0.23 4.90 -3.39
CA LEU A 6 -0.66 5.35 -2.08
C LEU A 6 -2.14 5.72 -2.07
N LEU A 7 -2.89 5.11 -1.17
CA LEU A 7 -4.30 5.43 -1.04
C LEU A 7 -4.55 6.12 0.30
N GLU A 8 -4.87 7.40 0.23
CA GLU A 8 -5.11 8.17 1.45
C GLU A 8 -6.01 9.38 1.16
N GLU A 9 -6.51 9.98 2.23
CA GLU A 9 -7.38 11.14 2.10
C GLU A 9 -6.68 12.38 2.65
N GLU A 10 -7.23 13.55 2.31
CA GLU A 10 -6.65 14.81 2.78
C GLU A 10 -5.27 15.03 2.16
N ASP A 11 -5.13 16.15 1.44
CA ASP A 11 -3.87 16.49 0.79
C ASP A 11 -2.75 16.60 1.82
N GLU A 12 -3.07 17.12 2.99
CA GLU A 12 -2.07 17.30 4.05
C GLU A 12 -1.58 15.95 4.55
N ALA A 13 -2.50 15.03 4.79
CA ALA A 13 -2.13 13.71 5.28
C ALA A 13 -1.47 12.91 4.17
N ALA A 14 -1.98 13.04 2.95
CA ALA A 14 -1.43 12.33 1.81
C ALA A 14 -0.04 12.85 1.46
N THR A 15 0.10 14.18 1.48
CA THR A 15 1.39 14.79 1.16
C THR A 15 2.45 14.33 2.15
N VAL A 16 2.09 14.30 3.43
CA VAL A 16 3.03 13.87 4.46
C VAL A 16 3.56 12.48 4.17
N VAL A 17 2.65 11.52 3.97
CA VAL A 17 3.05 10.15 3.67
C VAL A 17 3.87 10.12 2.39
N CYS A 18 3.39 10.84 1.37
CA CYS A 18 4.08 10.89 0.09
C CYS A 18 5.41 11.63 0.22
N GLU A 19 5.41 12.72 0.98
CA GLU A 19 6.63 13.50 1.17
C GLU A 19 7.76 12.64 1.74
N MET A 20 7.41 11.77 2.70
CA MET A 20 8.41 10.89 3.31
C MET A 20 8.91 9.89 2.29
N LEU A 21 7.99 9.20 1.64
CA LEU A 21 8.36 8.20 0.63
C LEU A 21 8.96 8.87 -0.60
N THR A 22 8.33 9.96 -1.03
CA THR A 22 8.81 10.69 -2.20
C THR A 22 10.26 11.11 -2.00
N ALA A 23 10.59 11.55 -0.79
CA ALA A 23 11.94 11.98 -0.46
C ALA A 23 12.88 10.77 -0.40
N ALA A 24 12.32 9.61 -0.10
CA ALA A 24 13.12 8.39 0.00
C ALA A 24 13.59 7.92 -1.38
N GLY A 25 13.16 8.63 -2.41
CA GLY A 25 13.56 8.28 -3.78
C GLY A 25 12.56 7.36 -4.46
N PHE A 26 11.45 7.04 -3.78
CA PHE A 26 10.45 6.15 -4.36
C PHE A 26 9.32 6.97 -4.98
N LYS A 27 8.80 6.50 -6.12
CA LYS A 27 7.72 7.21 -6.80
C LYS A 27 6.38 6.73 -6.25
N VAL A 28 5.71 7.62 -5.53
CA VAL A 28 4.43 7.30 -4.94
C VAL A 28 3.32 8.17 -5.51
N ILE A 29 2.18 7.55 -5.81
CA ILE A 29 1.05 8.29 -6.36
C ILE A 29 -0.06 8.39 -5.32
N TRP A 30 -0.61 9.59 -5.15
CA TRP A 30 -1.67 9.80 -4.18
C TRP A 30 -3.05 9.64 -4.83
N LEU A 31 -3.75 8.58 -4.44
CA LEU A 31 -5.07 8.30 -4.98
C LEU A 31 -6.11 8.20 -3.86
N VAL A 32 -7.26 8.83 -4.06
CA VAL A 32 -8.33 8.81 -3.07
C VAL A 32 -9.48 7.89 -3.50
N ASP A 33 -9.43 7.43 -4.74
CA ASP A 33 -10.46 6.53 -5.27
C ASP A 33 -9.99 5.08 -5.26
N GLY A 34 -10.95 4.16 -5.15
CA GLY A 34 -10.62 2.74 -5.13
C GLY A 34 -10.92 2.08 -6.48
N SER A 35 -12.17 2.19 -6.94
CA SER A 35 -12.55 1.59 -8.22
C SER A 35 -11.70 2.16 -9.35
N THR A 36 -11.45 3.46 -9.31
CA THR A 36 -10.64 4.11 -10.33
C THR A 36 -9.25 3.51 -10.34
N ALA A 37 -8.74 3.22 -9.15
CA ALA A 37 -7.41 2.63 -9.01
C ALA A 37 -7.36 1.28 -9.70
N LEU A 38 -8.42 0.49 -9.55
CA LEU A 38 -8.45 -0.82 -10.17
C LEU A 38 -8.26 -0.72 -11.68
N ASP A 39 -8.98 0.21 -12.31
CA ASP A 39 -8.87 0.38 -13.75
C ASP A 39 -7.49 0.85 -14.17
N GLN A 40 -6.93 1.81 -13.43
CA GLN A 40 -5.61 2.33 -13.76
C GLN A 40 -4.51 1.47 -13.18
N LEU A 41 -4.67 1.09 -11.92
CA LEU A 41 -3.68 0.27 -11.24
C LEU A 41 -3.30 -0.96 -12.08
N ASP A 42 -4.28 -1.50 -12.79
CA ASP A 42 -4.03 -2.68 -13.60
C ASP A 42 -2.87 -2.42 -14.56
N LEU A 43 -2.85 -1.22 -15.13
CA LEU A 43 -1.79 -0.84 -16.06
C LEU A 43 -0.50 -0.57 -15.30
N LEU A 44 -0.63 -0.12 -14.04
CA LEU A 44 0.53 0.19 -13.21
C LEU A 44 1.24 -1.07 -12.76
N GLN A 45 0.47 -2.12 -12.51
CA GLN A 45 1.04 -3.38 -12.03
C GLN A 45 2.09 -3.08 -10.95
N PRO A 46 1.67 -2.49 -9.86
CA PRO A 46 2.57 -2.10 -8.73
C PRO A 46 3.06 -3.29 -7.92
N ILE A 47 4.21 -3.11 -7.24
CA ILE A 47 4.78 -4.16 -6.42
C ILE A 47 4.42 -3.94 -4.95
N VAL A 48 4.20 -2.69 -4.59
CA VAL A 48 3.84 -2.34 -3.22
C VAL A 48 2.72 -1.31 -3.19
N ILE A 49 1.71 -1.54 -2.36
CA ILE A 49 0.59 -0.62 -2.27
C ILE A 49 0.31 -0.23 -0.82
N LEU A 50 0.30 1.07 -0.56
CA LEU A 50 0.01 1.55 0.79
C LEU A 50 -1.41 2.11 0.85
N MET A 51 -2.19 1.67 1.84
CA MET A 51 -3.56 2.14 1.95
C MET A 51 -3.99 2.33 3.41
N ALA A 52 -4.74 3.40 3.65
CA ALA A 52 -5.26 3.70 4.98
C ALA A 52 -6.29 2.63 5.38
N TRP A 53 -6.45 2.38 6.67
CA TRP A 53 -7.40 1.36 7.11
C TRP A 53 -8.65 2.00 7.73
N PRO A 54 -8.54 3.20 8.27
CA PRO A 54 -9.68 3.94 8.84
C PRO A 54 -10.25 5.05 7.95
N PRO A 55 -10.17 4.94 6.64
CA PRO A 55 -10.71 6.00 5.73
C PRO A 55 -12.22 5.94 5.61
N PRO A 56 -12.85 7.05 5.37
CA PRO A 56 -14.33 7.12 5.23
C PRO A 56 -14.82 6.48 3.93
N ASP A 57 -13.90 6.24 3.00
CA ASP A 57 -14.26 5.64 1.71
C ASP A 57 -14.25 4.12 1.78
N GLN A 58 -15.43 3.52 1.66
CA GLN A 58 -15.54 2.06 1.69
C GLN A 58 -14.86 1.44 0.48
N SER A 59 -14.45 2.28 -0.46
CA SER A 59 -13.81 1.81 -1.66
C SER A 59 -12.46 1.14 -1.34
N CYS A 60 -11.88 1.49 -0.20
CA CYS A 60 -10.61 0.89 0.20
C CYS A 60 -10.79 -0.61 0.40
N LEU A 61 -11.93 -1.00 0.95
CA LEU A 61 -12.23 -2.41 1.19
C LEU A 61 -12.37 -3.13 -0.14
N LEU A 62 -12.95 -2.44 -1.13
CA LEU A 62 -13.13 -3.01 -2.44
C LEU A 62 -11.78 -3.25 -3.09
N LEU A 63 -10.83 -2.35 -2.85
CA LEU A 63 -9.50 -2.49 -3.40
C LEU A 63 -8.90 -3.80 -2.90
N LEU A 64 -9.13 -4.09 -1.63
CA LEU A 64 -8.62 -5.32 -1.03
C LEU A 64 -9.17 -6.52 -1.78
N GLN A 65 -10.45 -6.44 -2.17
CA GLN A 65 -11.07 -7.54 -2.89
C GLN A 65 -10.33 -7.81 -4.21
N HIS A 66 -9.96 -6.73 -4.91
CA HIS A 66 -9.27 -6.87 -6.20
C HIS A 66 -7.92 -7.56 -6.03
N LEU A 67 -7.02 -6.95 -5.25
CA LEU A 67 -5.69 -7.53 -5.05
C LEU A 67 -5.79 -8.96 -4.55
N ARG A 68 -6.83 -9.23 -3.77
CA ARG A 68 -7.01 -10.57 -3.23
C ARG A 68 -7.18 -11.58 -4.35
N GLU A 69 -7.95 -11.19 -5.35
CA GLU A 69 -8.18 -12.05 -6.52
C GLU A 69 -6.91 -12.18 -7.33
N HIS A 70 -6.19 -11.07 -7.46
CA HIS A 70 -4.95 -11.06 -8.23
C HIS A 70 -3.74 -11.23 -7.31
N GLN A 71 -4.00 -11.65 -6.07
CA GLN A 71 -2.94 -11.85 -5.10
C GLN A 71 -1.91 -12.85 -5.61
N ALA A 72 -2.35 -13.79 -6.43
CA ALA A 72 -1.45 -14.80 -6.97
C ALA A 72 -0.71 -14.29 -8.20
N ASP A 73 0.63 -14.23 -8.09
CA ASP A 73 1.45 -13.77 -9.20
C ASP A 73 2.93 -13.97 -8.89
N PRO A 74 3.69 -14.47 -9.82
CA PRO A 74 5.15 -14.69 -9.62
C PRO A 74 5.81 -13.51 -8.90
N HIS A 75 5.09 -12.40 -8.80
CA HIS A 75 5.62 -11.22 -8.12
C HIS A 75 4.67 -10.76 -7.03
N PRO A 76 4.57 -11.51 -5.95
CA PRO A 76 3.68 -11.17 -4.81
C PRO A 76 3.80 -9.72 -4.39
N PRO A 77 2.75 -8.94 -4.57
CA PRO A 77 2.74 -7.50 -4.21
C PRO A 77 2.64 -7.28 -2.70
N LEU A 78 3.38 -6.31 -2.20
CA LEU A 78 3.38 -5.99 -0.78
C LEU A 78 2.18 -5.14 -0.41
N VAL A 79 1.60 -5.39 0.76
CA VAL A 79 0.44 -4.62 1.22
C VAL A 79 0.72 -4.04 2.61
N LEU A 80 0.56 -2.73 2.75
CA LEU A 80 0.81 -2.07 4.03
C LEU A 80 -0.44 -1.33 4.51
N PHE A 81 -0.76 -1.48 5.79
CA PHE A 81 -1.93 -0.80 6.36
C PHE A 81 -1.51 0.28 7.34
N LEU A 82 -2.08 1.48 7.16
CA LEU A 82 -1.77 2.60 8.05
C LEU A 82 -2.82 2.73 9.14
N GLY A 83 -2.40 3.15 10.32
CA GLY A 83 -3.32 3.33 11.43
C GLY A 83 -3.48 2.04 12.24
N GLU A 84 -4.72 1.73 12.60
CA GLU A 84 -5.01 0.54 13.38
C GLU A 84 -5.20 -0.68 12.48
N PRO A 85 -4.88 -1.84 12.97
CA PRO A 85 -5.00 -3.12 12.20
C PRO A 85 -6.45 -3.53 11.94
N PRO A 86 -6.66 -4.30 10.91
CA PRO A 86 -8.02 -4.79 10.53
C PRO A 86 -8.61 -5.75 11.57
N VAL A 87 -7.88 -5.96 12.65
CA VAL A 87 -8.33 -6.85 13.71
C VAL A 87 -8.51 -8.27 13.17
N ASP A 88 -9.01 -8.38 11.94
CA ASP A 88 -9.23 -9.68 11.32
C ASP A 88 -7.89 -10.33 10.98
N PRO A 89 -7.71 -11.59 11.30
CA PRO A 89 -6.43 -12.31 11.01
C PRO A 89 -6.28 -12.66 9.53
N LEU A 90 -7.37 -12.67 8.79
CA LEU A 90 -7.32 -13.00 7.37
C LEU A 90 -6.65 -11.90 6.57
N LEU A 91 -6.97 -10.65 6.89
CA LEU A 91 -6.37 -9.53 6.17
C LEU A 91 -4.94 -9.33 6.65
N THR A 92 -4.71 -9.53 7.94
CA THR A 92 -3.38 -9.39 8.50
C THR A 92 -2.46 -10.43 7.87
N ALA A 93 -2.98 -11.64 7.69
CA ALA A 93 -2.19 -12.71 7.08
C ALA A 93 -1.82 -12.33 5.66
N GLN A 94 -2.75 -11.69 4.95
CA GLN A 94 -2.50 -11.27 3.58
C GLN A 94 -1.66 -9.99 3.56
N ALA A 95 -1.66 -9.27 4.68
CA ALA A 95 -0.92 -8.03 4.77
C ALA A 95 0.58 -8.32 4.82
N SER A 96 1.37 -7.46 4.18
CA SER A 96 2.81 -7.63 4.18
C SER A 96 3.43 -6.99 5.41
N ALA A 97 2.77 -5.94 5.91
CA ALA A 97 3.27 -5.24 7.09
C ALA A 97 2.20 -4.30 7.66
N ILE A 98 1.95 -4.41 8.95
CA ILE A 98 0.96 -3.58 9.60
C ILE A 98 1.63 -2.40 10.29
N LEU A 99 1.15 -1.19 10.00
CA LEU A 99 1.71 0.01 10.61
C LEU A 99 0.76 0.59 11.63
N SER A 100 1.32 1.14 12.70
CA SER A 100 0.52 1.74 13.76
C SER A 100 1.39 2.62 14.64
N LYS A 101 2.69 2.44 14.53
CA LYS A 101 3.65 3.21 15.31
C LYS A 101 4.72 3.79 14.40
N PRO A 102 4.38 4.81 13.66
CA PRO A 102 5.33 5.48 12.71
C PRO A 102 6.66 5.86 13.36
N LEU A 103 7.75 5.71 12.60
CA LEU A 103 9.08 6.03 13.10
C LEU A 103 10.12 5.91 11.98
N ASP A 104 10.38 7.02 11.32
CA ASP A 104 11.35 7.05 10.22
C ASP A 104 10.98 6.07 9.11
N PRO A 105 11.29 6.42 7.89
CA PRO A 105 11.01 5.55 6.71
C PRO A 105 11.88 4.29 6.69
N GLN A 106 12.68 4.11 7.72
CA GLN A 106 13.58 2.96 7.79
C GLN A 106 12.77 1.67 7.93
N LEU A 107 11.63 1.75 8.60
CA LEU A 107 10.81 0.57 8.80
C LEU A 107 10.23 0.10 7.46
N LEU A 108 9.56 1.00 6.75
CA LEU A 108 8.96 0.66 5.46
C LEU A 108 10.01 0.14 4.51
N LEU A 109 11.17 0.77 4.51
CA LEU A 109 12.26 0.37 3.63
C LEU A 109 12.64 -1.08 3.92
N THR A 110 12.66 -1.43 5.20
CA THR A 110 13.02 -2.78 5.59
C THR A 110 12.07 -3.79 4.95
N THR A 111 10.79 -3.44 4.88
CA THR A 111 9.81 -4.34 4.28
C THR A 111 10.14 -4.61 2.81
N LEU A 112 10.52 -3.56 2.08
CA LEU A 112 10.87 -3.73 0.67
C LEU A 112 12.09 -4.63 0.53
N GLN A 113 13.02 -4.50 1.47
CA GLN A 113 14.24 -5.30 1.45
C GLN A 113 13.94 -6.77 1.64
N GLY A 114 12.85 -7.06 2.35
CA GLY A 114 12.47 -8.44 2.61
C GLY A 114 12.44 -9.27 1.33
N LEU A 115 12.33 -8.60 0.19
CA LEU A 115 12.28 -9.30 -1.09
C LEU A 115 13.69 -9.66 -1.54
N CYS A 116 14.44 -8.67 -1.99
CA CYS A 116 15.80 -8.92 -2.46
C CYS A 116 15.82 -10.07 -3.47
N PRO A 117 15.11 -9.90 -4.54
CA PRO A 117 15.04 -10.94 -5.62
C PRO A 117 16.30 -10.93 -6.48
N PRO A 118 17.06 -11.99 -6.48
CA PRO A 118 18.30 -12.10 -7.28
C PRO A 118 18.04 -12.58 -8.70
N ASN A 119 17.78 -13.88 -8.86
CA ASN A 119 17.51 -14.45 -10.17
C ASN A 119 16.01 -14.41 -10.46
N ALA A 1 11.61 0.38 -11.77
CA ALA A 1 12.70 0.71 -10.81
C ALA A 1 12.15 0.71 -9.39
N GLY A 2 10.94 0.20 -9.24
CA GLY A 2 10.31 0.15 -7.92
C GLY A 2 9.16 1.16 -7.83
N HIS A 3 8.02 0.80 -8.40
CA HIS A 3 6.86 1.68 -8.38
C HIS A 3 6.01 1.40 -7.14
N ILE A 4 5.65 2.47 -6.42
CA ILE A 4 4.86 2.34 -5.21
C ILE A 4 3.49 2.99 -5.41
N LEU A 5 2.45 2.36 -4.87
CA LEU A 5 1.10 2.93 -4.99
C LEU A 5 0.69 3.57 -3.67
N LEU A 6 0.19 4.80 -3.76
CA LEU A 6 -0.24 5.52 -2.56
C LEU A 6 -1.69 5.96 -2.69
N LEU A 7 -2.53 5.44 -1.80
CA LEU A 7 -3.93 5.80 -1.79
C LEU A 7 -4.28 6.49 -0.47
N GLU A 8 -4.74 7.73 -0.56
CA GLU A 8 -5.08 8.48 0.65
C GLU A 8 -6.06 9.62 0.34
N GLU A 9 -6.57 10.23 1.40
CA GLU A 9 -7.50 11.33 1.25
C GLU A 9 -6.82 12.63 1.70
N GLU A 10 -7.34 13.76 1.24
CA GLU A 10 -6.74 15.04 1.62
C GLU A 10 -5.31 15.11 1.10
N ASP A 11 -5.00 16.19 0.38
CA ASP A 11 -3.65 16.36 -0.16
C ASP A 11 -2.61 16.45 0.95
N GLU A 12 -3.01 16.95 2.11
CA GLU A 12 -2.10 17.09 3.23
C GLU A 12 -1.61 15.73 3.70
N ALA A 13 -2.50 14.75 3.75
CA ALA A 13 -2.12 13.42 4.19
C ALA A 13 -1.28 12.73 3.12
N ALA A 14 -1.74 12.84 1.86
CA ALA A 14 -1.02 12.23 0.74
C ALA A 14 0.29 12.94 0.48
N THR A 15 0.28 14.27 0.56
CA THR A 15 1.48 15.05 0.31
C THR A 15 2.57 14.73 1.32
N VAL A 16 2.20 14.68 2.60
CA VAL A 16 3.17 14.37 3.64
C VAL A 16 3.84 13.03 3.37
N VAL A 17 3.03 12.01 3.15
CA VAL A 17 3.55 10.67 2.88
C VAL A 17 4.40 10.68 1.61
N CYS A 18 3.93 11.39 0.59
CA CYS A 18 4.65 11.46 -0.68
C CYS A 18 6.05 12.02 -0.47
N GLU A 19 6.15 13.06 0.36
CA GLU A 19 7.44 13.68 0.62
C GLU A 19 8.38 12.68 1.28
N MET A 20 7.83 11.86 2.19
CA MET A 20 8.63 10.86 2.87
C MET A 20 9.10 9.79 1.89
N LEU A 21 8.14 9.27 1.11
CA LEU A 21 8.46 8.25 0.13
C LEU A 21 9.28 8.84 -1.00
N THR A 22 8.86 10.00 -1.50
CA THR A 22 9.57 10.67 -2.57
C THR A 22 11.02 10.90 -2.16
N ALA A 23 11.19 11.32 -0.91
CA ALA A 23 12.53 11.58 -0.38
C ALA A 23 13.31 10.28 -0.23
N ALA A 24 12.59 9.18 -0.07
CA ALA A 24 13.23 7.87 0.09
C ALA A 24 13.86 7.40 -1.21
N GLY A 25 13.63 8.15 -2.29
CA GLY A 25 14.21 7.82 -3.59
C GLY A 25 13.22 7.04 -4.45
N PHE A 26 12.14 6.56 -3.84
CA PHE A 26 11.13 5.80 -4.59
C PHE A 26 9.99 6.71 -5.03
N LYS A 27 9.48 6.46 -6.23
CA LYS A 27 8.38 7.25 -6.76
C LYS A 27 7.05 6.59 -6.43
N VAL A 28 6.09 7.39 -5.96
CA VAL A 28 4.78 6.86 -5.59
C VAL A 28 3.67 7.56 -6.37
N ILE A 29 2.56 6.85 -6.55
CA ILE A 29 1.42 7.41 -7.27
C ILE A 29 0.27 7.68 -6.29
N TRP A 30 -0.35 8.84 -6.41
CA TRP A 30 -1.43 9.21 -5.51
C TRP A 30 -2.80 8.80 -6.08
N LEU A 31 -3.55 8.05 -5.29
CA LEU A 31 -4.87 7.61 -5.71
C LEU A 31 -5.95 8.22 -4.82
N VAL A 32 -7.09 8.55 -5.44
CA VAL A 32 -8.20 9.13 -4.70
C VAL A 32 -9.22 8.06 -4.36
N ASP A 33 -9.17 6.94 -5.08
CA ASP A 33 -10.09 5.83 -4.85
C ASP A 33 -9.40 4.49 -5.15
N GLY A 34 -9.83 3.45 -4.45
CA GLY A 34 -9.25 2.13 -4.64
C GLY A 34 -9.53 1.57 -6.03
N SER A 35 -10.75 1.81 -6.52
CA SER A 35 -11.14 1.31 -7.85
C SER A 35 -10.21 1.85 -8.92
N THR A 36 -9.83 3.11 -8.79
CA THR A 36 -8.94 3.73 -9.76
C THR A 36 -7.56 3.06 -9.72
N ALA A 37 -7.11 2.73 -8.51
CA ALA A 37 -5.82 2.10 -8.33
C ALA A 37 -5.76 0.72 -9.00
N LEU A 38 -6.80 -0.08 -8.78
CA LEU A 38 -6.85 -1.41 -9.37
C LEU A 38 -6.78 -1.34 -10.90
N ASP A 39 -7.50 -0.39 -11.48
CA ASP A 39 -7.51 -0.25 -12.94
C ASP A 39 -6.12 0.11 -13.45
N GLN A 40 -5.42 0.98 -12.71
CA GLN A 40 -4.08 1.39 -13.11
C GLN A 40 -3.05 0.39 -12.62
N LEU A 41 -3.22 -0.05 -11.38
CA LEU A 41 -2.30 -0.99 -10.76
C LEU A 41 -1.94 -2.14 -11.68
N ASP A 42 -2.93 -2.71 -12.36
CA ASP A 42 -2.68 -3.82 -13.26
C ASP A 42 -1.67 -3.42 -14.34
N LEU A 43 -1.75 -2.17 -14.77
CA LEU A 43 -0.84 -1.68 -15.80
C LEU A 43 0.56 -1.41 -15.25
N LEU A 44 0.65 -0.87 -14.03
CA LEU A 44 1.95 -0.56 -13.45
C LEU A 44 2.65 -1.80 -12.93
N GLN A 45 1.90 -2.69 -12.29
CA GLN A 45 2.48 -3.90 -11.73
C GLN A 45 3.58 -3.55 -10.73
N PRO A 46 3.22 -2.88 -9.67
CA PRO A 46 4.16 -2.44 -8.61
C PRO A 46 4.50 -3.56 -7.63
N ILE A 47 5.55 -3.35 -6.83
CA ILE A 47 5.99 -4.35 -5.87
C ILE A 47 5.40 -4.10 -4.48
N VAL A 48 4.93 -2.88 -4.22
CA VAL A 48 4.37 -2.58 -2.90
C VAL A 48 3.15 -1.66 -3.03
N ILE A 49 2.15 -1.91 -2.19
CA ILE A 49 0.93 -1.12 -2.21
C ILE A 49 0.69 -0.43 -0.87
N LEU A 50 0.55 0.89 -0.90
CA LEU A 50 0.29 1.64 0.32
C LEU A 50 -1.17 2.11 0.29
N MET A 51 -1.91 1.81 1.34
CA MET A 51 -3.32 2.19 1.37
C MET A 51 -3.77 2.65 2.75
N ALA A 52 -4.51 3.76 2.78
CA ALA A 52 -5.04 4.29 4.04
C ALA A 52 -6.10 3.34 4.58
N TRP A 53 -6.29 3.33 5.91
CA TRP A 53 -7.29 2.45 6.49
C TRP A 53 -8.29 3.21 7.36
N PRO A 54 -8.86 4.28 6.86
CA PRO A 54 -9.89 5.07 7.60
C PRO A 54 -11.28 4.47 7.45
N PRO A 55 -12.03 4.35 8.52
CA PRO A 55 -13.40 3.77 8.46
C PRO A 55 -14.28 4.41 7.39
N PRO A 56 -14.33 5.71 7.30
CA PRO A 56 -15.18 6.40 6.29
C PRO A 56 -14.68 6.12 4.87
N ASP A 57 -14.08 4.95 4.70
CA ASP A 57 -13.56 4.56 3.39
C ASP A 57 -13.57 3.06 3.22
N GLN A 58 -14.76 2.50 3.05
CA GLN A 58 -14.91 1.06 2.85
C GLN A 58 -14.24 0.61 1.56
N SER A 59 -13.64 1.58 0.86
CA SER A 59 -12.98 1.28 -0.41
C SER A 59 -11.83 0.30 -0.22
N CYS A 60 -11.16 0.37 0.92
CA CYS A 60 -10.03 -0.52 1.20
C CYS A 60 -10.49 -1.97 1.15
N LEU A 61 -11.78 -2.19 1.44
CA LEU A 61 -12.33 -3.54 1.43
C LEU A 61 -12.30 -4.11 0.01
N LEU A 62 -12.46 -3.24 -0.97
CA LEU A 62 -12.45 -3.67 -2.37
C LEU A 62 -11.06 -4.14 -2.75
N LEU A 63 -10.04 -3.44 -2.27
CA LEU A 63 -8.66 -3.80 -2.57
C LEU A 63 -8.36 -5.21 -2.06
N LEU A 64 -8.83 -5.52 -0.86
CA LEU A 64 -8.61 -6.83 -0.28
C LEU A 64 -9.22 -7.94 -1.14
N GLN A 65 -10.44 -7.70 -1.61
CA GLN A 65 -11.12 -8.67 -2.46
C GLN A 65 -10.34 -8.91 -3.75
N HIS A 66 -9.78 -7.85 -4.31
CA HIS A 66 -9.01 -7.97 -5.54
C HIS A 66 -7.88 -8.97 -5.35
N LEU A 67 -7.12 -8.80 -4.29
CA LEU A 67 -6.01 -9.70 -3.99
C LEU A 67 -6.53 -11.15 -3.94
N ARG A 68 -7.67 -11.33 -3.30
CA ARG A 68 -8.28 -12.64 -3.16
C ARG A 68 -8.77 -13.17 -4.51
N GLU A 69 -9.20 -12.25 -5.37
CA GLU A 69 -9.71 -12.64 -6.69
C GLU A 69 -8.61 -13.23 -7.55
N HIS A 70 -7.37 -12.76 -7.38
CA HIS A 70 -6.27 -13.26 -8.18
C HIS A 70 -5.11 -13.75 -7.30
N GLN A 71 -4.58 -12.87 -6.48
CA GLN A 71 -3.45 -13.23 -5.60
C GLN A 71 -3.86 -14.28 -4.59
N ALA A 72 -4.96 -14.99 -4.86
CA ALA A 72 -5.43 -16.03 -3.95
C ALA A 72 -4.73 -17.35 -4.23
N ASP A 73 -3.57 -17.27 -4.87
CA ASP A 73 -2.80 -18.47 -5.20
C ASP A 73 -1.39 -18.10 -5.67
N PRO A 74 -1.30 -17.20 -6.62
CA PRO A 74 0.01 -16.74 -7.17
C PRO A 74 0.96 -16.28 -6.07
N HIS A 75 1.62 -15.15 -6.30
CA HIS A 75 2.56 -14.61 -5.32
C HIS A 75 2.07 -13.27 -4.81
N PRO A 76 1.29 -13.27 -3.75
CA PRO A 76 0.72 -12.03 -3.15
C PRO A 76 1.79 -10.94 -2.95
N PRO A 77 1.51 -9.73 -3.39
CA PRO A 77 2.46 -8.59 -3.25
C PRO A 77 2.50 -8.06 -1.82
N LEU A 78 3.50 -7.24 -1.51
CA LEU A 78 3.64 -6.68 -0.18
C LEU A 78 2.63 -5.54 0.01
N VAL A 79 1.81 -5.63 1.06
CA VAL A 79 0.81 -4.61 1.31
C VAL A 79 0.97 -3.99 2.69
N LEU A 80 0.93 -2.66 2.74
CA LEU A 80 1.06 -1.93 4.01
C LEU A 80 -0.20 -1.12 4.28
N PHE A 81 -0.67 -1.16 5.53
CA PHE A 81 -1.86 -0.41 5.92
C PHE A 81 -1.49 0.77 6.79
N LEU A 82 -1.85 1.98 6.35
CA LEU A 82 -1.55 3.17 7.13
C LEU A 82 -2.79 3.60 7.92
N GLY A 83 -2.60 3.94 9.20
CA GLY A 83 -3.70 4.37 10.03
C GLY A 83 -3.68 3.68 11.39
N GLU A 84 -4.85 3.27 11.85
CA GLU A 84 -4.97 2.61 13.15
C GLU A 84 -4.90 1.09 12.99
N PRO A 85 -5.05 0.36 14.08
CA PRO A 85 -4.99 -1.13 14.07
C PRO A 85 -6.08 -1.75 13.20
N PRO A 86 -5.86 -2.95 12.76
CA PRO A 86 -6.83 -3.70 11.89
C PRO A 86 -8.14 -4.02 12.59
N VAL A 87 -9.23 -4.00 11.83
CA VAL A 87 -10.55 -4.29 12.38
C VAL A 87 -10.80 -5.80 12.42
N ASP A 88 -9.98 -6.55 11.69
CA ASP A 88 -10.11 -8.00 11.65
C ASP A 88 -8.84 -8.65 11.13
N PRO A 89 -8.55 -9.84 11.58
CA PRO A 89 -7.33 -10.60 11.17
C PRO A 89 -7.32 -10.94 9.68
N LEU A 90 -8.44 -10.72 9.00
CA LEU A 90 -8.52 -11.03 7.57
C LEU A 90 -7.68 -10.06 6.76
N LEU A 91 -7.70 -8.79 7.14
CA LEU A 91 -6.91 -7.80 6.44
C LEU A 91 -5.47 -7.86 6.93
N THR A 92 -5.32 -8.11 8.23
CA THR A 92 -3.99 -8.23 8.81
C THR A 92 -3.28 -9.44 8.21
N ALA A 93 -4.02 -10.53 8.04
CA ALA A 93 -3.44 -11.74 7.45
C ALA A 93 -3.03 -11.49 6.01
N GLN A 94 -3.87 -10.73 5.31
CA GLN A 94 -3.59 -10.40 3.91
C GLN A 94 -2.48 -9.36 3.82
N ALA A 95 -2.48 -8.41 4.75
CA ALA A 95 -1.48 -7.36 4.77
C ALA A 95 -0.12 -7.93 5.20
N SER A 96 0.94 -7.40 4.62
CA SER A 96 2.29 -7.85 4.95
C SER A 96 2.82 -7.10 6.16
N ALA A 97 2.26 -5.92 6.41
CA ALA A 97 2.69 -5.11 7.55
C ALA A 97 1.74 -3.93 7.75
N ILE A 98 1.81 -3.31 8.93
CA ILE A 98 0.94 -2.18 9.22
C ILE A 98 1.70 -1.09 9.98
N LEU A 99 1.62 0.14 9.49
CA LEU A 99 2.29 1.26 10.14
C LEU A 99 1.27 2.15 10.84
N SER A 100 1.48 2.38 12.14
CA SER A 100 0.58 3.21 12.92
C SER A 100 0.71 4.69 12.55
N LYS A 101 1.58 5.39 13.25
CA LYS A 101 1.78 6.81 13.00
C LYS A 101 3.26 7.18 12.85
N PRO A 102 4.15 6.51 13.54
CA PRO A 102 5.61 6.81 13.48
C PRO A 102 6.13 6.80 12.04
N LEU A 103 7.17 7.59 11.80
CA LEU A 103 7.75 7.68 10.47
C LEU A 103 8.19 6.30 9.98
N ASP A 104 8.97 5.61 10.80
CA ASP A 104 9.44 4.27 10.45
C ASP A 104 9.86 4.21 8.98
N PRO A 105 10.77 5.06 8.57
CA PRO A 105 11.26 5.09 7.17
C PRO A 105 12.33 4.03 6.90
N GLN A 106 13.07 3.67 7.95
CA GLN A 106 14.12 2.66 7.82
C GLN A 106 13.48 1.29 7.68
N LEU A 107 12.39 1.08 8.41
CA LEU A 107 11.69 -0.20 8.35
C LEU A 107 11.06 -0.37 6.98
N LEU A 108 10.50 0.71 6.45
CA LEU A 108 9.88 0.67 5.14
C LEU A 108 10.86 0.15 4.10
N LEU A 109 12.08 0.70 4.12
CA LEU A 109 13.11 0.27 3.20
C LEU A 109 13.49 -1.18 3.44
N THR A 110 13.64 -1.53 4.71
CA THR A 110 13.98 -2.90 5.09
C THR A 110 12.90 -3.86 4.64
N THR A 111 11.64 -3.43 4.75
CA THR A 111 10.52 -4.27 4.37
C THR A 111 10.58 -4.63 2.88
N LEU A 112 10.92 -3.66 2.05
CA LEU A 112 11.00 -3.91 0.61
C LEU A 112 12.10 -4.93 0.32
N GLN A 113 13.20 -4.83 1.05
CA GLN A 113 14.33 -5.74 0.86
C GLN A 113 13.93 -7.17 1.23
N GLY A 114 13.07 -7.30 2.23
CA GLY A 114 12.63 -8.61 2.68
C GLY A 114 11.91 -9.37 1.56
N LEU A 115 11.84 -8.76 0.39
CA LEU A 115 11.19 -9.39 -0.75
C LEU A 115 12.14 -10.36 -1.45
N CYS A 116 13.43 -10.23 -1.16
CA CYS A 116 14.43 -11.10 -1.76
C CYS A 116 14.41 -10.96 -3.28
N PRO A 117 14.78 -9.80 -3.77
CA PRO A 117 14.82 -9.55 -5.23
C PRO A 117 15.97 -10.31 -5.88
N PRO A 118 15.68 -11.24 -6.76
CA PRO A 118 16.71 -12.04 -7.45
C PRO A 118 17.22 -11.38 -8.73
N ASN A 119 16.38 -11.40 -9.77
CA ASN A 119 16.76 -10.79 -11.04
C ASN A 119 15.52 -10.31 -11.79
#